data_7QUA
# 
_entry.id   7QUA 
# 
_audit_conform.dict_name       mmcif_pdbx.dic 
_audit_conform.dict_version    5.385 
_audit_conform.dict_location   http://mmcif.pdb.org/dictionaries/ascii/mmcif_pdbx.dic 
# 
loop_
_database_2.database_id 
_database_2.database_code 
_database_2.pdbx_database_accession 
_database_2.pdbx_DOI 
PDB   7QUA         pdb_00007qua 10.2210/pdb7qua/pdb 
WWPDB D_1292119280 ?            ?                   
# 
loop_
_pdbx_audit_revision_history.ordinal 
_pdbx_audit_revision_history.data_content_type 
_pdbx_audit_revision_history.major_revision 
_pdbx_audit_revision_history.minor_revision 
_pdbx_audit_revision_history.revision_date 
1 'Structure model' 1 0 2023-01-25 
2 'Structure model' 1 1 2023-08-23 
3 'Structure model' 1 2 2023-11-29 
4 'Structure model' 1 3 2024-02-07 
# 
_pdbx_audit_revision_details.ordinal             1 
_pdbx_audit_revision_details.revision_ordinal    1 
_pdbx_audit_revision_details.data_content_type   'Structure model' 
_pdbx_audit_revision_details.provider            repository 
_pdbx_audit_revision_details.type                'Initial release' 
_pdbx_audit_revision_details.description         ? 
_pdbx_audit_revision_details.details             ? 
# 
loop_
_pdbx_audit_revision_group.ordinal 
_pdbx_audit_revision_group.revision_ordinal 
_pdbx_audit_revision_group.data_content_type 
_pdbx_audit_revision_group.group 
1 2 'Structure model' 'Data collection'        
2 2 'Structure model' 'Database references'    
3 3 'Structure model' 'Database references'    
4 4 'Structure model' 'Refinement description' 
# 
loop_
_pdbx_audit_revision_category.ordinal 
_pdbx_audit_revision_category.revision_ordinal 
_pdbx_audit_revision_category.data_content_type 
_pdbx_audit_revision_category.category 
1 2 'Structure model' chem_comp_atom                
2 2 'Structure model' chem_comp_bond                
3 2 'Structure model' citation                      
4 2 'Structure model' citation_author               
5 3 'Structure model' pdbx_database_related         
6 4 'Structure model' pdbx_initial_refinement_model 
# 
loop_
_pdbx_audit_revision_item.ordinal 
_pdbx_audit_revision_item.revision_ordinal 
_pdbx_audit_revision_item.data_content_type 
_pdbx_audit_revision_item.item 
1  2 'Structure model' '_citation.country'                 
2  2 'Structure model' '_citation.journal_abbrev'          
3  2 'Structure model' '_citation.journal_id_ASTM'         
4  2 'Structure model' '_citation.journal_id_CSD'          
5  2 'Structure model' '_citation.journal_id_ISSN'         
6  2 'Structure model' '_citation.journal_volume'          
7  2 'Structure model' '_citation.page_first'              
8  2 'Structure model' '_citation.page_last'               
9  2 'Structure model' '_citation.pdbx_database_id_DOI'    
10 2 'Structure model' '_citation.pdbx_database_id_PubMed' 
11 2 'Structure model' '_citation.title'                   
12 2 'Structure model' '_citation.year'                    
13 2 'Structure model' '_citation_author.identifier_ORCID' 
14 3 'Structure model' '_pdbx_database_related.db_name'    
# 
_pdbx_database_status.status_code                     REL 
_pdbx_database_status.status_code_sf                  REL 
_pdbx_database_status.status_code_mr                  ? 
_pdbx_database_status.entry_id                        7QUA 
_pdbx_database_status.recvd_initial_deposition_date   2022-01-17 
_pdbx_database_status.SG_entry                        N 
_pdbx_database_status.deposit_site                    PDBE 
_pdbx_database_status.process_site                    PDBE 
_pdbx_database_status.status_code_cs                  ? 
_pdbx_database_status.status_code_nmr_data            ? 
_pdbx_database_status.methods_development_category    ? 
_pdbx_database_status.pdb_format_compatible           Y 
# 
loop_
_pdbx_database_related.db_name 
_pdbx_database_related.details 
_pdbx_database_related.db_id 
_pdbx_database_related.content_type 
PDB 'another RNA containing XAN base' 7QSH unspecified 
PDB 'another RNA containing XAN base' 7QTN unspecified 
# 
_pdbx_contact_author.id                 2 
_pdbx_contact_author.email              e.ennifar@unistra.fr 
_pdbx_contact_author.name_first         Eric 
_pdbx_contact_author.name_last          Ennifar 
_pdbx_contact_author.name_mi            ? 
_pdbx_contact_author.role               'principal investigator/group leader' 
_pdbx_contact_author.identifier_ORCID   0000-0002-5076-846X 
# 
loop_
_audit_author.name 
_audit_author.pdbx_ordinal 
_audit_author.identifier_ORCID 
'Ennifar, E.' 1 ? 
'Micura, R.'  2 ? 
# 
_citation.abstract                  ? 
_citation.abstract_id_CAS           ? 
_citation.book_id_ISBN              ? 
_citation.book_publisher            ? 
_citation.book_publisher_city       ? 
_citation.book_title                ? 
_citation.coordinate_linkage        ? 
_citation.country                   UK 
_citation.database_id_Medline       ? 
_citation.details                   ? 
_citation.id                        primary 
_citation.journal_abbrev            'Nucleic Acids Res.' 
_citation.journal_id_ASTM           NARHAD 
_citation.journal_id_CSD            0389 
_citation.journal_id_ISSN           1362-4962 
_citation.journal_full              ? 
_citation.journal_issue             ? 
_citation.journal_volume            50 
_citation.language                  ? 
_citation.page_first                6038 
_citation.page_last                 6051 
_citation.title                     
'Towards a comprehensive understanding of RNA deamination: synthesis and properties of xanthosine-modified RNA.' 
_citation.year                      2022 
_citation.database_id_CSD           ? 
_citation.pdbx_database_id_DOI      10.1093/nar/gkac477 
_citation.pdbx_database_id_PubMed   35687141 
_citation.pdbx_database_id_patent   ? 
_citation.unpublished_flag          ? 
# 
loop_
_citation_author.citation_id 
_citation_author.name 
_citation_author.ordinal 
_citation_author.identifier_ORCID 
primary 'Mair, S.'     1 ?                   
primary 'Erharter, K.' 2 ?                   
primary 'Renard, E.'   3 ?                   
primary 'Brillet, K.'  4 ?                   
primary 'Brunner, M.'  5 ?                   
primary 'Lusser, A.'   6 0000-0002-2226-9081 
primary 'Kreutz, C.'   7 0000-0002-7018-9326 
primary 'Ennifar, E.'  8 ?                   
primary 'Micura, R.'   9 0000-0003-2661-6105 
# 
loop_
_entity.id 
_entity.type 
_entity.src_method 
_entity.pdbx_description 
_entity.formula_weight 
_entity.pdbx_number_of_molecules 
_entity.pdbx_ec 
_entity.pdbx_mutation 
_entity.pdbx_fragment 
_entity.details 
1 polymer     syn 
;RNA (5'-R(*CP*GP*CP*GP*(XAN)P*AP*UP*UP*AP*GP*CP*G)-3')
;
3869.352 1   ? ? ? ? 
2 non-polymer syn 'SODIUM ION'                                             22.990   2   ? ? ? ? 
3 non-polymer syn 'MAGNESIUM ION'                                          24.305   2   ? ? ? ? 
4 water       nat water                                                    18.015   108 ? ? ? ? 
# 
_entity_poly.entity_id                      1 
_entity_poly.type                           polyribonucleotide 
_entity_poly.nstd_linkage                   no 
_entity_poly.nstd_monomer                   yes 
_entity_poly.pdbx_seq_one_letter_code       'CGCG(XMP)AUUAGCG' 
_entity_poly.pdbx_seq_one_letter_code_can   CGCGXAUUAGCG 
_entity_poly.pdbx_strand_id                 A 
_entity_poly.pdbx_target_identifier         ? 
# 
loop_
_pdbx_entity_nonpoly.entity_id 
_pdbx_entity_nonpoly.name 
_pdbx_entity_nonpoly.comp_id 
2 'SODIUM ION'    NA  
3 'MAGNESIUM ION' MG  
4 water           HOH 
# 
loop_
_entity_poly_seq.entity_id 
_entity_poly_seq.num 
_entity_poly_seq.mon_id 
_entity_poly_seq.hetero 
1 1  C   n 
1 2  G   n 
1 3  C   n 
1 4  G   n 
1 5  XMP n 
1 6  A   n 
1 7  U   n 
1 8  U   n 
1 9  A   n 
1 10 G   n 
1 11 C   n 
1 12 G   n 
# 
_pdbx_entity_src_syn.entity_id              1 
_pdbx_entity_src_syn.pdbx_src_id            1 
_pdbx_entity_src_syn.pdbx_alt_source_flag   sample 
_pdbx_entity_src_syn.pdbx_beg_seq_num       1 
_pdbx_entity_src_syn.pdbx_end_seq_num       12 
_pdbx_entity_src_syn.organism_scientific    'synthetic construct' 
_pdbx_entity_src_syn.organism_common_name   ? 
_pdbx_entity_src_syn.ncbi_taxonomy_id       32630 
_pdbx_entity_src_syn.details                ? 
# 
loop_
_chem_comp.id 
_chem_comp.type 
_chem_comp.mon_nstd_flag 
_chem_comp.name 
_chem_comp.pdbx_synonyms 
_chem_comp.formula 
_chem_comp.formula_weight 
A   'RNA linking' y "ADENOSINE-5'-MONOPHOSPHATE"  ?                                                 'C10 H14 N5 O7 P'   347.221 
C   'RNA linking' y "CYTIDINE-5'-MONOPHOSPHATE"   ?                                                 'C9 H14 N3 O8 P'    323.197 
G   'RNA linking' y "GUANOSINE-5'-MONOPHOSPHATE"  ?                                                 'C10 H14 N5 O8 P'   363.221 
HOH non-polymer   . WATER                         ?                                                 'H2 O'              18.015  
MG  non-polymer   . 'MAGNESIUM ION'               ?                                                 'Mg 2'              24.305  
NA  non-polymer   . 'SODIUM ION'                  ?                                                 'Na 1'              22.990  
U   'RNA linking' y "URIDINE-5'-MONOPHOSPHATE"    ?                                                 'C9 H13 N2 O9 P'    324.181 
XMP non-polymer   . "XANTHOSINE-5'-MONOPHOSPHATE" '5-MONOPHOSPHATE-9-BETA-D-RIBOFURANOSYL XANTHINE' 'C10 H14 N4 O9 P 1' 365.213 
# 
loop_
_pdbx_poly_seq_scheme.asym_id 
_pdbx_poly_seq_scheme.entity_id 
_pdbx_poly_seq_scheme.seq_id 
_pdbx_poly_seq_scheme.mon_id 
_pdbx_poly_seq_scheme.ndb_seq_num 
_pdbx_poly_seq_scheme.pdb_seq_num 
_pdbx_poly_seq_scheme.auth_seq_num 
_pdbx_poly_seq_scheme.pdb_mon_id 
_pdbx_poly_seq_scheme.auth_mon_id 
_pdbx_poly_seq_scheme.pdb_strand_id 
_pdbx_poly_seq_scheme.pdb_ins_code 
_pdbx_poly_seq_scheme.hetero 
A 1 1  C   1  1001 1001 C   C   A . n 
A 1 2  G   2  1002 1002 G   G   A . n 
A 1 3  C   3  1003 1003 C   C   A . n 
A 1 4  G   4  1004 1004 G   G   A . n 
A 1 5  XMP 5  1005 1005 XMP XAN A . n 
A 1 6  A   6  1006 1006 A   A   A . n 
A 1 7  U   7  1007 1007 U   U   A . n 
A 1 8  U   8  1008 1008 U   U   A . n 
A 1 9  A   9  1009 1009 A   A   A . n 
A 1 10 G   10 1010 1010 G   G   A . n 
A 1 11 C   11 1011 1011 C   C   A . n 
A 1 12 G   12 1012 1012 G   G   A . n 
# 
loop_
_pdbx_nonpoly_scheme.asym_id 
_pdbx_nonpoly_scheme.entity_id 
_pdbx_nonpoly_scheme.mon_id 
_pdbx_nonpoly_scheme.ndb_seq_num 
_pdbx_nonpoly_scheme.pdb_seq_num 
_pdbx_nonpoly_scheme.auth_seq_num 
_pdbx_nonpoly_scheme.pdb_mon_id 
_pdbx_nonpoly_scheme.auth_mon_id 
_pdbx_nonpoly_scheme.pdb_strand_id 
_pdbx_nonpoly_scheme.pdb_ins_code 
B 2 NA  1   1101 1   NA  NA  A . 
C 2 NA  1   1102 2   NA  NA  A . 
D 3 MG  1   1103 1   MG  MG  A . 
E 3 MG  1   1104 2   MG  MG  A . 
F 4 HOH 1   1201 65  HOH HOH A . 
F 4 HOH 2   1202 43  HOH HOH A . 
F 4 HOH 3   1203 103 HOH HOH A . 
F 4 HOH 4   1204 68  HOH HOH A . 
F 4 HOH 5   1205 49  HOH HOH A . 
F 4 HOH 6   1206 45  HOH HOH A . 
F 4 HOH 7   1207 23  HOH HOH A . 
F 4 HOH 8   1208 50  HOH HOH A . 
F 4 HOH 9   1209 66  HOH HOH A . 
F 4 HOH 10  1210 85  HOH HOH A . 
F 4 HOH 11  1211 64  HOH HOH A . 
F 4 HOH 12  1212 26  HOH HOH A . 
F 4 HOH 13  1213 105 HOH HOH A . 
F 4 HOH 14  1214 76  HOH HOH A . 
F 4 HOH 15  1215 100 HOH HOH A . 
F 4 HOH 16  1216 22  HOH HOH A . 
F 4 HOH 17  1217 5   HOH HOH A . 
F 4 HOH 18  1218 89  HOH HOH A . 
F 4 HOH 19  1219 2   HOH HOH A . 
F 4 HOH 20  1220 31  HOH HOH A . 
F 4 HOH 21  1221 6   HOH HOH A . 
F 4 HOH 22  1222 11  HOH HOH A . 
F 4 HOH 23  1223 93  HOH HOH A . 
F 4 HOH 24  1224 35  HOH HOH A . 
F 4 HOH 25  1225 9   HOH HOH A . 
F 4 HOH 26  1226 3   HOH HOH A . 
F 4 HOH 27  1227 58  HOH HOH A . 
F 4 HOH 28  1228 36  HOH HOH A . 
F 4 HOH 29  1229 15  HOH HOH A . 
F 4 HOH 30  1230 14  HOH HOH A . 
F 4 HOH 31  1231 57  HOH HOH A . 
F 4 HOH 32  1232 38  HOH HOH A . 
F 4 HOH 33  1233 10  HOH HOH A . 
F 4 HOH 34  1234 90  HOH HOH A . 
F 4 HOH 35  1235 13  HOH HOH A . 
F 4 HOH 36  1236 40  HOH HOH A . 
F 4 HOH 37  1237 52  HOH HOH A . 
F 4 HOH 38  1238 83  HOH HOH A . 
F 4 HOH 39  1239 30  HOH HOH A . 
F 4 HOH 40  1240 25  HOH HOH A . 
F 4 HOH 41  1241 56  HOH HOH A . 
F 4 HOH 42  1242 20  HOH HOH A . 
F 4 HOH 43  1243 101 HOH HOH A . 
F 4 HOH 44  1244 118 HOH HOH A . 
F 4 HOH 45  1245 21  HOH HOH A . 
F 4 HOH 46  1246 99  HOH HOH A . 
F 4 HOH 47  1247 69  HOH HOH A . 
F 4 HOH 48  1248 47  HOH HOH A . 
F 4 HOH 49  1249 32  HOH HOH A . 
F 4 HOH 50  1250 94  HOH HOH A . 
F 4 HOH 51  1251 24  HOH HOH A . 
F 4 HOH 52  1252 41  HOH HOH A . 
F 4 HOH 53  1253 8   HOH HOH A . 
F 4 HOH 54  1254 51  HOH HOH A . 
F 4 HOH 55  1255 97  HOH HOH A . 
F 4 HOH 56  1256 42  HOH HOH A . 
F 4 HOH 57  1257 27  HOH HOH A . 
F 4 HOH 58  1258 87  HOH HOH A . 
F 4 HOH 59  1259 55  HOH HOH A . 
F 4 HOH 60  1260 17  HOH HOH A . 
F 4 HOH 61  1261 48  HOH HOH A . 
F 4 HOH 62  1262 19  HOH HOH A . 
F 4 HOH 63  1263 61  HOH HOH A . 
F 4 HOH 64  1264 7   HOH HOH A . 
F 4 HOH 65  1265 78  HOH HOH A . 
F 4 HOH 66  1266 81  HOH HOH A . 
F 4 HOH 67  1267 54  HOH HOH A . 
F 4 HOH 68  1268 28  HOH HOH A . 
F 4 HOH 69  1269 37  HOH HOH A . 
F 4 HOH 70  1270 34  HOH HOH A . 
F 4 HOH 71  1271 91  HOH HOH A . 
F 4 HOH 72  1272 84  HOH HOH A . 
F 4 HOH 73  1273 33  HOH HOH A . 
F 4 HOH 74  1274 18  HOH HOH A . 
F 4 HOH 75  1275 71  HOH HOH A . 
F 4 HOH 76  1276 104 HOH HOH A . 
F 4 HOH 77  1277 59  HOH HOH A . 
F 4 HOH 78  1278 29  HOH HOH A . 
F 4 HOH 79  1279 44  HOH HOH A . 
F 4 HOH 80  1280 62  HOH HOH A . 
F 4 HOH 81  1281 63  HOH HOH A . 
F 4 HOH 82  1282 107 HOH HOH A . 
F 4 HOH 83  1283 88  HOH HOH A . 
F 4 HOH 84  1284 16  HOH HOH A . 
F 4 HOH 85  1285 112 HOH HOH A . 
F 4 HOH 86  1286 79  HOH HOH A . 
F 4 HOH 87  1287 46  HOH HOH A . 
F 4 HOH 88  1288 39  HOH HOH A . 
F 4 HOH 89  1289 60  HOH HOH A . 
F 4 HOH 90  1290 95  HOH HOH A . 
F 4 HOH 91  1291 102 HOH HOH A . 
F 4 HOH 92  1292 74  HOH HOH A . 
F 4 HOH 93  1293 72  HOH HOH A . 
F 4 HOH 94  1294 117 HOH HOH A . 
F 4 HOH 95  1295 115 HOH HOH A . 
F 4 HOH 96  1296 82  HOH HOH A . 
F 4 HOH 97  1297 113 HOH HOH A . 
F 4 HOH 98  1298 80  HOH HOH A . 
F 4 HOH 99  1299 70  HOH HOH A . 
F 4 HOH 100 1300 67  HOH HOH A . 
F 4 HOH 101 1301 73  HOH HOH A . 
F 4 HOH 102 1302 106 HOH HOH A . 
F 4 HOH 103 1303 111 HOH HOH A . 
F 4 HOH 104 1304 109 HOH HOH A . 
F 4 HOH 105 1305 98  HOH HOH A . 
F 4 HOH 106 1306 116 HOH HOH A . 
F 4 HOH 107 1307 114 HOH HOH A . 
F 4 HOH 108 1308 96  HOH HOH A . 
# 
loop_
_software.citation_id 
_software.classification 
_software.compiler_name 
_software.compiler_version 
_software.contact_author 
_software.contact_author_email 
_software.date 
_software.description 
_software.dependencies 
_software.hardware 
_software.language 
_software.location 
_software.mods 
_software.name 
_software.os 
_software.os_version 
_software.type 
_software.version 
_software.pdbx_ordinal 
? refinement       ? ? ? ? ? ? ? ? ? ? ? PHENIX ? ? ? 1.19_4092 1 
? refinement       ? ? ? ? ? ? ? ? ? ? ? PHENIX ? ? ? 1.19_4092 2 
? 'data reduction' ? ? ? ? ? ? ? ? ? ? ? XDS    ? ? ? .         3 
? 'data scaling'   ? ? ? ? ? ? ? ? ? ? ? XSCALE ? ? ? .         4 
? phasing          ? ? ? ? ? ? ? ? ? ? ? MOLREP ? ? ? .         5 
# 
_cell.angle_alpha                  90.000 
_cell.angle_alpha_esd              ? 
_cell.angle_beta                   129.052 
_cell.angle_beta_esd               ? 
_cell.angle_gamma                  90.000 
_cell.angle_gamma_esd              ? 
_cell.entry_id                     7QUA 
_cell.details                      ? 
_cell.formula_units_Z              ? 
_cell.length_a                     41.070 
_cell.length_a_esd                 ? 
_cell.length_b                     35.150 
_cell.length_b_esd                 ? 
_cell.length_c                     31.930 
_cell.length_c_esd                 ? 
_cell.volume                       35795.800 
_cell.volume_esd                   ? 
_cell.Z_PDB                        4 
_cell.reciprocal_angle_alpha       ? 
_cell.reciprocal_angle_beta        ? 
_cell.reciprocal_angle_gamma       ? 
_cell.reciprocal_angle_alpha_esd   ? 
_cell.reciprocal_angle_beta_esd    ? 
_cell.reciprocal_angle_gamma_esd   ? 
_cell.reciprocal_length_a          ? 
_cell.reciprocal_length_b          ? 
_cell.reciprocal_length_c          ? 
_cell.reciprocal_length_a_esd      ? 
_cell.reciprocal_length_b_esd      ? 
_cell.reciprocal_length_c_esd      ? 
_cell.pdbx_unique_axis             ? 
# 
_symmetry.entry_id                         7QUA 
_symmetry.cell_setting                     ? 
_symmetry.Int_Tables_number                5 
_symmetry.space_group_name_Hall            'C 2y' 
_symmetry.space_group_name_H-M             'C 1 2 1' 
_symmetry.pdbx_full_space_group_name_H-M   ? 
# 
_exptl.absorpt_coefficient_mu     ? 
_exptl.absorpt_correction_T_max   ? 
_exptl.absorpt_correction_T_min   ? 
_exptl.absorpt_correction_type    ? 
_exptl.absorpt_process_details    ? 
_exptl.entry_id                   7QUA 
_exptl.crystals_number            1 
_exptl.details                    ? 
_exptl.method                     'X-RAY DIFFRACTION' 
_exptl.method_details             ? 
# 
_exptl_crystal.colour                      ? 
_exptl_crystal.density_diffrn              ? 
_exptl_crystal.density_Matthews            2.31 
_exptl_crystal.density_method              ? 
_exptl_crystal.density_percent_sol         46.82 
_exptl_crystal.description                 ? 
_exptl_crystal.F_000                       ? 
_exptl_crystal.id                          1 
_exptl_crystal.preparation                 ? 
_exptl_crystal.size_max                    ? 
_exptl_crystal.size_mid                    ? 
_exptl_crystal.size_min                    ? 
_exptl_crystal.size_rad                    ? 
_exptl_crystal.colour_lustre               ? 
_exptl_crystal.colour_modifier             ? 
_exptl_crystal.colour_primary              ? 
_exptl_crystal.density_meas                ? 
_exptl_crystal.density_meas_esd            ? 
_exptl_crystal.density_meas_gt             ? 
_exptl_crystal.density_meas_lt             ? 
_exptl_crystal.density_meas_temp           ? 
_exptl_crystal.density_meas_temp_esd       ? 
_exptl_crystal.density_meas_temp_gt        ? 
_exptl_crystal.density_meas_temp_lt        ? 
_exptl_crystal.pdbx_crystal_image_url      ? 
_exptl_crystal.pdbx_crystal_image_format   ? 
_exptl_crystal.pdbx_mosaicity              ? 
_exptl_crystal.pdbx_mosaicity_esd          ? 
# 
_exptl_crystal_grow.apparatus       ? 
_exptl_crystal_grow.atmosphere      ? 
_exptl_crystal_grow.crystal_id      1 
_exptl_crystal_grow.details         ? 
_exptl_crystal_grow.method          'VAPOR DIFFUSION, SITTING DROP' 
_exptl_crystal_grow.method_ref      ? 
_exptl_crystal_grow.pH              ? 
_exptl_crystal_grow.pressure        ? 
_exptl_crystal_grow.pressure_esd    ? 
_exptl_crystal_grow.seeding         ? 
_exptl_crystal_grow.seeding_ref     ? 
_exptl_crystal_grow.temp            293 
_exptl_crystal_grow.temp_details    ? 
_exptl_crystal_grow.temp_esd        ? 
_exptl_crystal_grow.time            ? 
_exptl_crystal_grow.pdbx_details    'Na cacodylate pH7.0, MPD, spermine, NaCl, MgCl2' 
_exptl_crystal_grow.pdbx_pH_range   ? 
# 
_diffrn.ambient_environment              ? 
_diffrn.ambient_temp                     100 
_diffrn.ambient_temp_details             ? 
_diffrn.ambient_temp_esd                 ? 
_diffrn.crystal_id                       1 
_diffrn.crystal_support                  ? 
_diffrn.crystal_treatment                ? 
_diffrn.details                          ? 
_diffrn.id                               1 
_diffrn.ambient_pressure                 ? 
_diffrn.ambient_pressure_esd             ? 
_diffrn.ambient_pressure_gt              ? 
_diffrn.ambient_pressure_lt              ? 
_diffrn.ambient_temp_gt                  ? 
_diffrn.ambient_temp_lt                  ? 
_diffrn.pdbx_serial_crystal_experiment   N 
# 
_diffrn_detector.details                      ? 
_diffrn_detector.detector                     PIXEL 
_diffrn_detector.diffrn_id                    1 
_diffrn_detector.type                         'DECTRIS PILATUS 2M' 
_diffrn_detector.area_resol_mean              ? 
_diffrn_detector.dtime                        ? 
_diffrn_detector.pdbx_frames_total            ? 
_diffrn_detector.pdbx_collection_time_total   ? 
_diffrn_detector.pdbx_collection_date         2021-06-18 
_diffrn_detector.pdbx_frequency               ? 
# 
_diffrn_radiation.collimation                      ? 
_diffrn_radiation.diffrn_id                        1 
_diffrn_radiation.filter_edge                      ? 
_diffrn_radiation.inhomogeneity                    ? 
_diffrn_radiation.monochromator                    ? 
_diffrn_radiation.polarisn_norm                    ? 
_diffrn_radiation.polarisn_ratio                   ? 
_diffrn_radiation.probe                            ? 
_diffrn_radiation.type                             ? 
_diffrn_radiation.xray_symbol                      ? 
_diffrn_radiation.wavelength_id                    1 
_diffrn_radiation.pdbx_monochromatic_or_laue_m_l   M 
_diffrn_radiation.pdbx_wavelength_list             ? 
_diffrn_radiation.pdbx_wavelength                  ? 
_diffrn_radiation.pdbx_diffrn_protocol             'SINGLE WAVELENGTH' 
_diffrn_radiation.pdbx_analyzer                    ? 
_diffrn_radiation.pdbx_scattering_type             x-ray 
# 
_diffrn_radiation_wavelength.id           1 
_diffrn_radiation_wavelength.wavelength   0.9 
_diffrn_radiation_wavelength.wt           1.0 
# 
_diffrn_source.current                     ? 
_diffrn_source.details                     ? 
_diffrn_source.diffrn_id                   1 
_diffrn_source.power                       ? 
_diffrn_source.size                        ? 
_diffrn_source.source                      SYNCHROTRON 
_diffrn_source.target                      ? 
_diffrn_source.type                        'SLS BEAMLINE X06DA' 
_diffrn_source.voltage                     ? 
_diffrn_source.take-off_angle              ? 
_diffrn_source.pdbx_wavelength_list        0.9 
_diffrn_source.pdbx_wavelength             ? 
_diffrn_source.pdbx_synchrotron_beamline   X06DA 
_diffrn_source.pdbx_synchrotron_site       SLS 
# 
_reflns.B_iso_Wilson_estimate                          9.34 
_reflns.entry_id                                       7QUA 
_reflns.data_reduction_details                         ? 
_reflns.data_reduction_method                          ? 
_reflns.d_resolution_high                              0.96 
_reflns.d_resolution_low                               50 
_reflns.details                                        ? 
_reflns.limit_h_max                                    ? 
_reflns.limit_h_min                                    ? 
_reflns.limit_k_max                                    ? 
_reflns.limit_k_min                                    ? 
_reflns.limit_l_max                                    ? 
_reflns.limit_l_min                                    ? 
_reflns.number_all                                     ? 
_reflns.number_obs                                     220228 
_reflns.observed_criterion                             ? 
_reflns.observed_criterion_F_max                       ? 
_reflns.observed_criterion_F_min                       ? 
_reflns.observed_criterion_I_max                       ? 
_reflns.observed_criterion_I_min                       ? 
_reflns.observed_criterion_sigma_F                     ? 
_reflns.observed_criterion_sigma_I                     ? 
_reflns.percent_possible_obs                           90 
_reflns.R_free_details                                 ? 
_reflns.Rmerge_F_all                                   ? 
_reflns.Rmerge_F_obs                                   ? 
_reflns.Friedel_coverage                               ? 
_reflns.number_gt                                      ? 
_reflns.threshold_expression                           ? 
_reflns.pdbx_redundancy                                11.2 
_reflns.pdbx_Rmerge_I_obs                              ? 
_reflns.pdbx_Rmerge_I_all                              ? 
_reflns.pdbx_Rsym_value                                ? 
_reflns.pdbx_netI_over_av_sigmaI                       ? 
_reflns.pdbx_netI_over_sigmaI                          18.9 
_reflns.pdbx_res_netI_over_av_sigmaI_2                 ? 
_reflns.pdbx_res_netI_over_sigmaI_2                    ? 
_reflns.pdbx_chi_squared                               ? 
_reflns.pdbx_scaling_rejects                           ? 
_reflns.pdbx_d_res_high_opt                            ? 
_reflns.pdbx_d_res_low_opt                             ? 
_reflns.pdbx_d_res_opt_method                          ? 
_reflns.phase_calculation_details                      ? 
_reflns.pdbx_Rrim_I_all                                ? 
_reflns.pdbx_Rpim_I_all                                ? 
_reflns.pdbx_d_opt                                     ? 
_reflns.pdbx_number_measured_all                       ? 
_reflns.pdbx_diffrn_id                                 1 
_reflns.pdbx_ordinal                                   1 
_reflns.pdbx_CC_half                                   1 
_reflns.pdbx_CC_star                                   ? 
_reflns.pdbx_R_split                                   ? 
_reflns.pdbx_aniso_diffraction_limit_axis_1_ortho[1]   ? 
_reflns.pdbx_aniso_diffraction_limit_axis_1_ortho[2]   ? 
_reflns.pdbx_aniso_diffraction_limit_axis_1_ortho[3]   ? 
_reflns.pdbx_aniso_diffraction_limit_axis_2_ortho[1]   ? 
_reflns.pdbx_aniso_diffraction_limit_axis_2_ortho[2]   ? 
_reflns.pdbx_aniso_diffraction_limit_axis_2_ortho[3]   ? 
_reflns.pdbx_aniso_diffraction_limit_axis_3_ortho[1]   ? 
_reflns.pdbx_aniso_diffraction_limit_axis_3_ortho[2]   ? 
_reflns.pdbx_aniso_diffraction_limit_axis_3_ortho[3]   ? 
_reflns.pdbx_aniso_diffraction_limit_1                 ? 
_reflns.pdbx_aniso_diffraction_limit_2                 ? 
_reflns.pdbx_aniso_diffraction_limit_3                 ? 
_reflns.pdbx_aniso_B_tensor_eigenvector_1_ortho[1]     ? 
_reflns.pdbx_aniso_B_tensor_eigenvector_1_ortho[2]     ? 
_reflns.pdbx_aniso_B_tensor_eigenvector_1_ortho[3]     ? 
_reflns.pdbx_aniso_B_tensor_eigenvector_2_ortho[1]     ? 
_reflns.pdbx_aniso_B_tensor_eigenvector_2_ortho[2]     ? 
_reflns.pdbx_aniso_B_tensor_eigenvector_2_ortho[3]     ? 
_reflns.pdbx_aniso_B_tensor_eigenvector_3_ortho[1]     ? 
_reflns.pdbx_aniso_B_tensor_eigenvector_3_ortho[2]     ? 
_reflns.pdbx_aniso_B_tensor_eigenvector_3_ortho[3]     ? 
_reflns.pdbx_aniso_B_tensor_eigenvalue_1               ? 
_reflns.pdbx_aniso_B_tensor_eigenvalue_2               ? 
_reflns.pdbx_aniso_B_tensor_eigenvalue_3               ? 
_reflns.pdbx_orthogonalization_convention              ? 
_reflns.pdbx_percent_possible_ellipsoidal              ? 
_reflns.pdbx_percent_possible_spherical                ? 
_reflns.pdbx_percent_possible_ellipsoidal_anomalous    ? 
_reflns.pdbx_percent_possible_spherical_anomalous      ? 
_reflns.pdbx_redundancy_anomalous                      ? 
_reflns.pdbx_CC_half_anomalous                         ? 
_reflns.pdbx_absDiff_over_sigma_anomalous              ? 
_reflns.pdbx_percent_possible_anomalous                ? 
_reflns.pdbx_observed_signal_threshold                 ? 
_reflns.pdbx_signal_type                               ? 
_reflns.pdbx_signal_details                            ? 
_reflns.pdbx_signal_software_id                        ? 
# 
_reflns_shell.d_res_high                                    0.96 
_reflns_shell.d_res_low                                     0.98 
_reflns_shell.meanI_over_sigI_all                           ? 
_reflns_shell.meanI_over_sigI_obs                           ? 
_reflns_shell.number_measured_all                           ? 
_reflns_shell.number_measured_obs                           ? 
_reflns_shell.number_possible                               ? 
_reflns_shell.number_unique_all                             ? 
_reflns_shell.number_unique_obs                             470 
_reflns_shell.percent_possible_all                          ? 
_reflns_shell.percent_possible_obs                          ? 
_reflns_shell.Rmerge_F_all                                  ? 
_reflns_shell.Rmerge_F_obs                                  ? 
_reflns_shell.Rmerge_I_all                                  ? 
_reflns_shell.Rmerge_I_obs                                  ? 
_reflns_shell.meanI_over_sigI_gt                            ? 
_reflns_shell.meanI_over_uI_all                             ? 
_reflns_shell.meanI_over_uI_gt                              ? 
_reflns_shell.number_measured_gt                            ? 
_reflns_shell.number_unique_gt                              ? 
_reflns_shell.percent_possible_gt                           ? 
_reflns_shell.Rmerge_F_gt                                   ? 
_reflns_shell.Rmerge_I_gt                                   ? 
_reflns_shell.pdbx_redundancy                               ? 
_reflns_shell.pdbx_Rsym_value                               ? 
_reflns_shell.pdbx_chi_squared                              ? 
_reflns_shell.pdbx_netI_over_sigmaI_all                     ? 
_reflns_shell.pdbx_netI_over_sigmaI_obs                     ? 
_reflns_shell.pdbx_Rrim_I_all                               ? 
_reflns_shell.pdbx_Rpim_I_all                               ? 
_reflns_shell.pdbx_rejects                                  ? 
_reflns_shell.pdbx_ordinal                                  1 
_reflns_shell.pdbx_diffrn_id                                1 
_reflns_shell.pdbx_CC_half                                  0.05 
_reflns_shell.pdbx_CC_star                                  ? 
_reflns_shell.pdbx_R_split                                  ? 
_reflns_shell.pdbx_percent_possible_ellipsoidal             ? 
_reflns_shell.pdbx_percent_possible_spherical               ? 
_reflns_shell.pdbx_percent_possible_ellipsoidal_anomalous   ? 
_reflns_shell.pdbx_percent_possible_spherical_anomalous     ? 
_reflns_shell.pdbx_redundancy_anomalous                     ? 
_reflns_shell.pdbx_CC_half_anomalous                        ? 
_reflns_shell.pdbx_absDiff_over_sigma_anomalous             ? 
_reflns_shell.pdbx_percent_possible_anomalous               ? 
# 
_refine.aniso_B[1][1]                            ? 
_refine.aniso_B[1][2]                            ? 
_refine.aniso_B[1][3]                            ? 
_refine.aniso_B[2][2]                            ? 
_refine.aniso_B[2][3]                            ? 
_refine.aniso_B[3][3]                            ? 
_refine.B_iso_max                                ? 
_refine.B_iso_mean                               15.57 
_refine.B_iso_min                                ? 
_refine.correlation_coeff_Fo_to_Fc               ? 
_refine.correlation_coeff_Fo_to_Fc_free          ? 
_refine.details                                  ? 
_refine.diff_density_max                         ? 
_refine.diff_density_max_esd                     ? 
_refine.diff_density_min                         ? 
_refine.diff_density_min_esd                     ? 
_refine.diff_density_rms                         ? 
_refine.diff_density_rms_esd                     ? 
_refine.entry_id                                 7QUA 
_refine.pdbx_refine_id                           'X-RAY DIFFRACTION' 
_refine.ls_abs_structure_details                 ? 
_refine.ls_abs_structure_Flack                   ? 
_refine.ls_abs_structure_Flack_esd               ? 
_refine.ls_abs_structure_Rogers                  ? 
_refine.ls_abs_structure_Rogers_esd              ? 
_refine.ls_d_res_high                            1.00 
_refine.ls_d_res_low                             24.80 
_refine.ls_extinction_coef                       ? 
_refine.ls_extinction_coef_esd                   ? 
_refine.ls_extinction_expression                 ? 
_refine.ls_extinction_method                     ? 
_refine.ls_goodness_of_fit_all                   ? 
_refine.ls_goodness_of_fit_all_esd               ? 
_refine.ls_goodness_of_fit_obs                   ? 
_refine.ls_goodness_of_fit_obs_esd               ? 
_refine.ls_hydrogen_treatment                    ? 
_refine.ls_matrix_type                           ? 
_refine.ls_number_constraints                    ? 
_refine.ls_number_parameters                     ? 
_refine.ls_number_reflns_all                     ? 
_refine.ls_number_reflns_obs                     18656 
_refine.ls_number_reflns_R_free                  934 
_refine.ls_number_reflns_R_work                  17722 
_refine.ls_number_restraints                     ? 
_refine.ls_percent_reflns_obs                    97.44 
_refine.ls_percent_reflns_R_free                 5.01 
_refine.ls_R_factor_all                          ? 
_refine.ls_R_factor_obs                          0.1384 
_refine.ls_R_factor_R_free                       0.1576 
_refine.ls_R_factor_R_free_error                 ? 
_refine.ls_R_factor_R_free_error_details         ? 
_refine.ls_R_factor_R_work                       0.1374 
_refine.ls_R_Fsqd_factor_obs                     ? 
_refine.ls_R_I_factor_obs                        ? 
_refine.ls_redundancy_reflns_all                 ? 
_refine.ls_redundancy_reflns_obs                 ? 
_refine.ls_restrained_S_all                      ? 
_refine.ls_restrained_S_obs                      ? 
_refine.ls_shift_over_esd_max                    ? 
_refine.ls_shift_over_esd_mean                   ? 
_refine.ls_structure_factor_coef                 ? 
_refine.ls_weighting_details                     ? 
_refine.ls_weighting_scheme                      ? 
_refine.ls_wR_factor_all                         ? 
_refine.ls_wR_factor_obs                         ? 
_refine.ls_wR_factor_R_free                      ? 
_refine.ls_wR_factor_R_work                      ? 
_refine.occupancy_max                            ? 
_refine.occupancy_min                            ? 
_refine.solvent_model_details                    'FLAT BULK SOLVENT MODEL' 
_refine.solvent_model_param_bsol                 ? 
_refine.solvent_model_param_ksol                 ? 
_refine.pdbx_R_complete                          ? 
_refine.ls_R_factor_gt                           ? 
_refine.ls_goodness_of_fit_gt                    ? 
_refine.ls_goodness_of_fit_ref                   ? 
_refine.ls_shift_over_su_max                     ? 
_refine.ls_shift_over_su_max_lt                  ? 
_refine.ls_shift_over_su_mean                    ? 
_refine.ls_shift_over_su_mean_lt                 ? 
_refine.pdbx_ls_sigma_I                          ? 
_refine.pdbx_ls_sigma_F                          1.34 
_refine.pdbx_ls_sigma_Fsqd                       ? 
_refine.pdbx_data_cutoff_high_absF               ? 
_refine.pdbx_data_cutoff_high_rms_absF           ? 
_refine.pdbx_data_cutoff_low_absF                ? 
_refine.pdbx_isotropic_thermal_model             ? 
_refine.pdbx_ls_cross_valid_method               'FREE R-VALUE' 
_refine.pdbx_method_to_determine_struct          'MOLECULAR REPLACEMENT' 
_refine.pdbx_starting_model                      2Q1R 
_refine.pdbx_stereochemistry_target_values       'GeoStd + Monomer Library + CDL v1.2' 
_refine.pdbx_R_Free_selection_details            ? 
_refine.pdbx_stereochem_target_val_spec_case     ? 
_refine.pdbx_overall_ESU_R                       ? 
_refine.pdbx_overall_ESU_R_Free                  ? 
_refine.pdbx_solvent_vdw_probe_radii             0.6000 
_refine.pdbx_solvent_ion_probe_radii             ? 
_refine.pdbx_solvent_shrinkage_radii             0.4000 
_refine.pdbx_real_space_R                        ? 
_refine.pdbx_density_correlation                 ? 
_refine.pdbx_pd_number_of_powder_patterns        ? 
_refine.pdbx_pd_number_of_points                 ? 
_refine.pdbx_pd_meas_number_of_points            ? 
_refine.pdbx_pd_proc_ls_prof_R_factor            ? 
_refine.pdbx_pd_proc_ls_prof_wR_factor           ? 
_refine.pdbx_pd_Marquardt_correlation_coeff      ? 
_refine.pdbx_pd_Fsqrd_R_factor                   ? 
_refine.pdbx_pd_ls_matrix_band_width             ? 
_refine.pdbx_overall_phase_error                 19.4338 
_refine.pdbx_overall_SU_R_free_Cruickshank_DPI   ? 
_refine.pdbx_overall_SU_R_free_Blow_DPI          ? 
_refine.pdbx_overall_SU_R_Blow_DPI               ? 
_refine.pdbx_TLS_residual_ADP_flag               ? 
_refine.pdbx_diffrn_id                           1 
_refine.overall_SU_B                             ? 
_refine.overall_SU_ML                            0.1840 
_refine.overall_SU_R_Cruickshank_DPI             ? 
_refine.overall_SU_R_free                        ? 
_refine.overall_FOM_free_R_set                   ? 
_refine.overall_FOM_work_R_set                   ? 
_refine.pdbx_average_fsc_overall                 ? 
_refine.pdbx_average_fsc_work                    ? 
_refine.pdbx_average_fsc_free                    ? 
# 
_refine_hist.pdbx_refine_id                   'X-RAY DIFFRACTION' 
_refine_hist.cycle_id                         LAST 
_refine_hist.details                          ? 
_refine_hist.d_res_high                       1.00 
_refine_hist.d_res_low                        24.80 
_refine_hist.number_atoms_solvent             108 
_refine_hist.number_atoms_total               368 
_refine_hist.number_reflns_all                ? 
_refine_hist.number_reflns_obs                ? 
_refine_hist.number_reflns_R_free             ? 
_refine_hist.number_reflns_R_work             ? 
_refine_hist.R_factor_all                     ? 
_refine_hist.R_factor_obs                     ? 
_refine_hist.R_factor_R_free                  ? 
_refine_hist.R_factor_R_work                  ? 
_refine_hist.pdbx_number_residues_total       ? 
_refine_hist.pdbx_B_iso_mean_ligand           ? 
_refine_hist.pdbx_B_iso_mean_solvent          ? 
_refine_hist.pdbx_number_atoms_protein        0 
_refine_hist.pdbx_number_atoms_nucleic_acid   256 
_refine_hist.pdbx_number_atoms_ligand         4 
_refine_hist.pdbx_number_atoms_lipid          ? 
_refine_hist.pdbx_number_atoms_carb           ? 
_refine_hist.pdbx_pseudo_atom_details         ? 
# 
loop_
_refine_ls_restr.pdbx_refine_id 
_refine_ls_restr.criterion 
_refine_ls_restr.dev_ideal 
_refine_ls_restr.dev_ideal_target 
_refine_ls_restr.number 
_refine_ls_restr.rejects 
_refine_ls_restr.type 
_refine_ls_restr.weight 
_refine_ls_restr.pdbx_restraint_function 
'X-RAY DIFFRACTION' ? 0.0115 ? 305 ? f_bond_d           ? ? 
'X-RAY DIFFRACTION' ? 1.4911 ? 475 ? f_angle_d          ? ? 
'X-RAY DIFFRACTION' ? 0.0444 ? 62  ? f_chiral_restr     ? ? 
'X-RAY DIFFRACTION' ? 0.0377 ? 14  ? f_plane_restr      ? ? 
'X-RAY DIFFRACTION' ? 6.6126 ? 143 ? f_dihedral_angle_d ? ? 
# 
loop_
_refine_ls_shell.pdbx_refine_id 
_refine_ls_shell.d_res_high 
_refine_ls_shell.d_res_low 
_refine_ls_shell.number_reflns_all 
_refine_ls_shell.number_reflns_obs 
_refine_ls_shell.number_reflns_R_free 
_refine_ls_shell.number_reflns_R_work 
_refine_ls_shell.percent_reflns_obs 
_refine_ls_shell.percent_reflns_R_free 
_refine_ls_shell.R_factor_all 
_refine_ls_shell.R_factor_obs 
_refine_ls_shell.R_factor_R_free 
_refine_ls_shell.R_factor_R_free_error 
_refine_ls_shell.R_factor_R_work 
_refine_ls_shell.redundancy_reflns_all 
_refine_ls_shell.redundancy_reflns_obs 
_refine_ls_shell.wR_factor_all 
_refine_ls_shell.wR_factor_obs 
_refine_ls_shell.wR_factor_R_free 
_refine_ls_shell.wR_factor_R_work 
_refine_ls_shell.pdbx_R_complete 
_refine_ls_shell.pdbx_total_number_of_bins_used 
_refine_ls_shell.pdbx_phase_error 
_refine_ls_shell.pdbx_fsc_work 
_refine_ls_shell.pdbx_fsc_free 
'X-RAY DIFFRACTION' 1.00 1.05  . . 112 2120 82.33  . . . 0.5814 . 0.5629 . . . . . . . . . . . 
'X-RAY DIFFRACTION' 1.05 1.12  . . 137 2593 99.89  . . . 0.2886 . 0.2401 . . . . . . . . . . . 
'X-RAY DIFFRACTION' 1.12 1.21  . . 135 2568 100.00 . . . 0.1576 . 0.1428 . . . . . . . . . . . 
'X-RAY DIFFRACTION' 1.21 1.33  . . 137 2600 100.00 . . . 0.1199 . 0.1231 . . . . . . . . . . . 
'X-RAY DIFFRACTION' 1.33 1.52  . . 136 2600 100.00 . . . 0.1500 . 0.1296 . . . . . . . . . . . 
'X-RAY DIFFRACTION' 1.52 1.91  . . 137 2597 99.82  . . . 0.1341 . 0.1209 . . . . . . . . . . . 
'X-RAY DIFFRACTION' 1.91 24.80 . . 140 2644 99.93  . . . 0.1455 . 0.1186 . . . . . . . . . . . 
# 
_struct.entry_id                     7QUA 
_struct.title                        'Duplex RNA containing Xanthosine-Cytosine base pairs' 
_struct.pdbx_model_details           ? 
_struct.pdbx_formula_weight          ? 
_struct.pdbx_formula_weight_method   ? 
_struct.pdbx_model_type_details      ? 
_struct.pdbx_CASP_flag               N 
# 
_struct_keywords.entry_id        7QUA 
_struct_keywords.text            'RNA, modified base' 
_struct_keywords.pdbx_keywords   RNA 
# 
loop_
_struct_asym.id 
_struct_asym.pdbx_blank_PDB_chainid_flag 
_struct_asym.pdbx_modified 
_struct_asym.entity_id 
_struct_asym.details 
A N N 1 ? 
B N N 2 ? 
C N N 2 ? 
D N N 3 ? 
E N N 3 ? 
F N N 4 ? 
# 
_struct_ref.id                         1 
_struct_ref.db_name                    PDB 
_struct_ref.db_code                    7QUA 
_struct_ref.pdbx_db_accession          7QUA 
_struct_ref.pdbx_db_isoform            ? 
_struct_ref.entity_id                  1 
_struct_ref.pdbx_seq_one_letter_code   ? 
_struct_ref.pdbx_align_begin           1 
# 
_struct_ref_seq.align_id                      1 
_struct_ref_seq.ref_id                        1 
_struct_ref_seq.pdbx_PDB_id_code              7QUA 
_struct_ref_seq.pdbx_strand_id                A 
_struct_ref_seq.seq_align_beg                 1 
_struct_ref_seq.pdbx_seq_align_beg_ins_code   ? 
_struct_ref_seq.seq_align_end                 12 
_struct_ref_seq.pdbx_seq_align_end_ins_code   ? 
_struct_ref_seq.pdbx_db_accession             7QUA 
_struct_ref_seq.db_align_beg                  1001 
_struct_ref_seq.pdbx_db_align_beg_ins_code    ? 
_struct_ref_seq.db_align_end                  1012 
_struct_ref_seq.pdbx_db_align_end_ins_code    ? 
_struct_ref_seq.pdbx_auth_seq_align_beg       1001 
_struct_ref_seq.pdbx_auth_seq_align_end       1012 
# 
_pdbx_struct_assembly.id                   1 
_pdbx_struct_assembly.details              author_and_software_defined_assembly 
_pdbx_struct_assembly.method_details       PISA 
_pdbx_struct_assembly.oligomeric_details   dimeric 
_pdbx_struct_assembly.oligomeric_count     2 
# 
loop_
_pdbx_struct_assembly_prop.biol_id 
_pdbx_struct_assembly_prop.type 
_pdbx_struct_assembly_prop.value 
_pdbx_struct_assembly_prop.details 
1 'ABSA (A^2)' 3600 ? 
1 MORE         -69  ? 
1 'SSA (A^2)'  3930 ? 
# 
_pdbx_struct_assembly_gen.assembly_id       1 
_pdbx_struct_assembly_gen.oper_expression   1,2 
_pdbx_struct_assembly_gen.asym_id_list      A,B,C,D,E,F 
# 
_pdbx_struct_assembly_auth_evidence.id                     1 
_pdbx_struct_assembly_auth_evidence.assembly_id            1 
_pdbx_struct_assembly_auth_evidence.experimental_support   none 
_pdbx_struct_assembly_auth_evidence.details                ? 
# 
loop_
_pdbx_struct_oper_list.id 
_pdbx_struct_oper_list.type 
_pdbx_struct_oper_list.name 
_pdbx_struct_oper_list.symmetry_operation 
_pdbx_struct_oper_list.matrix[1][1] 
_pdbx_struct_oper_list.matrix[1][2] 
_pdbx_struct_oper_list.matrix[1][3] 
_pdbx_struct_oper_list.vector[1] 
_pdbx_struct_oper_list.matrix[2][1] 
_pdbx_struct_oper_list.matrix[2][2] 
_pdbx_struct_oper_list.matrix[2][3] 
_pdbx_struct_oper_list.vector[2] 
_pdbx_struct_oper_list.matrix[3][1] 
_pdbx_struct_oper_list.matrix[3][2] 
_pdbx_struct_oper_list.matrix[3][3] 
_pdbx_struct_oper_list.vector[3] 
1 'identity operation'         1_555 x,y,z       1.0000000000 0.0000000000  0.0000000000 0.0000000000  0.0000000000  1.0000000000  0.0000000000  0.0000000000  0.0000000000 0.0000000000  1.0000000000  0.0000000000 
2 'crystal symmetry operation' 2_656 -x+1,y,-z+1 0.2217929244 -0.8189615172 0.5292541281 -2.3064352097 -0.8189615172 -0.4510543045 -0.3547563217 -2.6862656709 0.5292541281 -0.3547563217 -0.7707386198 1.1677528385 
# 
loop_
_struct_conn.id 
_struct_conn.conn_type_id 
_struct_conn.pdbx_leaving_atom_flag 
_struct_conn.pdbx_PDB_id 
_struct_conn.ptnr1_label_asym_id 
_struct_conn.ptnr1_label_comp_id 
_struct_conn.ptnr1_label_seq_id 
_struct_conn.ptnr1_label_atom_id 
_struct_conn.pdbx_ptnr1_label_alt_id 
_struct_conn.pdbx_ptnr1_PDB_ins_code 
_struct_conn.pdbx_ptnr1_standard_comp_id 
_struct_conn.ptnr1_symmetry 
_struct_conn.ptnr2_label_asym_id 
_struct_conn.ptnr2_label_comp_id 
_struct_conn.ptnr2_label_seq_id 
_struct_conn.ptnr2_label_atom_id 
_struct_conn.pdbx_ptnr2_label_alt_id 
_struct_conn.pdbx_ptnr2_PDB_ins_code 
_struct_conn.ptnr1_auth_asym_id 
_struct_conn.ptnr1_auth_comp_id 
_struct_conn.ptnr1_auth_seq_id 
_struct_conn.ptnr2_auth_asym_id 
_struct_conn.ptnr2_auth_comp_id 
_struct_conn.ptnr2_auth_seq_id 
_struct_conn.ptnr2_symmetry 
_struct_conn.pdbx_ptnr3_label_atom_id 
_struct_conn.pdbx_ptnr3_label_seq_id 
_struct_conn.pdbx_ptnr3_label_comp_id 
_struct_conn.pdbx_ptnr3_label_asym_id 
_struct_conn.pdbx_ptnr3_label_alt_id 
_struct_conn.pdbx_ptnr3_PDB_ins_code 
_struct_conn.details 
_struct_conn.pdbx_dist_value 
_struct_conn.pdbx_value_order 
_struct_conn.pdbx_role 
covale1  covale one ? A G   4  "O3'" ? ? ? 1_555 A XMP 5  P  ? ? A G   1004 A XMP 1005 1_555 ? ? ? ? ? ? ?            1.616 ? ? 
covale2  covale one ? A XMP 5  "O3'" ? ? ? 1_555 A A   6  P  ? ? A XMP 1005 A A   1006 1_555 ? ? ? ? ? ? ?            1.606 ? ? 
metalc1  metalc ?   ? A XMP 5  O6    ? ? ? 1_555 B NA  .  NA ? ? A XMP 1005 A NA  1101 2_656 ? ? ? ? ? ? ?            2.515 ? ? 
metalc2  metalc ?   ? A U   7  O4    ? ? ? 1_555 B NA  .  NA ? ? A U   1007 A NA  1101 1_555 ? ? ? ? ? ? ?            2.372 ? ? 
metalc3  metalc ?   ? A U   8  O4    ? ? ? 1_555 B NA  .  NA ? ? A U   1008 A NA  1101 1_555 ? ? ? ? ? ? ?            2.470 ? ? 
metalc4  metalc ?   ? B NA  .  NA    ? ? ? 1_555 F HOH .  O  ? ? A NA  1101 A HOH 1278 1_555 ? ? ? ? ? ? ?            2.270 ? ? 
metalc5  metalc ?   ? B NA  .  NA    ? ? ? 1_555 F HOH .  O  ? ? A NA  1101 A HOH 1279 1_555 ? ? ? ? ? ? ?            2.395 ? ? 
metalc6  metalc ?   ? B NA  .  NA    ? ? ? 1_555 F HOH .  O  ? ? A NA  1101 A HOH 1282 1_555 ? ? ? ? ? ? ?            2.341 ? ? 
metalc7  metalc ?   ? C NA  .  NA    ? ? ? 1_555 F HOH .  O  ? ? A NA  1102 A HOH 1260 1_555 ? ? ? ? ? ? ?            2.633 ? ? 
metalc8  metalc ?   ? C NA  .  NA    ? ? ? 1_555 F HOH .  O  ? ? A NA  1102 A HOH 1268 1_555 ? ? ? ? ? ? ?            2.308 ? ? 
metalc9  metalc ?   ? C NA  .  NA    ? ? ? 1_555 F HOH .  O  ? ? A NA  1102 A HOH 1278 2_656 ? ? ? ? ? ? ?            2.613 ? ? 
metalc10 metalc ?   ? C NA  .  NA    ? ? ? 1_555 F HOH .  O  ? ? A NA  1102 A HOH 1282 2_656 ? ? ? ? ? ? ?            2.594 ? ? 
metalc11 metalc ?   ? C NA  .  NA    ? ? ? 1_555 F HOH .  O  ? ? A NA  1102 A HOH 1298 1_555 ? ? ? ? ? ? ?            2.309 ? ? 
metalc12 metalc ?   ? C NA  .  NA    ? ? ? 1_555 F HOH .  O  ? ? A NA  1102 A HOH 1305 1_555 ? ? ? ? ? ? ?            2.865 ? ? 
metalc13 metalc ?   ? D MG  .  MG    ? ? ? 1_555 F HOH .  O  ? ? A MG  1103 A HOH 1239 1_555 ? ? ? ? ? ? ?            2.120 ? ? 
metalc14 metalc ?   ? D MG  .  MG    ? ? ? 1_555 F HOH .  O  ? ? A MG  1103 A HOH 1243 3_445 ? ? ? ? ? ? ?            2.053 ? ? 
metalc15 metalc ?   ? D MG  .  MG    ? ? ? 1_555 F HOH .  O  ? ? A MG  1103 A HOH 1257 3_445 ? ? ? ? ? ? ?            1.975 ? ? 
metalc16 metalc ?   ? D MG  .  MG    ? ? ? 1_555 F HOH .  O  ? ? A MG  1103 A HOH 1285 1_555 ? ? ? ? ? ? ?            2.047 ? ? 
metalc17 metalc ?   ? D MG  .  MG    ? ? ? 1_555 F HOH .  O  ? ? A MG  1103 A HOH 1303 1_555 ? ? ? ? ? ? ?            2.250 ? ? 
metalc18 metalc ?   ? E MG  .  MG    ? ? ? 1_555 F HOH .  O  ? ? A MG  1104 A HOH 1201 1_555 ? ? ? ? ? ? ?            2.647 ? ? 
metalc19 metalc ?   ? E MG  .  MG    ? ? ? 1_555 F HOH .  O  ? ? A MG  1104 A HOH 1224 1_555 ? ? ? ? ? ? ?            1.834 ? ? 
metalc20 metalc ?   ? E MG  .  MG    ? ? ? 1_555 F HOH .  O  ? ? A MG  1104 A HOH 1240 1_555 ? ? ? ? ? ? ?            2.064 ? ? 
metalc21 metalc ?   ? E MG  .  MG    ? ? ? 1_555 F HOH .  O  ? ? A MG  1104 A HOH 1277 1_555 ? ? ? ? ? ? ?            2.995 ? ? 
metalc22 metalc ?   ? E MG  .  MG    ? ? ? 1_555 F HOH .  O  ? ? A MG  1104 A HOH 1304 1_555 ? ? ? ? ? ? ?            2.327 ? ? 
metalc23 metalc ?   ? E MG  .  MG    ? ? ? 1_555 F HOH .  O  ? ? A MG  1104 A HOH 1304 2_656 ? ? ? ? ? ? ?            2.275 ? ? 
hydrog1  hydrog ?   ? A C   1  N3    A ? ? 1_555 A G   12 N1 ? ? A C   1001 A G   1012 2_656 ? ? ? ? ? ? WATSON-CRICK ?     ? ? 
hydrog2  hydrog ?   ? A C   1  N3    B ? ? 1_555 A G   12 N1 ? ? A C   1001 A G   1012 2_656 ? ? ? ? ? ? WATSON-CRICK ?     ? ? 
hydrog3  hydrog ?   ? A C   1  N4    A ? ? 1_555 A G   12 O6 ? ? A C   1001 A G   1012 2_656 ? ? ? ? ? ? WATSON-CRICK ?     ? ? 
hydrog4  hydrog ?   ? A C   1  N4    B ? ? 1_555 A G   12 O6 ? ? A C   1001 A G   1012 2_656 ? ? ? ? ? ? WATSON-CRICK ?     ? ? 
hydrog5  hydrog ?   ? A C   1  O2    A ? ? 1_555 A G   12 N2 ? ? A C   1001 A G   1012 2_656 ? ? ? ? ? ? WATSON-CRICK ?     ? ? 
hydrog6  hydrog ?   ? A C   1  O2    B ? ? 1_555 A G   12 N2 ? ? A C   1001 A G   1012 2_656 ? ? ? ? ? ? WATSON-CRICK ?     ? ? 
hydrog7  hydrog ?   ? A G   2  N1    ? ? ? 1_555 A C   11 N3 ? ? A G   1002 A C   1011 2_656 ? ? ? ? ? ? WATSON-CRICK ?     ? ? 
hydrog8  hydrog ?   ? A G   2  N2    ? ? ? 1_555 A C   11 O2 ? ? A G   1002 A C   1011 2_656 ? ? ? ? ? ? WATSON-CRICK ?     ? ? 
hydrog9  hydrog ?   ? A G   2  O6    ? ? ? 1_555 A C   11 N4 ? ? A G   1002 A C   1011 2_656 ? ? ? ? ? ? WATSON-CRICK ?     ? ? 
hydrog10 hydrog ?   ? A C   3  N3    ? ? ? 1_555 A G   10 N1 ? ? A C   1003 A G   1010 2_656 ? ? ? ? ? ? WATSON-CRICK ?     ? ? 
hydrog11 hydrog ?   ? A C   3  N4    ? ? ? 1_555 A G   10 O6 ? ? A C   1003 A G   1010 2_656 ? ? ? ? ? ? WATSON-CRICK ?     ? ? 
hydrog12 hydrog ?   ? A C   3  O2    ? ? ? 1_555 A G   10 N2 ? ? A C   1003 A G   1010 2_656 ? ? ? ? ? ? WATSON-CRICK ?     ? ? 
hydrog13 hydrog ?   ? A G   4  N1    ? ? ? 1_555 A A   9  N1 ? ? A G   1004 A A   1009 2_656 ? ? ? ? ? ? TYPE_8_PAIR  ?     ? ? 
hydrog14 hydrog ?   ? A G   4  O6    ? ? ? 1_555 A A   9  N6 ? ? A G   1004 A A   1009 2_656 ? ? ? ? ? ? TYPE_8_PAIR  ?     ? ? 
hydrog15 hydrog ?   ? A A   6  N1    ? ? ? 1_555 A U   7  N3 ? ? A A   1006 A U   1007 2_656 ? ? ? ? ? ? WATSON-CRICK ?     ? ? 
hydrog16 hydrog ?   ? A A   6  N6    ? ? ? 1_555 A U   7  O4 ? ? A A   1006 A U   1007 2_656 ? ? ? ? ? ? WATSON-CRICK ?     ? ? 
hydrog17 hydrog ?   ? A U   7  N3    ? ? ? 1_555 A A   6  N1 ? ? A U   1007 A A   1006 2_656 ? ? ? ? ? ? WATSON-CRICK ?     ? ? 
hydrog18 hydrog ?   ? A U   7  O4    ? ? ? 1_555 A A   6  N6 ? ? A U   1007 A A   1006 2_656 ? ? ? ? ? ? WATSON-CRICK ?     ? ? 
hydrog19 hydrog ?   ? A A   9  N1    ? ? ? 1_555 A G   4  N1 ? ? A A   1009 A G   1004 2_656 ? ? ? ? ? ? TYPE_8_PAIR  ?     ? ? 
hydrog20 hydrog ?   ? A A   9  N6    ? ? ? 1_555 A G   4  O6 ? ? A A   1009 A G   1004 2_656 ? ? ? ? ? ? TYPE_8_PAIR  ?     ? ? 
hydrog21 hydrog ?   ? A G   10 N1    ? ? ? 1_555 A C   3  N3 ? ? A G   1010 A C   1003 2_656 ? ? ? ? ? ? WATSON-CRICK ?     ? ? 
hydrog22 hydrog ?   ? A G   10 N2    ? ? ? 1_555 A C   3  O2 ? ? A G   1010 A C   1003 2_656 ? ? ? ? ? ? WATSON-CRICK ?     ? ? 
hydrog23 hydrog ?   ? A G   10 O6    ? ? ? 1_555 A C   3  N4 ? ? A G   1010 A C   1003 2_656 ? ? ? ? ? ? WATSON-CRICK ?     ? ? 
hydrog24 hydrog ?   ? A C   11 N3    ? ? ? 1_555 A G   2  N1 ? ? A C   1011 A G   1002 2_656 ? ? ? ? ? ? WATSON-CRICK ?     ? ? 
hydrog25 hydrog ?   ? A C   11 N4    ? ? ? 1_555 A G   2  O6 ? ? A C   1011 A G   1002 2_656 ? ? ? ? ? ? WATSON-CRICK ?     ? ? 
hydrog26 hydrog ?   ? A C   11 O2    ? ? ? 1_555 A G   2  N2 ? ? A C   1011 A G   1002 2_656 ? ? ? ? ? ? WATSON-CRICK ?     ? ? 
hydrog27 hydrog ?   ? A G   12 N1    ? ? ? 1_555 A C   1  N3 A ? A G   1012 A C   1001 2_656 ? ? ? ? ? ? WATSON-CRICK ?     ? ? 
hydrog28 hydrog ?   ? A G   12 N1    ? ? ? 1_555 A C   1  N3 B ? A G   1012 A C   1001 2_656 ? ? ? ? ? ? WATSON-CRICK ?     ? ? 
hydrog29 hydrog ?   ? A G   12 N2    ? ? ? 1_555 A C   1  O2 A ? A G   1012 A C   1001 2_656 ? ? ? ? ? ? WATSON-CRICK ?     ? ? 
hydrog30 hydrog ?   ? A G   12 N2    ? ? ? 1_555 A C   1  O2 B ? A G   1012 A C   1001 2_656 ? ? ? ? ? ? WATSON-CRICK ?     ? ? 
hydrog31 hydrog ?   ? A G   12 O6    ? ? ? 1_555 A C   1  N4 A ? A G   1012 A C   1001 2_656 ? ? ? ? ? ? WATSON-CRICK ?     ? ? 
hydrog32 hydrog ?   ? A G   12 O6    ? ? ? 1_555 A C   1  N4 B ? A G   1012 A C   1001 2_656 ? ? ? ? ? ? WATSON-CRICK ?     ? ? 
# 
loop_
_struct_conn_type.id 
_struct_conn_type.criteria 
_struct_conn_type.reference 
covale ? ? 
metalc ? ? 
hydrog ? ? 
# 
loop_
_pdbx_struct_conn_angle.id 
_pdbx_struct_conn_angle.ptnr1_label_atom_id 
_pdbx_struct_conn_angle.ptnr1_label_alt_id 
_pdbx_struct_conn_angle.ptnr1_label_asym_id 
_pdbx_struct_conn_angle.ptnr1_label_comp_id 
_pdbx_struct_conn_angle.ptnr1_label_seq_id 
_pdbx_struct_conn_angle.ptnr1_auth_atom_id 
_pdbx_struct_conn_angle.ptnr1_auth_asym_id 
_pdbx_struct_conn_angle.ptnr1_auth_comp_id 
_pdbx_struct_conn_angle.ptnr1_auth_seq_id 
_pdbx_struct_conn_angle.ptnr1_PDB_ins_code 
_pdbx_struct_conn_angle.ptnr1_symmetry 
_pdbx_struct_conn_angle.ptnr2_label_atom_id 
_pdbx_struct_conn_angle.ptnr2_label_alt_id 
_pdbx_struct_conn_angle.ptnr2_label_asym_id 
_pdbx_struct_conn_angle.ptnr2_label_comp_id 
_pdbx_struct_conn_angle.ptnr2_label_seq_id 
_pdbx_struct_conn_angle.ptnr2_auth_atom_id 
_pdbx_struct_conn_angle.ptnr2_auth_asym_id 
_pdbx_struct_conn_angle.ptnr2_auth_comp_id 
_pdbx_struct_conn_angle.ptnr2_auth_seq_id 
_pdbx_struct_conn_angle.ptnr2_PDB_ins_code 
_pdbx_struct_conn_angle.ptnr2_symmetry 
_pdbx_struct_conn_angle.ptnr3_label_atom_id 
_pdbx_struct_conn_angle.ptnr3_label_alt_id 
_pdbx_struct_conn_angle.ptnr3_label_asym_id 
_pdbx_struct_conn_angle.ptnr3_label_comp_id 
_pdbx_struct_conn_angle.ptnr3_label_seq_id 
_pdbx_struct_conn_angle.ptnr3_auth_atom_id 
_pdbx_struct_conn_angle.ptnr3_auth_asym_id 
_pdbx_struct_conn_angle.ptnr3_auth_comp_id 
_pdbx_struct_conn_angle.ptnr3_auth_seq_id 
_pdbx_struct_conn_angle.ptnr3_PDB_ins_code 
_pdbx_struct_conn_angle.ptnr3_symmetry 
_pdbx_struct_conn_angle.value 
_pdbx_struct_conn_angle.value_esd 
1  O6 ? A XMP 5 ? A XMP 1005 ? 1_555 NA ? B NA . ? A NA 1101 ? 2_656 O4 ? A U   7 ? A U   1007 ? 1_555 62.1  ? 
2  O6 ? A XMP 5 ? A XMP 1005 ? 1_555 NA ? B NA . ? A NA 1101 ? 2_656 O4 ? A U   8 ? A U   1008 ? 1_555 76.1  ? 
3  O4 ? A U   7 ? A U   1007 ? 1_555 NA ? B NA . ? A NA 1101 ? 2_656 O4 ? A U   8 ? A U   1008 ? 1_555 16.4  ? 
4  O6 ? A XMP 5 ? A XMP 1005 ? 1_555 NA ? B NA . ? A NA 1101 ? 2_656 O  ? F HOH . ? A HOH 1278 ? 1_555 46.3  ? 
5  O4 ? A U   7 ? A U   1007 ? 1_555 NA ? B NA . ? A NA 1101 ? 2_656 O  ? F HOH . ? A HOH 1278 ? 1_555 21.2  ? 
6  O4 ? A U   8 ? A U   1008 ? 1_555 NA ? B NA . ? A NA 1101 ? 2_656 O  ? F HOH . ? A HOH 1278 ? 1_555 30.6  ? 
7  O6 ? A XMP 5 ? A XMP 1005 ? 1_555 NA ? B NA . ? A NA 1101 ? 2_656 O  ? F HOH . ? A HOH 1279 ? 1_555 59.7  ? 
8  O4 ? A U   7 ? A U   1007 ? 1_555 NA ? B NA . ? A NA 1101 ? 2_656 O  ? F HOH . ? A HOH 1279 ? 1_555 4.8   ? 
9  O4 ? A U   8 ? A U   1008 ? 1_555 NA ? B NA . ? A NA 1101 ? 2_656 O  ? F HOH . ? A HOH 1279 ? 1_555 16.9  ? 
10 O  ? F HOH . ? A HOH 1278 ? 1_555 NA ? B NA . ? A NA 1101 ? 2_656 O  ? F HOH . ? A HOH 1279 ? 1_555 16.9  ? 
11 O6 ? A XMP 5 ? A XMP 1005 ? 1_555 NA ? B NA . ? A NA 1101 ? 2_656 O  ? F HOH . ? A HOH 1282 ? 1_555 59.9  ? 
12 O4 ? A U   7 ? A U   1007 ? 1_555 NA ? B NA . ? A NA 1101 ? 2_656 O  ? F HOH . ? A HOH 1282 ? 1_555 21.6  ? 
13 O4 ? A U   8 ? A U   1008 ? 1_555 NA ? B NA . ? A NA 1101 ? 2_656 O  ? F HOH . ? A HOH 1282 ? 1_555 21.4  ? 
14 O  ? F HOH . ? A HOH 1278 ? 1_555 NA ? B NA . ? A NA 1101 ? 2_656 O  ? F HOH . ? A HOH 1282 ? 1_555 14.7  ? 
15 O  ? F HOH . ? A HOH 1279 ? 1_555 NA ? B NA . ? A NA 1101 ? 2_656 O  ? F HOH . ? A HOH 1282 ? 1_555 17.1  ? 
16 O  ? F HOH . ? A HOH 1260 ? 1_555 NA ? C NA . ? A NA 1102 ? 1_555 O  ? F HOH . ? A HOH 1268 ? 1_555 113.0 ? 
17 O  ? F HOH . ? A HOH 1260 ? 1_555 NA ? C NA . ? A NA 1102 ? 1_555 O  ? F HOH . ? A HOH 1278 ? 2_656 103.3 ? 
18 O  ? F HOH . ? A HOH 1268 ? 1_555 NA ? C NA . ? A NA 1102 ? 1_555 O  ? F HOH . ? A HOH 1278 ? 2_656 137.4 ? 
19 O  ? F HOH . ? A HOH 1260 ? 1_555 NA ? C NA . ? A NA 1102 ? 1_555 O  ? F HOH . ? A HOH 1282 ? 2_656 84.5  ? 
20 O  ? F HOH . ? A HOH 1268 ? 1_555 NA ? C NA . ? A NA 1102 ? 1_555 O  ? F HOH . ? A HOH 1282 ? 2_656 86.8  ? 
21 O  ? F HOH . ? A HOH 1278 ? 2_656 NA ? C NA . ? A NA 1102 ? 1_555 O  ? F HOH . ? A HOH 1282 ? 2_656 75.0  ? 
22 O  ? F HOH . ? A HOH 1260 ? 1_555 NA ? C NA . ? A NA 1102 ? 1_555 O  ? F HOH . ? A HOH 1298 ? 1_555 96.6  ? 
23 O  ? F HOH . ? A HOH 1268 ? 1_555 NA ? C NA . ? A NA 1102 ? 1_555 O  ? F HOH . ? A HOH 1298 ? 1_555 104.8 ? 
24 O  ? F HOH . ? A HOH 1278 ? 2_656 NA ? C NA . ? A NA 1102 ? 1_555 O  ? F HOH . ? A HOH 1298 ? 1_555 91.9  ? 
25 O  ? F HOH . ? A HOH 1282 ? 2_656 NA ? C NA . ? A NA 1102 ? 1_555 O  ? F HOH . ? A HOH 1298 ? 1_555 166.7 ? 
26 O  ? F HOH . ? A HOH 1260 ? 1_555 NA ? C NA . ? A NA 1102 ? 1_555 O  ? F HOH . ? A HOH 1305 ? 1_555 163.2 ? 
27 O  ? F HOH . ? A HOH 1268 ? 1_555 NA ? C NA . ? A NA 1102 ? 1_555 O  ? F HOH . ? A HOH 1305 ? 1_555 81.0  ? 
28 O  ? F HOH . ? A HOH 1278 ? 2_656 NA ? C NA . ? A NA 1102 ? 1_555 O  ? F HOH . ? A HOH 1305 ? 1_555 60.3  ? 
29 O  ? F HOH . ? A HOH 1282 ? 2_656 NA ? C NA . ? A NA 1102 ? 1_555 O  ? F HOH . ? A HOH 1305 ? 1_555 87.3  ? 
30 O  ? F HOH . ? A HOH 1298 ? 1_555 NA ? C NA . ? A NA 1102 ? 1_555 O  ? F HOH . ? A HOH 1305 ? 1_555 88.1  ? 
31 O  ? F HOH . ? A HOH 1239 ? 1_555 MG ? D MG . ? A MG 1103 ? 1_555 O  ? F HOH . ? A HOH 1243 ? 3_445 170.9 ? 
32 O  ? F HOH . ? A HOH 1239 ? 1_555 MG ? D MG . ? A MG 1103 ? 1_555 O  ? F HOH . ? A HOH 1257 ? 3_445 91.1  ? 
33 O  ? F HOH . ? A HOH 1243 ? 3_445 MG ? D MG . ? A MG 1103 ? 1_555 O  ? F HOH . ? A HOH 1257 ? 3_445 97.2  ? 
34 O  ? F HOH . ? A HOH 1239 ? 1_555 MG ? D MG . ? A MG 1103 ? 1_555 O  ? F HOH . ? A HOH 1285 ? 1_555 85.6  ? 
35 O  ? F HOH . ? A HOH 1243 ? 3_445 MG ? D MG . ? A MG 1103 ? 1_555 O  ? F HOH . ? A HOH 1285 ? 1_555 90.0  ? 
36 O  ? F HOH . ? A HOH 1257 ? 3_445 MG ? D MG . ? A MG 1103 ? 1_555 O  ? F HOH . ? A HOH 1285 ? 1_555 94.9  ? 
37 O  ? F HOH . ? A HOH 1239 ? 1_555 MG ? D MG . ? A MG 1103 ? 1_555 O  ? F HOH . ? A HOH 1303 ? 1_555 80.8  ? 
38 O  ? F HOH . ? A HOH 1243 ? 3_445 MG ? D MG . ? A MG 1103 ? 1_555 O  ? F HOH . ? A HOH 1303 ? 1_555 90.5  ? 
39 O  ? F HOH . ? A HOH 1257 ? 3_445 MG ? D MG . ? A MG 1103 ? 1_555 O  ? F HOH . ? A HOH 1303 ? 1_555 168.8 ? 
40 O  ? F HOH . ? A HOH 1285 ? 1_555 MG ? D MG . ? A MG 1103 ? 1_555 O  ? F HOH . ? A HOH 1303 ? 1_555 76.9  ? 
41 O  ? F HOH . ? A HOH 1201 ? 1_555 MG ? E MG . ? A MG 1104 ? 1_555 O  ? F HOH . ? A HOH 1224 ? 1_555 112.4 ? 
42 O  ? F HOH . ? A HOH 1201 ? 1_555 MG ? E MG . ? A MG 1104 ? 1_555 O  ? F HOH . ? A HOH 1240 ? 1_555 124.1 ? 
43 O  ? F HOH . ? A HOH 1224 ? 1_555 MG ? E MG . ? A MG 1104 ? 1_555 O  ? F HOH . ? A HOH 1240 ? 1_555 83.8  ? 
44 O  ? F HOH . ? A HOH 1201 ? 1_555 MG ? E MG . ? A MG 1104 ? 1_555 O  ? F HOH . ? A HOH 1277 ? 1_555 53.7  ? 
45 O  ? F HOH . ? A HOH 1224 ? 1_555 MG ? E MG . ? A MG 1104 ? 1_555 O  ? F HOH . ? A HOH 1277 ? 1_555 95.8  ? 
46 O  ? F HOH . ? A HOH 1240 ? 1_555 MG ? E MG . ? A MG 1104 ? 1_555 O  ? F HOH . ? A HOH 1277 ? 1_555 177.4 ? 
47 O  ? F HOH . ? A HOH 1201 ? 1_555 MG ? E MG . ? A MG 1104 ? 1_555 O  ? F HOH . ? A HOH 1304 ? 1_555 65.6  ? 
48 O  ? F HOH . ? A HOH 1224 ? 1_555 MG ? E MG . ? A MG 1104 ? 1_555 O  ? F HOH . ? A HOH 1304 ? 1_555 168.7 ? 
49 O  ? F HOH . ? A HOH 1240 ? 1_555 MG ? E MG . ? A MG 1104 ? 1_555 O  ? F HOH . ? A HOH 1304 ? 1_555 88.4  ? 
50 O  ? F HOH . ? A HOH 1277 ? 1_555 MG ? E MG . ? A MG 1104 ? 1_555 O  ? F HOH . ? A HOH 1304 ? 1_555 91.7  ? 
51 O  ? F HOH . ? A HOH 1201 ? 1_555 MG ? E MG . ? A MG 1104 ? 1_555 O  ? F HOH . ? A HOH 1304 ? 2_656 126.5 ? 
52 O  ? F HOH . ? A HOH 1224 ? 1_555 MG ? E MG . ? A MG 1104 ? 1_555 O  ? F HOH . ? A HOH 1304 ? 2_656 93.2  ? 
53 O  ? F HOH . ? A HOH 1240 ? 1_555 MG ? E MG . ? A MG 1104 ? 1_555 O  ? F HOH . ? A HOH 1304 ? 2_656 104.0 ? 
54 O  ? F HOH . ? A HOH 1277 ? 1_555 MG ? E MG . ? A MG 1104 ? 1_555 O  ? F HOH . ? A HOH 1304 ? 2_656 78.6  ? 
55 O  ? F HOH . ? A HOH 1304 ? 1_555 MG ? E MG . ? A MG 1104 ? 1_555 O  ? F HOH . ? A HOH 1304 ? 2_656 96.7  ? 
# 
loop_
_space_group_symop.id 
_space_group_symop.operation_xyz 
1 x,y,z           
2 -x,y,-z         
3 x+1/2,y+1/2,z   
4 -x+1/2,y+1/2,-z 
# 
_pdbx_entry_details.entry_id                 7QUA 
_pdbx_entry_details.has_ligand_of_interest   Y 
_pdbx_entry_details.compound_details         ? 
_pdbx_entry_details.source_details           ? 
_pdbx_entry_details.nonpolymer_details       ? 
_pdbx_entry_details.sequence_details         ? 
# 
loop_
_pdbx_distant_solvent_atoms.id 
_pdbx_distant_solvent_atoms.PDB_model_num 
_pdbx_distant_solvent_atoms.auth_atom_id 
_pdbx_distant_solvent_atoms.label_alt_id 
_pdbx_distant_solvent_atoms.auth_asym_id 
_pdbx_distant_solvent_atoms.auth_comp_id 
_pdbx_distant_solvent_atoms.auth_seq_id 
_pdbx_distant_solvent_atoms.PDB_ins_code 
_pdbx_distant_solvent_atoms.neighbor_macromolecule_distance 
_pdbx_distant_solvent_atoms.neighbor_ligand_distance 
1 1 O ? A HOH 1306 ? 5.84 . 
2 1 O ? A HOH 1307 ? 6.58 . 
3 1 O ? A HOH 1308 ? 8.44 . 
# 
loop_
_chem_comp_atom.comp_id 
_chem_comp_atom.atom_id 
_chem_comp_atom.type_symbol 
_chem_comp_atom.pdbx_aromatic_flag 
_chem_comp_atom.pdbx_stereo_config 
_chem_comp_atom.pdbx_ordinal 
A   OP3    O  N N 1   
A   P      P  N N 2   
A   OP1    O  N N 3   
A   OP2    O  N N 4   
A   "O5'"  O  N N 5   
A   "C5'"  C  N N 6   
A   "C4'"  C  N R 7   
A   "O4'"  O  N N 8   
A   "C3'"  C  N S 9   
A   "O3'"  O  N N 10  
A   "C2'"  C  N R 11  
A   "O2'"  O  N N 12  
A   "C1'"  C  N R 13  
A   N9     N  Y N 14  
A   C8     C  Y N 15  
A   N7     N  Y N 16  
A   C5     C  Y N 17  
A   C6     C  Y N 18  
A   N6     N  N N 19  
A   N1     N  Y N 20  
A   C2     C  Y N 21  
A   N3     N  Y N 22  
A   C4     C  Y N 23  
A   HOP3   H  N N 24  
A   HOP2   H  N N 25  
A   "H5'"  H  N N 26  
A   "H5''" H  N N 27  
A   "H4'"  H  N N 28  
A   "H3'"  H  N N 29  
A   "HO3'" H  N N 30  
A   "H2'"  H  N N 31  
A   "HO2'" H  N N 32  
A   "H1'"  H  N N 33  
A   H8     H  N N 34  
A   H61    H  N N 35  
A   H62    H  N N 36  
A   H2     H  N N 37  
C   OP3    O  N N 38  
C   P      P  N N 39  
C   OP1    O  N N 40  
C   OP2    O  N N 41  
C   "O5'"  O  N N 42  
C   "C5'"  C  N N 43  
C   "C4'"  C  N R 44  
C   "O4'"  O  N N 45  
C   "C3'"  C  N S 46  
C   "O3'"  O  N N 47  
C   "C2'"  C  N R 48  
C   "O2'"  O  N N 49  
C   "C1'"  C  N R 50  
C   N1     N  N N 51  
C   C2     C  N N 52  
C   O2     O  N N 53  
C   N3     N  N N 54  
C   C4     C  N N 55  
C   N4     N  N N 56  
C   C5     C  N N 57  
C   C6     C  N N 58  
C   HOP3   H  N N 59  
C   HOP2   H  N N 60  
C   "H5'"  H  N N 61  
C   "H5''" H  N N 62  
C   "H4'"  H  N N 63  
C   "H3'"  H  N N 64  
C   "HO3'" H  N N 65  
C   "H2'"  H  N N 66  
C   "HO2'" H  N N 67  
C   "H1'"  H  N N 68  
C   H41    H  N N 69  
C   H42    H  N N 70  
C   H5     H  N N 71  
C   H6     H  N N 72  
G   OP3    O  N N 73  
G   P      P  N N 74  
G   OP1    O  N N 75  
G   OP2    O  N N 76  
G   "O5'"  O  N N 77  
G   "C5'"  C  N N 78  
G   "C4'"  C  N R 79  
G   "O4'"  O  N N 80  
G   "C3'"  C  N S 81  
G   "O3'"  O  N N 82  
G   "C2'"  C  N R 83  
G   "O2'"  O  N N 84  
G   "C1'"  C  N R 85  
G   N9     N  Y N 86  
G   C8     C  Y N 87  
G   N7     N  Y N 88  
G   C5     C  Y N 89  
G   C6     C  N N 90  
G   O6     O  N N 91  
G   N1     N  N N 92  
G   C2     C  N N 93  
G   N2     N  N N 94  
G   N3     N  N N 95  
G   C4     C  Y N 96  
G   HOP3   H  N N 97  
G   HOP2   H  N N 98  
G   "H5'"  H  N N 99  
G   "H5''" H  N N 100 
G   "H4'"  H  N N 101 
G   "H3'"  H  N N 102 
G   "HO3'" H  N N 103 
G   "H2'"  H  N N 104 
G   "HO2'" H  N N 105 
G   "H1'"  H  N N 106 
G   H8     H  N N 107 
G   H1     H  N N 108 
G   H21    H  N N 109 
G   H22    H  N N 110 
HOH O      O  N N 111 
HOH H1     H  N N 112 
HOH H2     H  N N 113 
MG  MG     MG N N 114 
NA  NA     NA N N 115 
U   OP3    O  N N 116 
U   P      P  N N 117 
U   OP1    O  N N 118 
U   OP2    O  N N 119 
U   "O5'"  O  N N 120 
U   "C5'"  C  N N 121 
U   "C4'"  C  N R 122 
U   "O4'"  O  N N 123 
U   "C3'"  C  N S 124 
U   "O3'"  O  N N 125 
U   "C2'"  C  N R 126 
U   "O2'"  O  N N 127 
U   "C1'"  C  N R 128 
U   N1     N  N N 129 
U   C2     C  N N 130 
U   O2     O  N N 131 
U   N3     N  N N 132 
U   C4     C  N N 133 
U   O4     O  N N 134 
U   C5     C  N N 135 
U   C6     C  N N 136 
U   HOP3   H  N N 137 
U   HOP2   H  N N 138 
U   "H5'"  H  N N 139 
U   "H5''" H  N N 140 
U   "H4'"  H  N N 141 
U   "H3'"  H  N N 142 
U   "HO3'" H  N N 143 
U   "H2'"  H  N N 144 
U   "HO2'" H  N N 145 
U   "H1'"  H  N N 146 
U   H3     H  N N 147 
U   H5     H  N N 148 
U   H6     H  N N 149 
XMP P      P  N N 150 
XMP O1P    O  N N 151 
XMP O2P    O  N N 152 
XMP "O5'"  O  N N 153 
XMP O3P    O  N N 154 
XMP "C5'"  C  N N 155 
XMP "C4'"  C  N R 156 
XMP "O4'"  O  N N 157 
XMP "C1'"  C  N R 158 
XMP N9     N  Y N 159 
XMP C4     C  Y N 160 
XMP N3     N  N N 161 
XMP N1     N  N N 162 
XMP C2     C  N N 163 
XMP O2     O  N N 164 
XMP C6     C  N N 165 
XMP O6     O  N N 166 
XMP C5     C  Y N 167 
XMP N7     N  Y N 168 
XMP C8     C  Y N 169 
XMP "C2'"  C  N R 170 
XMP "O2'"  O  N N 171 
XMP "C3'"  C  N S 172 
XMP "O3'"  O  N N 173 
XMP HOP1   H  N N 174 
XMP HOP2   H  N N 175 
XMP "H5'2" H  N N 176 
XMP "H5'1" H  N N 177 
XMP "H4'"  H  N N 178 
XMP "H1'"  H  N N 179 
XMP H3     H  N N 180 
XMP H1     H  N N 181 
XMP H7     H  N N 182 
XMP H8     H  N N 183 
XMP "H2'"  H  N N 184 
XMP H2O1   H  N N 185 
XMP "H3'"  H  N N 186 
XMP H3O1   H  N N 187 
# 
loop_
_chem_comp_bond.comp_id 
_chem_comp_bond.atom_id_1 
_chem_comp_bond.atom_id_2 
_chem_comp_bond.value_order 
_chem_comp_bond.pdbx_aromatic_flag 
_chem_comp_bond.pdbx_stereo_config 
_chem_comp_bond.pdbx_ordinal 
A   OP3   P      sing N N 1   
A   OP3   HOP3   sing N N 2   
A   P     OP1    doub N N 3   
A   P     OP2    sing N N 4   
A   P     "O5'"  sing N N 5   
A   OP2   HOP2   sing N N 6   
A   "O5'" "C5'"  sing N N 7   
A   "C5'" "C4'"  sing N N 8   
A   "C5'" "H5'"  sing N N 9   
A   "C5'" "H5''" sing N N 10  
A   "C4'" "O4'"  sing N N 11  
A   "C4'" "C3'"  sing N N 12  
A   "C4'" "H4'"  sing N N 13  
A   "O4'" "C1'"  sing N N 14  
A   "C3'" "O3'"  sing N N 15  
A   "C3'" "C2'"  sing N N 16  
A   "C3'" "H3'"  sing N N 17  
A   "O3'" "HO3'" sing N N 18  
A   "C2'" "O2'"  sing N N 19  
A   "C2'" "C1'"  sing N N 20  
A   "C2'" "H2'"  sing N N 21  
A   "O2'" "HO2'" sing N N 22  
A   "C1'" N9     sing N N 23  
A   "C1'" "H1'"  sing N N 24  
A   N9    C8     sing Y N 25  
A   N9    C4     sing Y N 26  
A   C8    N7     doub Y N 27  
A   C8    H8     sing N N 28  
A   N7    C5     sing Y N 29  
A   C5    C6     sing Y N 30  
A   C5    C4     doub Y N 31  
A   C6    N6     sing N N 32  
A   C6    N1     doub Y N 33  
A   N6    H61    sing N N 34  
A   N6    H62    sing N N 35  
A   N1    C2     sing Y N 36  
A   C2    N3     doub Y N 37  
A   C2    H2     sing N N 38  
A   N3    C4     sing Y N 39  
C   OP3   P      sing N N 40  
C   OP3   HOP3   sing N N 41  
C   P     OP1    doub N N 42  
C   P     OP2    sing N N 43  
C   P     "O5'"  sing N N 44  
C   OP2   HOP2   sing N N 45  
C   "O5'" "C5'"  sing N N 46  
C   "C5'" "C4'"  sing N N 47  
C   "C5'" "H5'"  sing N N 48  
C   "C5'" "H5''" sing N N 49  
C   "C4'" "O4'"  sing N N 50  
C   "C4'" "C3'"  sing N N 51  
C   "C4'" "H4'"  sing N N 52  
C   "O4'" "C1'"  sing N N 53  
C   "C3'" "O3'"  sing N N 54  
C   "C3'" "C2'"  sing N N 55  
C   "C3'" "H3'"  sing N N 56  
C   "O3'" "HO3'" sing N N 57  
C   "C2'" "O2'"  sing N N 58  
C   "C2'" "C1'"  sing N N 59  
C   "C2'" "H2'"  sing N N 60  
C   "O2'" "HO2'" sing N N 61  
C   "C1'" N1     sing N N 62  
C   "C1'" "H1'"  sing N N 63  
C   N1    C2     sing N N 64  
C   N1    C6     sing N N 65  
C   C2    O2     doub N N 66  
C   C2    N3     sing N N 67  
C   N3    C4     doub N N 68  
C   C4    N4     sing N N 69  
C   C4    C5     sing N N 70  
C   N4    H41    sing N N 71  
C   N4    H42    sing N N 72  
C   C5    C6     doub N N 73  
C   C5    H5     sing N N 74  
C   C6    H6     sing N N 75  
G   OP3   P      sing N N 76  
G   OP3   HOP3   sing N N 77  
G   P     OP1    doub N N 78  
G   P     OP2    sing N N 79  
G   P     "O5'"  sing N N 80  
G   OP2   HOP2   sing N N 81  
G   "O5'" "C5'"  sing N N 82  
G   "C5'" "C4'"  sing N N 83  
G   "C5'" "H5'"  sing N N 84  
G   "C5'" "H5''" sing N N 85  
G   "C4'" "O4'"  sing N N 86  
G   "C4'" "C3'"  sing N N 87  
G   "C4'" "H4'"  sing N N 88  
G   "O4'" "C1'"  sing N N 89  
G   "C3'" "O3'"  sing N N 90  
G   "C3'" "C2'"  sing N N 91  
G   "C3'" "H3'"  sing N N 92  
G   "O3'" "HO3'" sing N N 93  
G   "C2'" "O2'"  sing N N 94  
G   "C2'" "C1'"  sing N N 95  
G   "C2'" "H2'"  sing N N 96  
G   "O2'" "HO2'" sing N N 97  
G   "C1'" N9     sing N N 98  
G   "C1'" "H1'"  sing N N 99  
G   N9    C8     sing Y N 100 
G   N9    C4     sing Y N 101 
G   C8    N7     doub Y N 102 
G   C8    H8     sing N N 103 
G   N7    C5     sing Y N 104 
G   C5    C6     sing N N 105 
G   C5    C4     doub Y N 106 
G   C6    O6     doub N N 107 
G   C6    N1     sing N N 108 
G   N1    C2     sing N N 109 
G   N1    H1     sing N N 110 
G   C2    N2     sing N N 111 
G   C2    N3     doub N N 112 
G   N2    H21    sing N N 113 
G   N2    H22    sing N N 114 
G   N3    C4     sing N N 115 
HOH O     H1     sing N N 116 
HOH O     H2     sing N N 117 
U   OP3   P      sing N N 118 
U   OP3   HOP3   sing N N 119 
U   P     OP1    doub N N 120 
U   P     OP2    sing N N 121 
U   P     "O5'"  sing N N 122 
U   OP2   HOP2   sing N N 123 
U   "O5'" "C5'"  sing N N 124 
U   "C5'" "C4'"  sing N N 125 
U   "C5'" "H5'"  sing N N 126 
U   "C5'" "H5''" sing N N 127 
U   "C4'" "O4'"  sing N N 128 
U   "C4'" "C3'"  sing N N 129 
U   "C4'" "H4'"  sing N N 130 
U   "O4'" "C1'"  sing N N 131 
U   "C3'" "O3'"  sing N N 132 
U   "C3'" "C2'"  sing N N 133 
U   "C3'" "H3'"  sing N N 134 
U   "O3'" "HO3'" sing N N 135 
U   "C2'" "O2'"  sing N N 136 
U   "C2'" "C1'"  sing N N 137 
U   "C2'" "H2'"  sing N N 138 
U   "O2'" "HO2'" sing N N 139 
U   "C1'" N1     sing N N 140 
U   "C1'" "H1'"  sing N N 141 
U   N1    C2     sing N N 142 
U   N1    C6     sing N N 143 
U   C2    O2     doub N N 144 
U   C2    N3     sing N N 145 
U   N3    C4     sing N N 146 
U   N3    H3     sing N N 147 
U   C4    O4     doub N N 148 
U   C4    C5     sing N N 149 
U   C5    C6     doub N N 150 
U   C5    H5     sing N N 151 
U   C6    H6     sing N N 152 
XMP P     O1P    sing N N 153 
XMP P     O2P    sing N N 154 
XMP P     "O5'"  sing N N 155 
XMP P     O3P    doub N N 156 
XMP O1P   HOP1   sing N N 157 
XMP O2P   HOP2   sing N N 158 
XMP "O5'" "C5'"  sing N N 159 
XMP "C5'" "C4'"  sing N N 160 
XMP "C5'" "H5'2" sing N N 161 
XMP "C5'" "H5'1" sing N N 162 
XMP "C4'" "O4'"  sing N N 163 
XMP "C4'" "C3'"  sing N N 164 
XMP "C4'" "H4'"  sing N N 165 
XMP "O4'" "C1'"  sing N N 166 
XMP "C1'" N9     sing N N 167 
XMP "C1'" "C2'"  sing N N 168 
XMP "C1'" "H1'"  sing N N 169 
XMP N9    C4     sing Y N 170 
XMP N9    C8     sing Y N 171 
XMP C4    N3     sing N N 172 
XMP C4    C5     doub Y N 173 
XMP N3    C2     sing N N 174 
XMP N3    H3     sing N N 175 
XMP N1    C2     sing N N 176 
XMP N1    C6     sing N N 177 
XMP N1    H1     sing N N 178 
XMP C2    O2     doub N N 179 
XMP C6    O6     doub N N 180 
XMP C6    C5     sing N N 181 
XMP C5    N7     sing Y N 182 
XMP N7    C8     doub Y N 183 
XMP N7    H7     sing N N 184 
XMP C8    H8     sing N N 185 
XMP "C2'" "O2'"  sing N N 186 
XMP "C2'" "C3'"  sing N N 187 
XMP "C2'" "H2'"  sing N N 188 
XMP "O2'" H2O1   sing N N 189 
XMP "C3'" "O3'"  sing N N 190 
XMP "C3'" "H3'"  sing N N 191 
XMP "O3'" H3O1   sing N N 192 
# 
loop_
_ndb_struct_conf_na.entry_id 
_ndb_struct_conf_na.feature 
7QUA 'double helix'         
7QUA 'a-form double helix'  
7QUA 'mismatched base pair' 
# 
loop_
_ndb_struct_na_base_pair.model_number 
_ndb_struct_na_base_pair.i_label_asym_id 
_ndb_struct_na_base_pair.i_label_comp_id 
_ndb_struct_na_base_pair.i_label_seq_id 
_ndb_struct_na_base_pair.i_symmetry 
_ndb_struct_na_base_pair.j_label_asym_id 
_ndb_struct_na_base_pair.j_label_comp_id 
_ndb_struct_na_base_pair.j_label_seq_id 
_ndb_struct_na_base_pair.j_symmetry 
_ndb_struct_na_base_pair.shear 
_ndb_struct_na_base_pair.stretch 
_ndb_struct_na_base_pair.stagger 
_ndb_struct_na_base_pair.buckle 
_ndb_struct_na_base_pair.propeller 
_ndb_struct_na_base_pair.opening 
_ndb_struct_na_base_pair.pair_number 
_ndb_struct_na_base_pair.pair_name 
_ndb_struct_na_base_pair.i_auth_asym_id 
_ndb_struct_na_base_pair.i_auth_seq_id 
_ndb_struct_na_base_pair.i_PDB_ins_code 
_ndb_struct_na_base_pair.j_auth_asym_id 
_ndb_struct_na_base_pair.j_auth_seq_id 
_ndb_struct_na_base_pair.j_PDB_ins_code 
_ndb_struct_na_base_pair.hbond_type_28 
_ndb_struct_na_base_pair.hbond_type_12 
1 A C 1  1_555 A G 12 2_656 0.102  -0.099 0.022  8.897  -19.587 -0.115  1  A_C1001:G1012_A A 1001 ? A 1012 ? 19 1 
1 A G 2  1_555 A C 11 2_656 -0.258 -0.154 0.005  -7.220 -17.831 1.016   2  A_G1002:C1011_A A 1002 ? A 1011 ? 19 1 
1 A C 3  1_555 A G 10 2_656 0.137  -0.140 0.273  -5.646 -13.575 -2.056  3  A_C1003:G1010_A A 1003 ? A 1010 ? 19 1 
1 A G 4  1_555 A A 9  2_656 0.008  1.500  -0.264 2.636  -7.996  -18.689 4  A_G1004:A1009_A A 1004 ? A 1009 ? 8  1 
1 A A 6  1_555 A U 7  2_656 0.063  -0.105 -0.084 3.132  -22.976 -4.094  5  A_A1006:U1007_A A 1006 ? A 1007 ? 20 1 
1 A U 7  1_555 A A 6  2_656 -0.063 -0.105 -0.084 -3.132 -22.976 -4.094  6  A_U1007:A1006_A A 1007 ? A 1006 ? 20 1 
1 A A 9  1_555 A G 4  2_656 -0.008 1.500  -0.264 -2.636 -7.996  -18.689 7  A_A1009:G1004_A A 1009 ? A 1004 ? 8  1 
1 A G 10 1_555 A C 3  2_656 -0.137 -0.140 0.273  5.646  -13.575 -2.056  8  A_G1010:C1003_A A 1010 ? A 1003 ? 19 1 
1 A C 11 1_555 A G 2  2_656 0.258  -0.154 0.005  7.220  -17.831 1.016   9  A_C1011:G1002_A A 1011 ? A 1002 ? 19 1 
1 A G 12 1_555 A C 1  2_656 -0.102 -0.099 0.022  -8.897 -19.587 -0.115  10 A_G1012:C1001_A A 1012 ? A 1001 ? 19 1 
# 
loop_
_ndb_struct_na_base_pair_step.model_number 
_ndb_struct_na_base_pair_step.i_label_asym_id_1 
_ndb_struct_na_base_pair_step.i_label_comp_id_1 
_ndb_struct_na_base_pair_step.i_label_seq_id_1 
_ndb_struct_na_base_pair_step.i_symmetry_1 
_ndb_struct_na_base_pair_step.j_label_asym_id_1 
_ndb_struct_na_base_pair_step.j_label_comp_id_1 
_ndb_struct_na_base_pair_step.j_label_seq_id_1 
_ndb_struct_na_base_pair_step.j_symmetry_1 
_ndb_struct_na_base_pair_step.i_label_asym_id_2 
_ndb_struct_na_base_pair_step.i_label_comp_id_2 
_ndb_struct_na_base_pair_step.i_label_seq_id_2 
_ndb_struct_na_base_pair_step.i_symmetry_2 
_ndb_struct_na_base_pair_step.j_label_asym_id_2 
_ndb_struct_na_base_pair_step.j_label_comp_id_2 
_ndb_struct_na_base_pair_step.j_label_seq_id_2 
_ndb_struct_na_base_pair_step.j_symmetry_2 
_ndb_struct_na_base_pair_step.shift 
_ndb_struct_na_base_pair_step.slide 
_ndb_struct_na_base_pair_step.rise 
_ndb_struct_na_base_pair_step.tilt 
_ndb_struct_na_base_pair_step.roll 
_ndb_struct_na_base_pair_step.twist 
_ndb_struct_na_base_pair_step.x_displacement 
_ndb_struct_na_base_pair_step.y_displacement 
_ndb_struct_na_base_pair_step.helical_rise 
_ndb_struct_na_base_pair_step.inclination 
_ndb_struct_na_base_pair_step.tip 
_ndb_struct_na_base_pair_step.helical_twist 
_ndb_struct_na_base_pair_step.step_number 
_ndb_struct_na_base_pair_step.step_name 
_ndb_struct_na_base_pair_step.i_auth_asym_id_1 
_ndb_struct_na_base_pair_step.i_auth_seq_id_1 
_ndb_struct_na_base_pair_step.i_PDB_ins_code_1 
_ndb_struct_na_base_pair_step.j_auth_asym_id_1 
_ndb_struct_na_base_pair_step.j_auth_seq_id_1 
_ndb_struct_na_base_pair_step.j_PDB_ins_code_1 
_ndb_struct_na_base_pair_step.i_auth_asym_id_2 
_ndb_struct_na_base_pair_step.i_auth_seq_id_2 
_ndb_struct_na_base_pair_step.i_PDB_ins_code_2 
_ndb_struct_na_base_pair_step.j_auth_asym_id_2 
_ndb_struct_na_base_pair_step.j_auth_seq_id_2 
_ndb_struct_na_base_pair_step.j_PDB_ins_code_2 
1 A C 1  1_555 A G 12 2_656 A G 2  1_555 A C 11 2_656 -0.345 -1.736 3.440 -2.780 15.394 32.324 -4.912 0.184  2.413 25.849 4.667  
35.819 1 AA_C1001G1002:C1011G1012_AA A 1001 ? A 1012 ? A 1002 ? A 1011 ? 
1 A G 2  1_555 A C 11 2_656 A C 3  1_555 A G 10 2_656 -0.537 -1.245 3.192 -2.653 3.653  36.000 -2.493 0.504  3.086 5.882  4.272  
36.273 2 AA_G1002C1003:G1010C1011_AA A 1002 ? A 1011 ? A 1003 ? A 1010 ? 
1 A C 3  1_555 A G 10 2_656 A G 4  1_555 A A 9  2_656 -0.948 -1.259 3.080 2.789  9.293  26.417 -4.478 2.519  2.397 19.518 -5.857 
28.112 3 AA_C1003G1004:A1009G1010_AA A 1003 ? A 1010 ? A 1004 ? A 1009 ? 
1 A G 4  1_555 A A 9  2_656 A A 6  1_555 A U 7  2_656 0.366  -2.840 6.346 -1.087 20.562 65.327 -3.959 -0.402 5.347 18.575 0.982  
68.150 4 AA_G1004A1006:U1007A1009_AA A 1004 ? A 1009 ? A 1006 ? A 1007 ? 
1 A A 6  1_555 A U 7  2_656 A U 7  1_555 A A 6  2_656 0.000  -1.193 3.348 0.000  10.166 32.822 -3.571 0.000  2.862 17.477 0.000  
34.319 5 AA_A1006U1007:A1006U1007_AA A 1006 ? A 1007 ? A 1007 ? A 1006 ? 
1 A U 7  1_555 A A 6  2_656 A A 9  1_555 A G 4  2_656 -0.366 -2.840 6.346 1.087  20.562 65.327 -3.959 0.402  5.347 18.575 -0.982 
68.150 6 AA_U1007A1009:G1004A1006_AA A 1007 ? A 1006 ? A 1009 ? A 1004 ? 
1 A A 9  1_555 A G 4  2_656 A G 10 1_555 A C 3  2_656 0.948  -1.259 3.080 -2.789 9.293  26.417 -4.478 -2.519 2.397 19.518 5.857  
28.112 7 AA_A1009G1010:C1003G1004_AA A 1009 ? A 1004 ? A 1010 ? A 1003 ? 
1 A G 10 1_555 A C 3  2_656 A C 11 1_555 A G 2  2_656 0.537  -1.245 3.192 2.653  3.653  36.000 -2.493 -0.504 3.086 5.882  -4.272 
36.273 8 AA_G1010C1011:G1002C1003_AA A 1010 ? A 1003 ? A 1011 ? A 1002 ? 
1 A C 11 1_555 A G 2  2_656 A G 12 1_555 A C 1  2_656 0.345  -1.736 3.440 2.780  15.394 32.324 -4.912 -0.184 2.413 25.849 -4.667 
35.819 9 AA_C1011G1012:C1001G1002_AA A 1011 ? A 1002 ? A 1012 ? A 1001 ? 
# 
loop_
_pdbx_audit_support.funding_organization 
_pdbx_audit_support.country 
_pdbx_audit_support.grant_number 
_pdbx_audit_support.ordinal 
'Austrian Science Fund'              Austria P31691                        1 
'Austrian Science Fund'              Austria F8011-B                       2 
'Austrian Science Fund'              Austria P32773                        3 
'Austrian Science Fund'              Austria P30087                        4 
'Austrian Research Promotion Agency' Austria 'West Austrian BioNMR 858017' 5 
# 
_pdbx_entity_instance_feature.ordinal        1 
_pdbx_entity_instance_feature.comp_id        XMP 
_pdbx_entity_instance_feature.asym_id        ? 
_pdbx_entity_instance_feature.seq_num        ? 
_pdbx_entity_instance_feature.auth_comp_id   XMP 
_pdbx_entity_instance_feature.auth_asym_id   ? 
_pdbx_entity_instance_feature.auth_seq_num   ? 
_pdbx_entity_instance_feature.feature_type   'SUBJECT OF INVESTIGATION' 
_pdbx_entity_instance_feature.details        ? 
# 
_pdbx_initial_refinement_model.id               1 
_pdbx_initial_refinement_model.entity_id_list   ? 
_pdbx_initial_refinement_model.type             'experimental model' 
_pdbx_initial_refinement_model.source_name      PDB 
_pdbx_initial_refinement_model.accession_code   2Q1R 
_pdbx_initial_refinement_model.details          ? 
# 
_space_group.name_H-M_alt     'C 1 2 1' 
_space_group.name_Hall        'C 2y' 
_space_group.IT_number        5 
_space_group.crystal_system   monoclinic 
_space_group.id               1 
# 
_atom_sites.entry_id                    7QUA 
_atom_sites.Cartn_transf_matrix[1][1]   ? 
_atom_sites.Cartn_transf_matrix[1][2]   ? 
_atom_sites.Cartn_transf_matrix[1][3]   ? 
_atom_sites.Cartn_transf_matrix[2][1]   ? 
_atom_sites.Cartn_transf_matrix[2][2]   ? 
_atom_sites.Cartn_transf_matrix[2][3]   ? 
_atom_sites.Cartn_transf_matrix[3][1]   ? 
_atom_sites.Cartn_transf_matrix[3][2]   ? 
_atom_sites.Cartn_transf_matrix[3][3]   ? 
_atom_sites.Cartn_transf_vector[1]      ? 
_atom_sites.Cartn_transf_vector[2]      ? 
_atom_sites.Cartn_transf_vector[3]      ? 
_atom_sites.fract_transf_matrix[1][1]   -0.01812086 
_atom_sites.fract_transf_matrix[1][2]   -0.01266623 
_atom_sites.fract_transf_matrix[1][3]   0.02223276 
_atom_sites.fract_transf_matrix[2][1]   0.02223648 
_atom_sites.fract_transf_matrix[2][2]   -0.01490500 
_atom_sites.fract_transf_matrix[2][3]   0.00963236 
_atom_sites.fract_transf_matrix[3][1]   -0.00733345 
_atom_sites.fract_transf_matrix[3][2]   0.01322124 
_atom_sites.fract_transf_matrix[3][3]   0.03738780 
_atom_sites.fract_transf_vector[1]      0.449115 
_atom_sites.fract_transf_vector[2]      0.027366 
_atom_sites.fract_transf_vector[3]      0.487470 
_atom_sites.solution_primary            ? 
_atom_sites.solution_secondary          ? 
_atom_sites.solution_hydrogens          ? 
_atom_sites.special_details             ? 
# 
loop_
_atom_type.symbol 
_atom_type.scat_dispersion_real 
_atom_type.scat_dispersion_imag 
_atom_type.scat_Cromer_Mann_a1 
_atom_type.scat_Cromer_Mann_a2 
_atom_type.scat_Cromer_Mann_a3 
_atom_type.scat_Cromer_Mann_a4 
_atom_type.scat_Cromer_Mann_b1 
_atom_type.scat_Cromer_Mann_b2 
_atom_type.scat_Cromer_Mann_b3 
_atom_type.scat_Cromer_Mann_b4 
_atom_type.scat_Cromer_Mann_c 
_atom_type.scat_source 
_atom_type.scat_dispersion_source 
C  ? ? 3.54356 2.42580 ?       ? 25.62398 1.50364  ?        ? 0.0 
;2-Gaussian fit: Grosse-Kunstleve RW, Sauter NK, Adams PD: Newsletter of the IUCr Commission on Crystallographic Computing 2004, 3, 22-31.
;
? 
H  ? ? 0.53795 0.34799 0.11320 ? 10.08003 29.74760 2.57510  ? 0.0 
;3-Gaussian fit: Grosse-Kunstleve RW, Sauter NK, Adams PD: Newsletter of the IUCr Commission on Crystallographic Computing 2004, 3, 22-31.
;
? 
MG ? ? 6.67814 2.96430 2.32496 ? 4.14073  0.42890  71.01992 ? 0.0 
;3-Gaussian fit: Grosse-Kunstleve RW, Sauter NK, Adams PD: Newsletter of the IUCr Commission on Crystallographic Computing 2004, 3, 22-31.
;
? 
N  ? ? 4.01032 2.96436 ?       ? 19.97189 1.75589  ?        ? 0.0 
;2-Gaussian fit: Grosse-Kunstleve RW, Sauter NK, Adams PD: Newsletter of the IUCr Commission on Crystallographic Computing 2004, 3, 22-31.
;
? 
NA ? ? 6.63511 3.01293 1.30238 ? 5.54423  0.54580  90.85902 ? 0.0 
;3-Gaussian fit: Grosse-Kunstleve RW, Sauter NK, Adams PD: Newsletter of the IUCr Commission on Crystallographic Computing 2004, 3, 22-31.
;
? 
O  ? ? 4.49882 3.47563 ?       ? 15.80542 1.70748  ?        ? 0.0 
;2-Gaussian fit: Grosse-Kunstleve RW, Sauter NK, Adams PD: Newsletter of the IUCr Commission on Crystallographic Computing 2004, 3, 22-31.
;
? 
P  ? ? 9.51135 5.44231 ?       ? 1.42069  35.72801 ?        ? 0.0 
;2-Gaussian fit: Grosse-Kunstleve RW, Sauter NK, Adams PD: Newsletter of the IUCr Commission on Crystallographic Computing 2004, 3, 22-31.
;
? 
# 
loop_
_atom_site.group_PDB 
_atom_site.id 
_atom_site.type_symbol 
_atom_site.label_atom_id 
_atom_site.label_alt_id 
_atom_site.label_comp_id 
_atom_site.label_asym_id 
_atom_site.label_entity_id 
_atom_site.label_seq_id 
_atom_site.pdbx_PDB_ins_code 
_atom_site.Cartn_x 
_atom_site.Cartn_y 
_atom_site.Cartn_z 
_atom_site.occupancy 
_atom_site.B_iso_or_equiv 
_atom_site.pdbx_formal_charge 
_atom_site.auth_seq_id 
_atom_site.auth_comp_id 
_atom_site.auth_asym_id 
_atom_site.auth_atom_id 
_atom_site.pdbx_PDB_model_num 
ATOM   1   O  "O5'"  A C   A 1 1  ? -2.99038  0.15298   16.39920  0.399 12.04031 ? 1001 C   A "O5'"  1 
ATOM   2   O  "O5'"  B C   A 1 1  ? -3.93255  -0.53783  14.41323  0.601 13.17937 ? 1001 C   A "O5'"  1 
ATOM   3   C  "C5'"  A C   A 1 1  ? -2.94720  -0.63465  15.22082  0.399 11.73641 ? 1001 C   A "C5'"  1 
ATOM   4   C  "C5'"  B C   A 1 1  ? -2.90367  -0.68301  15.37719  0.601 12.37657 ? 1001 C   A "C5'"  1 
ATOM   5   C  "C4'"  A C   A 1 1  ? -2.63491  -2.07141  15.53977  0.399 11.24484 ? 1001 C   A "C4'"  1 
ATOM   6   C  "C4'"  B C   A 1 1  ? -2.58331  -2.13405  15.61400  0.601 11.44193 ? 1001 C   A "C4'"  1 
ATOM   7   O  "O4'"  A C   A 1 1  ? -3.82563  -2.74856  16.02748  0.399 10.64774 ? 1001 C   A "O4'"  1 
ATOM   8   O  "O4'"  B C   A 1 1  ? -3.75972  -2.83416  16.10248  0.601 10.55923 ? 1001 C   A "O4'"  1 
ATOM   9   C  "C3'"  A C   A 1 1  ? -2.18278  -2.92786  14.37160  0.399 11.28789 ? 1001 C   A "C3'"  1 
ATOM   10  C  "C3'"  B C   A 1 1  ? -2.16560  -2.93277  14.39135  0.601 11.28104 ? 1001 C   A "C3'"  1 
ATOM   11  O  "O3'"  A C   A 1 1  ? -0.81957  -2.73100  14.05244  0.399 12.10895 ? 1001 C   A "O3'"  1 
ATOM   12  O  "O3'"  B C   A 1 1  ? -0.81006  -2.72236  14.05263  0.601 12.08936 ? 1001 C   A "O3'"  1 
ATOM   13  C  "C2'"  A C   A 1 1  ? -2.50066  -4.32652  14.86578  0.399 10.74653 ? 1001 C   A "C2'"  1 
ATOM   14  C  "C2'"  B C   A 1 1  ? -2.47388  -4.35285  14.82282  0.601 10.66484 ? 1001 C   A "C2'"  1 
ATOM   15  O  "O2'"  A C   A 1 1  ? -1.53725  -4.73729  15.82405  0.399 10.91937 ? 1001 C   A "O2'"  1 
ATOM   16  O  "O2'"  B C   A 1 1  ? -1.47840  -4.80618  15.72904  0.601 11.02658 ? 1001 C   A "O2'"  1 
ATOM   17  C  "C1'"  A C   A 1 1  ? -3.82861  -4.08766  15.57825  0.399 10.42969 ? 1001 C   A "C1'"  1 
ATOM   18  C  "C1'"  B C   A 1 1  ? -3.78109  -4.14707  15.58304  0.601 10.08355 ? 1001 C   A "C1'"  1 
ATOM   19  N  N1     A C   A 1 1  ? -5.00020  -4.28746  14.68975  0.399 10.06258 ? 1001 C   A N1     1 
ATOM   20  N  N1     B C   A 1 1  ? -4.99398  -4.30982  14.73711  0.601 9.14876  ? 1001 C   A N1     1 
ATOM   21  C  C2     A C   A 1 1  ? -5.39017  -5.59202  14.38366  0.399 10.11850 ? 1001 C   A C2     1 
ATOM   22  C  C2     B C   A 1 1  ? -5.38093  -5.60851  14.40963  0.601 8.60252  ? 1001 C   A C2     1 
ATOM   23  O  O2     A C   A 1 1  ? -4.73364  -6.53680  14.84103  0.399 10.22772 ? 1001 C   A O2     1 
ATOM   24  O  O2     B C   A 1 1  ? -4.67373  -6.55406  14.79326  0.601 8.59766  ? 1001 C   A O2     1 
ATOM   25  N  N3     A C   A 1 1  ? -6.47010  -5.79307  13.59629  0.399 10.21975 ? 1001 C   A N3     1 
ATOM   26  N  N3     B C   A 1 1  ? -6.50792  -5.79515  13.68332  0.601 8.32211  ? 1001 C   A N3     1 
ATOM   27  C  C4     A C   A 1 1  ? -7.15232  -4.75389  13.11830  0.399 10.34253 ? 1001 C   A C4     1 
ATOM   28  C  C4     B C   A 1 1  ? -7.23499  -4.75364  13.28485  0.601 8.42856  ? 1001 C   A C4     1 
ATOM   29  N  N4     A C   A 1 1  ? -8.20613  -4.99929  12.33528  0.399 10.65001 ? 1001 C   A N4     1 
ATOM   30  N  N4     B C   A 1 1  ? -8.33094  -4.99713  12.55699  0.601 8.70160  ? 1001 C   A N4     1 
ATOM   31  C  C5     A C   A 1 1  ? -6.77631  -3.41136  13.40581  0.399 10.24640 ? 1001 C   A C5     1 
ATOM   32  C  C5     B C   A 1 1  ? -6.86514  -3.41426  13.59719  0.601 9.28125  ? 1001 C   A C5     1 
ATOM   33  C  C6     A C   A 1 1  ? -5.70821  -3.22792  14.19078  0.399 9.98923  ? 1001 C   A C6     1 
ATOM   34  C  C6     B C   A 1 1  ? -5.75186  -3.24354  14.32390  0.601 9.34487  ? 1001 C   A C6     1 
ATOM   35  H  "H5'"  A C   A 1 1  ? -2.26387  -0.28414  14.62829  0.399 14.07248 ? 1001 C   A "H5'"  1 
ATOM   36  H  "H5'"  B C   A 1 1  ? -3.18974  -0.27966  16.21166  0.601 14.84068 ? 1001 C   A "H5'"  1 
ATOM   37  H  "H5''" A C   A 1 1  ? -3.80701  -0.58715  14.77429  0.399 14.07248 ? 1001 C   A "H5''" 1 
ATOM   38  H  "H5''" B C   A 1 1  ? -2.10660  -0.22792  15.06337  0.601 14.84068 ? 1001 C   A "H5''" 1 
ATOM   39  H  "H4'"  A C   A 1 1  ? -1.95757  -2.09492  16.23372  0.399 13.48261 ? 1001 C   A "H4'"  1 
ATOM   40  H  "H4'"  B C   A 1 1  ? -1.88519  -2.19184  16.28496  0.601 13.71910 ? 1001 C   A "H4'"  1 
ATOM   41  H  "H3'"  A C   A 1 1  ? -2.72349  -2.73382  13.59001  0.399 13.53426 ? 1001 C   A "H3'"  1 
ATOM   42  H  "H3'"  B C   A 1 1  ? -2.72553  -2.70032  13.63417  0.601 13.52604 ? 1001 C   A "H3'"  1 
ATOM   43  H  "H2'"  A C   A 1 1  ? -2.58980  -4.96656  14.14238  0.399 12.88463 ? 1001 C   A "H2'"  1 
ATOM   44  H  "H2'"  B C   A 1 1  ? -2.58911  -4.95939  14.07467  0.601 12.78660 ? 1001 C   A "H2'"  1 
ATOM   45  H  "HO2'" A C   A 1 1  ? -1.90340  -5.25426  16.37567  0.399 13.09204 ? 1001 C   A "HO2'" 1 
ATOM   46  H  "HO2'" B C   A 1 1  ? -1.83775  -5.30092  16.30497  0.601 13.22069 ? 1001 C   A "HO2'" 1 
ATOM   47  H  "H1'"  A C   A 1 1  ? -3.90203  -4.69124  16.33405  0.399 12.50442 ? 1001 C   A "H1'"  1 
ATOM   48  H  "H1'"  B C   A 1 1  ? -3.82847  -4.79188  16.30615  0.601 12.08905 ? 1001 C   A "H1'"  1 
ATOM   49  H  H41    A C   A 1 1  ? -8.66400  -4.34634  12.01340  0.399 12.76881 ? 1001 C   A H41    1 
ATOM   50  H  H41    B C   A 1 1  ? -8.82049  -4.34435  12.28530  0.601 10.43072 ? 1001 C   A H41    1 
ATOM   51  H  H42    A C   A 1 1  ? -8.42681  -5.81025  12.15298  0.399 12.76881 ? 1001 C   A H42    1 
ATOM   52  H  H42    B C   A 1 1  ? -8.54583  -5.80642  12.36084  0.601 10.43072 ? 1001 C   A H42    1 
ATOM   53  H  H5     A C   A 1 1  ? -7.25360  -2.69100  13.06205  0.399 12.28448 ? 1001 C   A H5     1 
ATOM   54  H  H5     B C   A 1 1  ? -7.37339  -2.69039  13.30978  0.601 11.12630 ? 1001 C   A H5     1 
ATOM   55  H  H6     A C   A 1 1  ? -5.44146  -2.36232  14.40167  0.399 11.97587 ? 1001 C   A H6     1 
ATOM   56  H  H6     B C   A 1 1  ? -5.48699  -2.38209  14.55335  0.601 11.20264 ? 1001 C   A H6     1 
ATOM   57  H  "HO5'" A C   A 1 1  ? -3.02694  0.99050   16.34318  0.399 14.43717 ? 1001 C   A "HO5'" 1 
ATOM   58  H  "HO5'" B C   A 1 1  ? -4.24766  0.22245   14.24358  0.601 15.80404 ? 1001 C   A "HO5'" 1 
ATOM   59  P  P      . G   A 1 2  ? -0.29786  -2.91885  12.54951  1.000 13.00035 ? 1002 G   A P      1 
ATOM   60  O  OP1    . G   A 1 2  ? 1.11811   -2.50118  12.54569  1.000 14.34845 ? 1002 G   A OP1    1 
ATOM   61  O  OP2    . G   A 1 2  ? -1.24775  -2.32057  11.60036  1.000 14.03010 ? 1002 G   A OP2    1 
ATOM   62  O  "O5'"  . G   A 1 2  ? -0.38054  -4.47708  12.30059  1.000 12.87487 ? 1002 G   A "O5'"  1 
ATOM   63  C  "C5'"  . G   A 1 2  ? 0.47644   -5.37167  12.97862  1.000 12.85713 ? 1002 G   A "C5'"  1 
ATOM   64  C  "C4'"  . G   A 1 2  ? 0.16334   -6.77106  12.54794  1.000 12.70176 ? 1002 G   A "C4'"  1 
ATOM   65  O  "O4'"  . G   A 1 2  ? -1.18764  -7.10804  12.92556  1.000 12.57352 ? 1002 G   A "O4'"  1 
ATOM   66  C  "C3'"  . G   A 1 2  ? 0.17784   -7.00764  11.05152  1.000 12.44333 ? 1002 G   A "C3'"  1 
ATOM   67  O  "O3'"  . G   A 1 2  ? 1.47230   -7.16705  10.54558  1.000 12.70855 ? 1002 G   A "O3'"  1 
ATOM   68  C  "C2'"  . G   A 1 2  ? -0.67725  -8.24122  10.91915  1.000 12.43092 ? 1002 G   A "C2'"  1 
ATOM   69  O  "O2'"  . G   A 1 2  ? 0.03508   -9.39033  11.35584  1.000 13.23932 ? 1002 G   A "O2'"  1 
ATOM   70  C  "C1'"  . G   A 1 2  ? -1.75258  -7.93595  11.92822  1.000 12.02929 ? 1002 G   A "C1'"  1 
ATOM   71  N  N9     . G   A 1 2  ? -2.93580  -7.27213  11.36958  1.000 11.08876 ? 1002 G   A N9     1 
ATOM   72  C  C8     . G   A 1 2  ? -3.35316  -5.98405  11.55606  1.000 11.36010 ? 1002 G   A C8     1 
ATOM   73  N  N7     . G   A 1 2  ? -4.50561  -5.72913  11.00025  1.000 11.13908 ? 1002 G   A N7     1 
ATOM   74  C  C5     . G   A 1 2  ? -4.88372  -6.92708  10.43102  1.000 10.37950 ? 1002 G   A C5     1 
ATOM   75  C  C6     . G   A 1 2  ? -6.05214  -7.28142  9.72331   1.000 9.86606  ? 1002 G   A C6     1 
ATOM   76  O  O6     . G   A 1 2  ? -7.04256  -6.58342  9.47331   1.000 9.91510  ? 1002 G   A O6     1 
ATOM   77  N  N1     . G   A 1 2  ? -6.00561  -8.60843  9.31162   1.000 9.82650  ? 1002 G   A N1     1 
ATOM   78  C  C2     . G   A 1 2  ? -4.97286  -9.46964  9.54736   1.000 9.97401  ? 1002 G   A C2     1 
ATOM   79  N  N2     . G   A 1 2  ? -5.10875  -10.69547 9.04458   1.000 10.50327 ? 1002 G   A N2     1 
ATOM   80  N  N3     . G   A 1 2  ? -3.88840  -9.16426  10.23221  1.000 10.16818 ? 1002 G   A N3     1 
ATOM   81  C  C4     . G   A 1 2  ? -3.91959  -7.88625  10.64623  1.000 10.13245 ? 1002 G   A C4     1 
ATOM   82  H  "H5'"  . G   A 1 2  ? 0.34537   -5.28740  13.93602  1.000 15.41735 ? 1002 G   A "H5'"  1 
ATOM   83  H  "H5''" . G   A 1 2  ? 1.39984   -5.16348  12.76675  1.000 15.41735 ? 1002 G   A "H5''" 1 
ATOM   84  H  "H4'"  . G   A 1 2  ? 0.77768   -7.38267  12.98317  1.000 15.23090 ? 1002 G   A "H4'"  1 
ATOM   85  H  "H3'"  . G   A 1 2  ? -0.25375  -6.26636  10.59859  1.000 14.92079 ? 1002 G   A "H3'"  1 
ATOM   86  H  "H2'"  . G   A 1 2  ? -1.03114  -8.35572  10.02330  1.000 14.90589 ? 1002 G   A "H2'"  1 
ATOM   87  H  "HO2'" . G   A 1 2  ? -0.04142  -9.45905  12.18953  1.000 15.87598 ? 1002 G   A "HO2'" 1 
ATOM   88  H  "H1'"  . G   A 1 2  ? -2.04214  -8.77449  12.32053  1.000 14.42395 ? 1002 G   A "H1'"  1 
ATOM   89  H  H8     . G   A 1 2  ? -2.86419  -5.35209  12.03190  1.000 13.62091 ? 1002 G   A H8     1 
ATOM   90  H  H1     . G   A 1 2  ? -6.68110  -8.91089  8.87363   1.000 11.78059 ? 1002 G   A H1     1 
ATOM   91  H  H21    . G   A 1 2  ? -5.81375  -10.90092 8.59694   1.000 12.59272 ? 1002 G   A H21    1 
ATOM   92  H  H22    . G   A 1 2  ? -4.49151  -11.28155 9.16757   1.000 12.59272 ? 1002 G   A H22    1 
ATOM   93  P  P      . C   A 1 3  ? 1.77517   -6.75925  9.03281   1.000 12.92625 ? 1003 C   A P      1 
ATOM   94  O  OP1    . C   A 1 3  ? 3.25523   -6.86761  8.88599   1.000 13.75799 ? 1003 C   A OP1    1 
ATOM   95  O  OP2    . C   A 1 3  ? 1.09216   -5.49782  8.67994   1.000 13.70082 ? 1003 C   A OP2    1 
ATOM   96  O  "O5'"  . C   A 1 3  ? 1.06321   -7.89529  8.16629   1.000 11.98741 ? 1003 C   A "O5'"  1 
ATOM   97  C  "C5'"  . C   A 1 3  ? 1.50110   -9.24273  8.22407   1.000 11.48427 ? 1003 C   A "C5'"  1 
ATOM   98  C  "C4'"  . C   A 1 3  ? 0.63248   -10.12757 7.36912   1.000 10.12161 ? 1003 C   A "C4'"  1 
ATOM   99  O  "O4'"  . C   A 1 3  ? -0.72008  -10.15127 7.89200   1.000 9.55340  ? 1003 C   A "O4'"  1 
ATOM   100 C  "C3'"  . C   A 1 3  ? 0.44408   -9.70658  5.92079   1.000 9.04636  ? 1003 C   A "C3'"  1 
ATOM   101 O  "O3'"  . C   A 1 3  ? 1.53878   -10.06332 5.11349   1.000 9.67083  ? 1003 C   A "O3'"  1 
ATOM   102 C  "C2'"  . C   A 1 3  ? -0.82934  -10.44241 5.54944   1.000 8.80287  ? 1003 C   A "C2'"  1 
ATOM   103 O  "O2'"  . C   A 1 3  ? -0.57175  -11.83603 5.40616   1.000 9.40084  ? 1003 C   A "O2'"  1 
ATOM   104 C  "C1'"  . C   A 1 3  ? -1.63823  -10.25045 6.81620   1.000 8.91518  ? 1003 C   A "C1'"  1 
ATOM   105 N  N1     . C   A 1 3  ? -2.49197  -9.04062  6.79504   1.000 8.69815  ? 1003 C   A N1     1 
ATOM   106 C  C2     . C   A 1 3  ? -3.75026  -9.12867  6.19945   1.000 8.29946  ? 1003 C   A C2     1 
ATOM   107 O  O2     . C   A 1 3  ? -4.04361  -10.17893 5.61218   1.000 8.54822  ? 1003 C   A O2     1 
ATOM   108 N  N3     . C   A 1 3  ? -4.57947  -8.05516  6.24601   1.000 8.29894  ? 1003 C   A N3     1 
ATOM   109 C  C4     . C   A 1 3  ? -4.17514  -6.92816  6.84524   1.000 8.46765  ? 1003 C   A C4     1 
ATOM   110 N  N4     . C   A 1 3  ? -5.01159  -5.89117  6.90332   1.000 8.69340  ? 1003 C   A N4     1 
ATOM   111 C  C5     . C   A 1 3  ? -2.88769  -6.82455  7.44262   1.000 9.06392  ? 1003 C   A C5     1 
ATOM   112 C  C6     . C   A 1 3  ? -2.09916  -7.89808  7.41437   1.000 9.13781  ? 1003 C   A C6     1 
ATOM   113 H  "H5'"  . C   A 1 3  ? 1.46471   -9.55125  9.14297   1.000 13.76992 ? 1003 C   A "H5'"  1 
ATOM   114 H  "H5''" . C   A 1 3  ? 2.41723   -9.29459  7.90957   1.000 13.76992 ? 1003 C   A "H5''" 1 
ATOM   115 H  "H4'"  . C   A 1 3  ? 1.00188   -11.02423 7.38978   1.000 12.13472 ? 1003 C   A "H4'"  1 
ATOM   116 H  "H3'"  . C   A 1 3  ? 0.30045   -8.74857  5.87108   1.000 10.84443 ? 1003 C   A "H3'"  1 
ATOM   117 H  "H2'"  . C   A 1 3  ? -1.26104  -10.06528 4.76695   1.000 10.55223 ? 1003 C   A "H2'"  1 
ATOM   118 H  "HO2'" . C   A 1 3  ? -0.04939  -11.95245 4.75872   1.000 11.26980 ? 1003 C   A "HO2'" 1 
ATOM   119 H  "H1'"  . C   A 1 3  ? -2.21267  -11.02179 6.94257   1.000 10.68701 ? 1003 C   A "H1'"  1 
ATOM   120 H  H41    . C   A 1 3  ? -4.76537  -5.16096  7.28513   1.000 10.42087 ? 1003 C   A H41    1 
ATOM   121 H  H42    . C   A 1 3  ? -5.79723  -5.95262  6.55894   1.000 10.42087 ? 1003 C   A H42    1 
ATOM   122 H  H5     . C   A 1 3  ? -2.60565  -6.03252  7.84018   1.000 10.86550 ? 1003 C   A H5     1 
ATOM   123 H  H6     . C   A 1 3  ? -1.26579  -7.86424  7.82575   1.000 10.95416 ? 1003 C   A H6     1 
ATOM   124 P  P      . G   A 1 4  ? 2.31682   -8.98378  4.23385   1.000 10.54241 ? 1004 G   A P      1 
ATOM   125 O  OP1    . G   A 1 4  ? 3.72070   -9.43334  4.10824   1.000 12.54024 ? 1004 G   A OP1    1 
ATOM   126 O  OP2    . G   A 1 4  ? 1.97043   -7.60586  4.63815   1.000 11.99466 ? 1004 G   A OP2    1 
ATOM   127 O  "O5'"  . G   A 1 4  ? 1.63156   -9.07546  2.78925   1.000 10.65618 ? 1004 G   A "O5'"  1 
ATOM   128 C  "C5'"  . G   A 1 4  ? 1.85303   -10.21263 1.98156   1.000 10.37874 ? 1004 G   A "C5'"  1 
ATOM   129 C  "C4'"  . G   A 1 4  ? 0.59372   -10.62329 1.29380   1.000 9.66107  ? 1004 G   A "C4'"  1 
ATOM   130 O  "O4'"  . G   A 1 4  ? -0.48438  -10.72823 2.25403   1.000 9.46017  ? 1004 G   A "O4'"  1 
ATOM   131 C  "C3'"  . G   A 1 4  ? 0.03494   -9.69819  0.23441   1.000 9.27967  ? 1004 G   A "C3'"  1 
ATOM   132 O  "O3'"  . G   A 1 4  ? 0.75497   -9.80577  -0.97383  1.000 9.57857  ? 1004 G   A "O3'"  1 
ATOM   133 C  "C2'"  . G   A 1 4  ? -1.38666  -10.21352 0.13637   1.000 9.29100  ? 1004 G   A "C2'"  1 
ATOM   134 O  "O2'"  . G   A 1 4  ? -1.38776  -11.47961 -0.51890  1.000 10.62636 ? 1004 G   A "O2'"  1 
ATOM   135 C  "C1'"  . G   A 1 4  ? -1.70313  -10.41653 1.61540   1.000 8.94193  ? 1004 G   A "C1'"  1 
ATOM   136 N  N9     . G   A 1 4  ? -2.27082  -9.20266  2.23324   1.000 8.25795  ? 1004 G   A N9     1 
ATOM   137 C  C8     . G   A 1 4  ? -1.67600  -8.27080  3.04382   1.000 8.54702  ? 1004 G   A C8     1 
ATOM   138 N  N7     . G   A 1 4  ? -2.47919  -7.31276  3.43964   1.000 8.20280  ? 1004 G   A N7     1 
ATOM   139 C  C5     . G   A 1 4  ? -3.68238  -7.64887  2.85007   1.000 7.96119  ? 1004 G   A C5     1 
ATOM   140 C  C6     . G   A 1 4  ? -4.94107  -6.98424  2.88559   1.000 7.61318  ? 1004 G   A C6     1 
ATOM   141 O  O6     . G   A 1 4  ? -5.25190  -5.95317  3.49892   1.000 7.89178  ? 1004 G   A O6     1 
ATOM   142 N  N1     . G   A 1 4  ? -5.89448  -7.63825  2.10209   1.000 8.08085  ? 1004 G   A N1     1 
ATOM   143 C  C2     . G   A 1 4  ? -5.66914  -8.79822  1.40229   1.000 8.75588  ? 1004 G   A C2     1 
ATOM   144 N  N2     . G   A 1 4  ? -6.70916  -9.28408  0.70453   1.000 9.83933  ? 1004 G   A N2     1 
ATOM   145 N  N3     . G   A 1 4  ? -4.49891  -9.42472  1.36894   1.000 8.56078  ? 1004 G   A N3     1 
ATOM   146 C  C4     . G   A 1 4  ? -3.55967  -8.79203  2.10275   1.000 7.91314  ? 1004 G   A C4     1 
ATOM   147 H  "H5'"  . G   A 1 4  ? 2.16805   -10.94329 2.53635   1.000 12.44328 ? 1004 G   A "H5'"  1 
ATOM   148 H  "H5''" . G   A 1 4  ? 2.52874   -10.00681 1.31678   1.000 12.44328 ? 1004 G   A "H5''" 1 
ATOM   149 H  "H4'"  . G   A 1 4  ? 0.75370   -11.48809 0.88462   1.000 11.58207 ? 1004 G   A "H4'"  1 
ATOM   150 H  "H3'"  . G   A 1 4  ? 0.03505   -8.77512  0.53248   1.000 11.12439 ? 1004 G   A "H3'"  1 
ATOM   151 H  "H2'"  . G   A 1 4  ? -1.99951  -9.58798  -0.28078  1.000 11.13799 ? 1004 G   A "H2'"  1 
ATOM   152 H  "HO2'" . G   A 1 4  ? -1.33634  -12.08682 0.05925   1.000 12.74043 ? 1004 G   A "HO2'" 1 
ATOM   153 H  "H1'"  . G   A 1 4  ? -2.32954  -11.14886 1.72584   1.000 10.71911 ? 1004 G   A "H1'"  1 
ATOM   154 H  H8     . G   A 1 4  ? -0.78064  -8.31428  3.29149   1.000 10.24522 ? 1004 G   A H8     1 
ATOM   155 H  H1     . G   A 1 4  ? -6.67913  -7.28947  2.05444   1.000 9.68581  ? 1004 G   A H1     1 
ATOM   156 H  H21    . G   A 1 4  ? -7.46762  -8.87924  0.72530   1.000 11.79599 ? 1004 G   A H21    1 
ATOM   157 H  H22    . G   A 1 4  ? -6.61651  -9.99996  0.23707   1.000 11.79599 ? 1004 G   A H22    1 
HETATM 158 P  P      . XMP A 1 5  ? 0.79182   -8.60066  -2.05016  1.000 10.97425 ? 1005 XMP A P      1 
HETATM 159 O  O1P    . XMP A 1 5  ? 1.65076   -9.25502  -3.01550  1.000 12.43912 ? 1005 XMP A O1P    1 
HETATM 160 O  "O5'"  . XMP A 1 5  ? -0.72846  -8.45089  -2.47303  1.000 10.51992 ? 1005 XMP A "O5'"  1 
HETATM 161 O  O3P    . XMP A 1 5  ? 1.09676   -7.43413  -1.25438  1.000 12.42895 ? 1005 XMP A O3P    1 
HETATM 162 C  "C5'"  . XMP A 1 5  ? -1.39868  -9.41038  -3.26903  1.000 10.68228 ? 1005 XMP A "C5'"  1 
HETATM 163 C  "C4'"  . XMP A 1 5  ? -2.82470  -8.98772  -3.47729  1.000 10.31295 ? 1005 XMP A "C4'"  1 
HETATM 164 O  "O4'"  . XMP A 1 5  ? -3.49942  -8.89399  -2.19646  1.000 10.40761 ? 1005 XMP A "O4'"  1 
HETATM 165 C  "C1'"  . XMP A 1 5  ? -4.41599  -7.81313  -2.21676  1.000 9.74262  ? 1005 XMP A "C1'"  1 
HETATM 166 N  N9     . XMP A 1 5  ? -3.99037  -6.80617  -1.19930  1.000 9.00301  ? 1005 XMP A N9     1 
HETATM 167 C  C4     . XMP A 1 5  ? -4.74370  -5.91918  -0.74563  1.000 9.09601  ? 1005 XMP A C4     1 
HETATM 168 N  N3     . XMP A 1 5  ? -6.08219  -5.62081  -1.04769  1.000 8.86942  ? 1005 XMP A N3     1 
HETATM 169 N  N1     . XMP A 1 5  ? -5.88927  -3.79254  0.64098   1.000 8.53070  ? 1005 XMP A N1     1 
HETATM 170 C  C2     . XMP A 1 5  ? -6.61499  -4.53210  -0.33311  1.000 8.81305  ? 1005 XMP A C2     1 
HETATM 171 O  O2     . XMP A 1 5  ? -7.85373  -4.13575  -0.57294  1.000 9.12761  ? 1005 XMP A O2     1 
HETATM 172 C  C6     . XMP A 1 5  ? -4.56819  -4.10435  0.92363   1.000 9.13499  ? 1005 XMP A C6     1 
HETATM 173 O  O6     . XMP A 1 5  ? -3.92852  -3.35777  1.84524   1.000 9.20589  ? 1005 XMP A O6     1 
HETATM 174 C  C5     . XMP A 1 5  ? -4.00820  -5.22004  0.16915   1.000 9.35403  ? 1005 XMP A C5     1 
HETATM 175 N  N7     . XMP A 1 5  ? -2.65438  -5.77610  0.22740   1.000 9.74831  ? 1005 XMP A N7     1 
HETATM 176 C  C8     . XMP A 1 5  ? -2.78856  -6.81381  -0.71959  1.000 9.70114  ? 1005 XMP A C8     1 
HETATM 177 C  "C2'"  . XMP A 1 5  ? -4.42547  -7.26453  -3.64861  1.000 10.42864 ? 1005 XMP A "C2'"  1 
HETATM 178 O  "O2'"  . XMP A 1 5  ? -5.37472  -7.98578  -4.42450  1.000 11.34635 ? 1005 XMP A "O2'"  1 
HETATM 179 C  "C3'"  . XMP A 1 5  ? -3.01456  -7.60752  -4.08681  1.000 10.20201 ? 1005 XMP A "C3'"  1 
HETATM 180 O  "O3'"  . XMP A 1 5  ? -2.83505  -7.65384  -5.48547  1.000 10.36203 ? 1005 XMP A "O3'"  1 
HETATM 181 H  "H5'2" . XMP A 1 5  ? -0.95501  -9.48296  -4.12856  1.000 12.80753 ? 1005 XMP A "H5'2" 1 
HETATM 182 H  "H5'1" . XMP A 1 5  ? -1.37941  -10.27079 -2.82157  1.000 12.80753 ? 1005 XMP A "H5'1" 1 
HETATM 183 H  "H4'"  . XMP A 1 5  ? -3.28042  -9.64618  -4.02470  1.000 12.36434 ? 1005 XMP A "H4'"  1 
HETATM 184 H  "H1'"  . XMP A 1 5  ? -5.30686  -8.12310  -1.99055  1.000 11.67993 ? 1005 XMP A "H1'"  1 
HETATM 185 H  H3     . XMP A 1 5  ? -6.53942  -6.06748  -1.62304  1.000 10.63209 ? 1005 XMP A H3     1 
HETATM 186 H  H1     . XMP A 1 5  ? -6.27328  -3.14612  1.05845   1.000 10.22563 ? 1005 XMP A H1     1 
HETATM 187 H  H8     . XMP A 1 5  ? -2.23091  -7.55757  -0.74688  1.000 11.63017 ? 1005 XMP A H8     1 
HETATM 188 H  "H2'"  . XMP A 1 5  ? -4.60182  -6.31081  -3.66338  1.000 12.50317 ? 1005 XMP A "H2'"  1 
HETATM 189 H  H2O1   . XMP A 1 5  ? -5.44292  -8.77672  -4.12238  1.000 13.60442 ? 1005 XMP A H2O1   1 
HETATM 190 H  "H3'"  . XMP A 1 5  ? -2.44615  -6.98389  -3.60839  1.000 12.23120 ? 1005 XMP A "H3'"  1 
ATOM   191 P  P      . A   A 1 6  ? -2.31488  -6.37383  -6.30337  1.000 10.72261 ? 1006 A   A P      1 
ATOM   192 O  OP1    . A   A 1 6  ? -1.91197  -6.86732  -7.63131  1.000 11.98371 ? 1006 A   A OP1    1 
ATOM   193 O  OP2    . A   A 1 6  ? -1.37185  -5.54233  -5.51262  1.000 11.65847 ? 1006 A   A OP2    1 
ATOM   194 O  "O5'"  . A   A 1 6  ? -3.61657  -5.48277  -6.45289  1.000 10.28669 ? 1006 A   A "O5'"  1 
ATOM   195 C  "C5'"  . A   A 1 6  ? -4.72599  -5.91679  -7.22129  1.000 10.30772 ? 1006 A   A "C5'"  1 
ATOM   196 C  "C4'"  . A   A 1 6  ? -5.88349  -4.97395  -7.03855  1.000 9.97528  ? 1006 A   A "C4'"  1 
ATOM   197 O  "O4'"  . A   A 1 6  ? -6.33658  -5.01036  -5.66331  1.000 10.04664 ? 1006 A   A "O4'"  1 
ATOM   198 C  "C3'"  . A   A 1 6  ? -5.58440  -3.50394  -7.27699  1.000 9.46558  ? 1006 A   A "C3'"  1 
ATOM   199 O  "O3'"  . A   A 1 6  ? -5.54273  -3.18210  -8.64709  1.000 9.64817  ? 1006 A   A "O3'"  1 
ATOM   200 C  "C2'"  . A   A 1 6  ? -6.69710  -2.82575  -6.50352  1.000 9.81321  ? 1006 A   A "C2'"  1 
ATOM   201 O  "O2'"  . A   A 1 6  ? -7.91924  -2.92519  -7.21246  1.000 10.66950 ? 1006 A   A "O2'"  1 
ATOM   202 C  "C1'"  . A   A 1 6  ? -6.76061  -3.71979  -5.27187  1.000 9.30687  ? 1006 A   A "C1'"  1 
ATOM   203 N  N9     . A   A 1 6  ? -5.87005  -3.26118  -4.19477  1.000 8.68920  ? 1006 A   A N9     1 
ATOM   204 C  C8     . A   A 1 6  ? -4.59122  -3.68855  -3.93549  1.000 8.66995  ? 1006 A   A C8     1 
ATOM   205 N  N7     . A   A 1 6  ? -4.06158  -3.11290  -2.88181  1.000 8.35715  ? 1006 A   A N7     1 
ATOM   206 C  C5     . A   A 1 6  ? -5.05533  -2.24421  -2.43696  1.000 7.99054  ? 1006 A   A C5     1 
ATOM   207 C  C6     . A   A 1 6  ? -5.11587  -1.34978  -1.35554  1.000 8.06546  ? 1006 A   A C6     1 
ATOM   208 N  N6     . A   A 1 6  ? -4.12402  -1.18864  -0.47766  1.000 8.49230  ? 1006 A   A N6     1 
ATOM   209 N  N1     . A   A 1 6  ? -6.25001  -0.63050  -1.20857  1.000 8.62488  ? 1006 A   A N1     1 
ATOM   210 C  C2     . A   A 1 6  ? -7.24790  -0.81936  -2.07683  1.000 8.96518  ? 1006 A   A C2     1 
ATOM   211 N  N3     . A   A 1 6  ? -7.31655  -1.63031  -3.12868  1.000 8.80694  ? 1006 A   A N3     1 
ATOM   212 C  C4     . A   A 1 6  ? -6.17537  -2.32788  -3.24257  1.000 8.22680  ? 1006 A   A C4     1 
ATOM   213 H  "H5'"  . A   A 1 6  ? -4.98692  -6.80668  -6.93685  1.000 12.35806 ? 1006 A   A "H5'"  1 
ATOM   214 H  "H5''" . A   A 1 6  ? -4.47786  -5.94492  -8.15860  1.000 12.35806 ? 1006 A   A "H5''" 1 
ATOM   215 H  "H4'"  . A   A 1 6  ? -6.60882  -5.25235  -7.61931  1.000 11.95913 ? 1006 A   A "H4'"  1 
ATOM   216 H  "H3'"  . A   A 1 6  ? -4.73566  -3.26351  -6.87358  1.000 11.34749 ? 1006 A   A "H3'"  1 
ATOM   217 H  "H2'"  . A   A 1 6  ? -6.49254  -1.90593  -6.27333  1.000 11.76465 ? 1006 A   A "H2'"  1 
ATOM   218 H  "HO2'" . A   A 1 6  ? -7.80313  -3.40570  -7.89160  1.000 12.79220 ? 1006 A   A "HO2'" 1 
ATOM   219 H  "H1'"  . A   A 1 6  ? -7.67445  -3.74860  -4.94789  1.000 11.15703 ? 1006 A   A "H1'"  1 
ATOM   220 H  H8     . A   A 1 6  ? -4.14647  -4.32046  -4.45298  1.000 10.39273 ? 1006 A   A H8     1 
ATOM   221 H  H61    . A   A 1 6  ? -4.21111  -0.63208  0.17214   1.000 10.17955 ? 1006 A   A H61    1 
ATOM   222 H  H62    . A   A 1 6  ? -3.39766  -1.64136  -0.56166  1.000 10.17955 ? 1006 A   A H62    1 
ATOM   223 H  H2     . A   A 1 6  ? -8.00847  -0.30691  -1.92249  1.000 10.74700 ? 1006 A   A H2     1 
ATOM   224 P  P      . U   A 1 7  ? -4.62002  -1.98474  -9.17135  1.000 9.90944  ? 1007 U   A P      1 
ATOM   225 O  OP1    . U   A 1 7  ? -4.68600  -2.07247  -10.64638 1.000 10.82214 ? 1007 U   A OP1    1 
ATOM   226 O  OP2    . U   A 1 7  ? -3.31725  -1.99200  -8.46242  1.000 10.77373 ? 1007 U   A OP2    1 
ATOM   227 O  "O5'"  . U   A 1 7  ? -5.35168  -0.67386  -8.66135  1.000 9.67281  ? 1007 U   A "O5'"  1 
ATOM   228 C  "C5'"  . U   A 1 7  ? -6.64968  -0.30506  -9.09580  1.000 9.75197  ? 1007 U   A "C5'"  1 
ATOM   229 C  "C4'"  . U   A 1 7  ? -7.15278  0.83764   -8.25242  1.000 9.83145  ? 1007 U   A "C4'"  1 
ATOM   230 O  "O4'"  . U   A 1 7  ? -7.27726  0.42928   -6.86049  1.000 9.75021  ? 1007 U   A "O4'"  1 
ATOM   231 C  "C3'"  . U   A 1 7  ? -6.24992  2.05138   -8.17585  1.000 10.10090 ? 1007 U   A "C3'"  1 
ATOM   232 O  "O3'"  . U   A 1 7  ? -6.32031  2.83335   -9.34228  1.000 10.40051 ? 1007 U   A "O3'"  1 
ATOM   233 C  "C2'"  . U   A 1 7  ? -6.76086  2.73667   -6.92491  1.000 9.98190  ? 1007 U   A "C2'"  1 
ATOM   234 O  "O2'"  . U   A 1 7  ? -8.01427  3.34377   -7.20445  1.000 10.68638 ? 1007 U   A "O2'"  1 
ATOM   235 C  "C1'"  . U   A 1 7  ? -6.97447  1.52568   -6.01684  1.000 9.53008  ? 1007 U   A "C1'"  1 
ATOM   236 N  N1     . U   A 1 7  ? -5.76999  1.19762   -5.21443  1.000 9.24339  ? 1007 U   A N1     1 
ATOM   237 C  C2     . U   A 1 7  ? -5.60026  1.90105   -4.04326  1.000 9.39978  ? 1007 U   A C2     1 
ATOM   238 O  O2     . U   A 1 7  ? -6.37510  2.77416   -3.68087  1.000 10.56664 ? 1007 U   A O2     1 
ATOM   239 N  N3     . U   A 1 7  ? -4.47547  1.55961   -3.31979  1.000 8.79768  ? 1007 U   A N3     1 
ATOM   240 C  C4     . U   A 1 7  ? -3.54444  0.59342   -3.64572  1.000 8.50694  ? 1007 U   A C4     1 
ATOM   241 O  O4     . U   A 1 7  ? -2.57607  0.38826   -2.90112  1.000 8.41418  ? 1007 U   A O4     1 
ATOM   242 C  C5     . U   A 1 7  ? -3.80319  -0.08336  -4.87823  1.000 8.85739  ? 1007 U   A C5     1 
ATOM   243 C  C6     . U   A 1 7  ? -4.88132  0.23169   -5.59804  1.000 8.94731  ? 1007 U   A C6     1 
ATOM   244 H  "H5'"  . U   A 1 7  ? -7.24951  -1.06243  -9.00923  1.000 11.69116 ? 1007 U   A "H5'"  1 
ATOM   245 H  "H5''" . U   A 1 7  ? -6.61663  -0.03313  -10.02631 1.000 11.69116 ? 1007 U   A "H5''" 1 
ATOM   246 H  "H4'"  . U   A 1 7  ? -8.02633  1.09840   -8.58383  1.000 11.78654 ? 1007 U   A "H4'"  1 
ATOM   247 H  "H3'"  . U   A 1 7  ? -5.32832  1.78599   -8.03054  1.000 12.10988 ? 1007 U   A "H3'"  1 
ATOM   248 H  "H2'"  . U   A 1 7  ? -6.13137  3.36448   -6.53695  1.000 11.96707 ? 1007 U   A "H2'"  1 
ATOM   249 H  "HO2'" . U   A 1 7  ? -8.17087  3.92850   -6.62206  1.000 12.81246 ? 1007 U   A "HO2'" 1 
ATOM   250 H  "H1'"  . U   A 1 7  ? -7.71450  1.69311   -5.41252  1.000 11.42489 ? 1007 U   A "H1'"  1 
ATOM   251 H  H3     . U   A 1 7  ? -4.34046  1.99394   -2.58990  1.000 10.54601 ? 1007 U   A H3     1 
ATOM   252 H  H5     . U   A 1 7  ? -3.22015  -0.74297  -5.17804  1.000 10.61767 ? 1007 U   A H5     1 
ATOM   253 H  H6     . U   A 1 7  ? -5.03488  -0.22454  -6.39375  1.000 10.72556 ? 1007 U   A H6     1 
ATOM   254 P  P      . U   A 1 8  ? -5.05283  3.67848   -9.81249  1.000 11.91578 ? 1008 U   A P      1 
ATOM   255 O  OP1    . U   A 1 8  ? -5.40846  4.17919   -11.15710 1.000 13.46187 ? 1008 U   A OP1    1 
ATOM   256 O  OP2    . U   A 1 8  ? -3.79686  2.92769   -9.59547  1.000 12.96309 ? 1008 U   A OP2    1 
ATOM   257 O  "O5'"  . U   A 1 8  ? -5.00647  4.89478   -8.79349  1.000 11.94943 ? 1008 U   A "O5'"  1 
ATOM   258 C  "C5'"  . U   A 1 8  ? -6.04933  5.84719   -8.76187  1.000 11.97255 ? 1008 U   A "C5'"  1 
ATOM   259 C  "C4'"  . U   A 1 8  ? -5.79950  6.85505   -7.68138  1.000 12.05403 ? 1008 U   A "C4'"  1 
ATOM   260 O  "O4'"  . U   A 1 8  ? -5.87941  6.22555   -6.37712  1.000 12.04731 ? 1008 U   A "O4'"  1 
ATOM   261 C  "C3'"  . U   A 1 8  ? -4.43006  7.50688   -7.67543  1.000 12.27950 ? 1008 U   A "C3'"  1 
ATOM   262 O  "O3'"  . U   A 1 8  ? -4.27869  8.48872   -8.68069  1.000 13.21784 ? 1008 U   A "O3'"  1 
ATOM   263 C  "C2'"  . U   A 1 8  ? -4.36157  8.04515   -6.26000  1.000 12.24981 ? 1008 U   A "C2'"  1 
ATOM   264 O  "O2'"  . U   A 1 8  ? -5.18147  9.20098   -6.12465  1.000 13.24048 ? 1008 U   A "O2'"  1 
ATOM   265 C  "C1'"  . U   A 1 8  ? -4.98829  6.88200   -5.49115  1.000 11.55189 ? 1008 U   A "C1'"  1 
ATOM   266 N  N1     . U   A 1 8  ? -3.98594  5.89747   -5.01476  1.000 10.53510 ? 1008 U   A N1     1 
ATOM   267 C  C2     . U   A 1 8  ? -3.33188  6.17461   -3.83366  1.000 10.30256 ? 1008 U   A C2     1 
ATOM   268 O  O2     . U   A 1 8  ? -3.53174  7.19761   -3.19864  1.000 11.29401 ? 1008 U   A O2     1 
ATOM   269 N  N3     . U   A 1 8  ? -2.44098  5.21497   -3.42725  1.000 9.31871  ? 1008 U   A N3     1 
ATOM   270 C  C4     . U   A 1 8  ? -2.12810  4.03161   -4.07718  1.000 9.07537  ? 1008 U   A C4     1 
ATOM   271 O  O4     . U   A 1 8  ? -1.29822  3.25447   -3.58194  1.000 9.24438  ? 1008 U   A O4     1 
ATOM   272 C  C5     . U   A 1 8  ? -2.84697  3.82568   -5.30010  1.000 9.88996  ? 1008 U   A C5     1 
ATOM   273 C  C6     . U   A 1 8  ? -3.71953  4.74671   -5.71256  1.000 10.22344 ? 1008 U   A C6     1 
ATOM   274 H  "H5'"  . U   A 1 8  ? -6.89174  5.39677   -8.59350  1.000 14.35585 ? 1008 U   A "H5'"  1 
ATOM   275 H  "H5''" . U   A 1 8  ? -6.09864  6.29923   -9.61868  1.000 14.35585 ? 1008 U   A "H5''" 1 
ATOM   276 H  "H4'"  . U   A 1 8  ? -6.48112  7.54243   -7.74308  1.000 14.45363 ? 1008 U   A "H4'"  1 
ATOM   277 H  "H3'"  . U   A 1 8  ? -3.74085  6.83583   -7.80028  1.000 14.72420 ? 1008 U   A "H3'"  1 
ATOM   278 H  "H2'"  . U   A 1 8  ? -3.45422  8.22265   -5.96654  1.000 14.68857 ? 1008 U   A "H2'"  1 
ATOM   279 H  "HO2'" . U   A 1 8  ? -5.62620  9.13920   -5.41472  1.000 15.87737 ? 1008 U   A "HO2'" 1 
ATOM   280 H  "H1'"  . U   A 1 8  ? -5.47346  7.22916   -4.72631  1.000 13.85106 ? 1008 U   A "H1'"  1 
ATOM   281 H  H3     . U   A 1 8  ? -2.03052  5.36397   -2.68635  1.000 11.17125 ? 1008 U   A H3     1 
ATOM   282 H  H5     . U   A 1 8  ? -2.70615  3.05569   -5.80229  1.000 11.85675 ? 1008 U   A H5     1 
ATOM   283 H  H6     . U   A 1 8  ? -4.16977  4.60141   -6.51324  1.000 12.25693 ? 1008 U   A H6     1 
ATOM   284 P  P      . A   A 1 9  ? -2.86308  8.67697   -9.41989  1.000 14.40071 ? 1009 A   A P      1 
ATOM   285 O  OP1    . A   A 1 9  ? -3.09913  9.56439   -10.57925 1.000 15.62512 ? 1009 A   A OP1    1 
ATOM   286 O  OP2    . A   A 1 9  ? -2.18747  7.37371   -9.63692  1.000 15.28888 ? 1009 A   A OP2    1 
ATOM   287 O  "O5'"  . A   A 1 9  ? -1.97759  9.42963   -8.34070  1.000 13.14759 ? 1009 A   A "O5'"  1 
ATOM   288 C  "C5'"  . A   A 1 9  ? -2.26496  10.76206  -7.96282  1.000 12.58386 ? 1009 A   A "C5'"  1 
ATOM   289 C  "C4'"  . A   A 1 9  ? -1.52705  11.12480  -6.70724  1.000 11.80033 ? 1009 A   A "C4'"  1 
ATOM   290 O  "O4'"  . A   A 1 9  ? -1.95625  10.28610  -5.59410  1.000 11.26666 ? 1009 A   A "O4'"  1 
ATOM   291 C  "C3'"  . A   A 1 9  ? -0.02463  10.93549  -6.73826  1.000 10.77271 ? 1009 A   A "C3'"  1 
ATOM   292 O  "O3'"  . A   A 1 9  ? 0.63126   11.95891  -7.47131  1.000 10.60150 ? 1009 A   A "O3'"  1 
ATOM   293 C  "C2'"  . A   A 1 9  ? 0.29464   10.91123  -5.25606  1.000 10.50742 ? 1009 A   A "C2'"  1 
ATOM   294 O  "O2'"  . A   A 1 9  ? 0.21399   12.21321  -4.71110  1.000 10.76503 ? 1009 A   A "O2'"  1 
ATOM   295 C  "C1'"  . A   A 1 9  ? -0.86496  10.05927  -4.72828  1.000 10.36464 ? 1009 A   A "C1'"  1 
ATOM   296 N  N9     . A   A 1 9  ? -0.47873  8.63854   -4.78013  1.000 9.93431  ? 1009 A   A N9     1 
ATOM   297 C  C8     . A   A 1 9  ? -0.71704  7.71164   -5.75738  1.000 9.71067  ? 1009 A   A C8     1 
ATOM   298 N  N7     . A   A 1 9  ? -0.14269  6.55049   -5.52012  1.000 9.40484  ? 1009 A   A N7     1 
ATOM   299 C  C5     . A   A 1 9  ? 0.53472   6.73424   -4.31589  1.000 8.76074  ? 1009 A   A C5     1 
ATOM   300 C  C6     . A   A 1 9  ? 1.34445   5.89041   -3.55102  1.000 8.30919  ? 1009 A   A C6     1 
ATOM   301 N  N6     . A   A 1 9  ? 1.60568   4.62562   -3.87980  1.000 8.45742  ? 1009 A   A N6     1 
ATOM   302 N  N1     . A   A 1 9  ? 1.87220   6.39562   -2.41622  1.000 8.69137  ? 1009 A   A N1     1 
ATOM   303 C  C2     . A   A 1 9  ? 1.58864   7.66560   -2.08623  1.000 9.43035  ? 1009 A   A C2     1 
ATOM   304 N  N3     . A   A 1 9  ? 0.83877   8.55882   -2.72361  1.000 9.59439  ? 1009 A   A N3     1 
ATOM   305 C  C4     . A   A 1 9  ? 0.34257   8.02896   -3.85801  1.000 9.31028  ? 1009 A   A C4     1 
ATOM   306 H  "H5'"  . A   A 1 9  ? -3.21878  10.85424  -7.81237  1.000 15.08943 ? 1009 A   A "H5'"  1 
ATOM   307 H  "H5''" . A   A 1 9  ? -1.99834  11.36251  -8.67646  1.000 15.08943 ? 1009 A   A "H5''" 1 
ATOM   308 H  "H4'"  . A   A 1 9  ? -1.73139  12.04857  -6.49324  1.000 14.14920 ? 1009 A   A "H4'"  1 
ATOM   309 H  "H3'"  . A   A 1 9  ? 0.21145   10.07962  -7.12896  1.000 12.91605 ? 1009 A   A "H3'"  1 
ATOM   310 H  "H2'"  . A   A 1 9  ? 1.15238   10.50177  -5.06234  1.000 12.59770 ? 1009 A   A "H2'"  1 
ATOM   311 H  "HO2'" . A   A 1 9  ? -0.13189  12.16889  -3.94690  1.000 12.90683 ? 1009 A   A "HO2'" 1 
ATOM   312 H  "H1'"  . A   A 1 9  ? -1.12836  10.30618  -3.82796  1.000 12.42636 ? 1009 A   A "H1'"  1 
ATOM   313 H  H8     . A   A 1 9  ? -1.23210  7.88383   -6.51234  1.000 11.64160 ? 1009 A   A H8     1 
ATOM   314 H  H61    . A   A 1 9  ? 2.10440   4.14341   -3.37151  1.000 10.13769 ? 1009 A   A H61    1 
ATOM   315 H  H62    . A   A 1 9  ? 1.27552   4.29163   -4.60026  1.000 10.13769 ? 1009 A   A H62    1 
ATOM   316 H  H2     . A   A 1 9  ? 1.97395   7.96465   -1.29440  1.000 11.30521 ? 1009 A   A H2     1 
ATOM   317 P  P      . G   A 1 10 ? 2.06025   11.68662  -8.15922  1.000 11.28632 ? 1010 G   A P      1 
ATOM   318 O  OP1    . G   A 1 10 ? 2.38465   12.92580  -8.90288  1.000 12.28338 ? 1010 G   A OP1    1 
ATOM   319 O  OP2    . G   A 1 10 ? 2.09079   10.37537  -8.84876  1.000 12.96277 ? 1010 G   A OP2    1 
ATOM   320 O  "O5'"  . G   A 1 10 ? 3.06284   11.53600  -6.94368  1.000 10.68542 ? 1010 G   A "O5'"  1 
ATOM   321 C  "C5'"  . G   A 1 10 ? 3.24429   12.59371  -6.02875  1.000 10.88669 ? 1010 G   A "C5'"  1 
ATOM   322 C  "C4'"  . G   A 1 10 ? 4.06376   12.14080  -4.85929  1.000 10.72643 ? 1010 G   A "C4'"  1 
ATOM   323 O  "O4'"  . G   A 1 10 ? 3.42838   11.00573  -4.21556  1.000 10.33466 ? 1010 G   A "O4'"  1 
ATOM   324 C  "C3'"  . G   A 1 10 ? 5.46138   11.64688  -5.17951  1.000 10.80106 ? 1010 G   A "C3'"  1 
ATOM   325 O  "O3'"  . G   A 1 10 ? 6.35321   12.72444  -5.35399  1.000 11.81085 ? 1010 G   A "O3'"  1 
ATOM   326 C  "C2'"  . G   A 1 10 ? 5.77328   10.79373  -3.97082  1.000 10.83962 ? 1010 G   A "C2'"  1 
ATOM   327 O  "O2'"  . G   A 1 10 ? 6.10642   11.62567  -2.87184  1.000 11.53178 ? 1010 G   A "O2'"  1 
ATOM   328 C  "C1'"  . G   A 1 10 ? 4.41794   10.13272  -3.72063  1.000 9.90171  ? 1010 G   A "C1'"  1 
ATOM   329 N  N9     . G   A 1 10 ? 4.27019   8.83102   -4.40664  1.000 9.09379  ? 1010 G   A N9     1 
ATOM   330 C  C8     . G   A 1 10 ? 3.53747   8.54999   -5.53865  1.000 9.51450  ? 1010 G   A C8     1 
ATOM   331 N  N7     . G   A 1 10 ? 3.58277   7.29429   -5.89429  1.000 9.19881  ? 1010 G   A N7     1 
ATOM   332 C  C5     . G   A 1 10 ? 4.38837   6.69790   -4.93165  1.000 8.62562  ? 1010 G   A C5     1 
ATOM   333 C  C6     . G   A 1 10 ? 4.79967   5.33949   -4.76836  1.000 8.48298  ? 1010 G   A C6     1 
ATOM   334 O  O6     . G   A 1 10 ? 4.50957   4.36114   -5.46729  1.000 9.00860  ? 1010 G   A O6     1 
ATOM   335 N  N1     . G   A 1 10 ? 5.62799   5.17729   -3.65494  1.000 8.22280  ? 1010 G   A N1     1 
ATOM   336 C  C2     . G   A 1 10 ? 6.00264   6.18366   -2.81073  1.000 8.18976  ? 1010 G   A C2     1 
ATOM   337 N  N2     . G   A 1 10 ? 6.81010   5.85114   -1.79076  1.000 8.57745  ? 1010 G   A N2     1 
ATOM   338 N  N3     . G   A 1 10 ? 5.60933   7.44297   -2.92964  1.000 8.64344  ? 1010 G   A N3     1 
ATOM   339 C  C4     . G   A 1 10 ? 4.80364   7.62802   -4.00050  1.000 8.43373  ? 1010 G   A C4     1 
ATOM   340 H  "H5'"  . G   A 1 10 ? 2.37866   12.89914  -5.71523  1.000 13.05282 ? 1010 G   A "H5'"  1 
ATOM   341 H  "H5''" . G   A 1 10 ? 3.69656   13.32814  -6.47255  1.000 13.05282 ? 1010 G   A "H5''" 1 
ATOM   342 H  "H4'"  . G   A 1 10 ? 4.12387   12.86744  -4.21952  1.000 12.86051 ? 1010 G   A "H4'"  1 
ATOM   343 H  "H3'"  . G   A 1 10 ? 5.45774   11.08637  -5.97117  1.000 12.95006 ? 1010 G   A "H3'"  1 
ATOM   344 H  "H2'"  . G   A 1 10 ? 6.45875   10.12871  -4.14044  1.000 12.99634 ? 1010 G   A "H2'"  1 
ATOM   345 H  "HO2'" . G   A 1 10 ? 5.91495   11.22592  -2.15830  1.000 13.82693 ? 1010 G   A "HO2'" 1 
ATOM   346 H  "H1'"  . G   A 1 10 ? 4.30476   9.99967   -2.76649  1.000 11.87085 ? 1010 G   A "H1'"  1 
ATOM   347 H  H8     . G   A 1 10 ? 3.05579   9.19395   -6.00576  1.000 11.40619 ? 1010 G   A H8     1 
ATOM   348 H  H1     . G   A 1 10 ? 5.92327   4.38677   -3.48915  1.000 9.85616  ? 1010 G   A H1     1 
ATOM   349 H  H21    . G   A 1 10 ? 7.07459   5.03797   -1.69920  1.000 10.28174 ? 1010 G   A H21    1 
ATOM   350 H  H22    . G   A 1 10 ? 7.06277   6.45134   -1.22906  1.000 10.28174 ? 1010 G   A H22    1 
ATOM   351 P  P      . C   A 1 11 ? 7.52312   12.66347  -6.43642  1.000 12.72872 ? 1011 C   A P      1 
ATOM   352 O  OP1    . C   A 1 11 ? 8.11175   14.01868  -6.46813  1.000 14.23835 ? 1011 C   A OP1    1 
ATOM   353 O  OP2    . C   A 1 11 ? 7.00421   12.07642  -7.67615  1.000 12.81483 ? 1011 C   A OP2    1 
ATOM   354 O  "O5'"  . C   A 1 11 ? 8.54059   11.60151  -5.83929  1.000 12.51528 ? 1011 C   A "O5'"  1 
ATOM   355 C  "C5'"  . C   A 1 11 ? 9.25970   11.89872  -4.65792  1.000 12.44189 ? 1011 C   A "C5'"  1 
ATOM   356 C  "C4'"  . C   A 1 11 ? 9.84697   10.65358  -4.06492  1.000 11.91683 ? 1011 C   A "C4'"  1 
ATOM   357 O  "O4'"  . C   A 1 11 ? 8.80598   9.69389   -3.77707  1.000 11.41888 ? 1011 C   A "O4'"  1 
ATOM   358 C  "C3'"  . C   A 1 11 ? 10.79926  9.87887   -4.94963  1.000 11.68493 ? 1011 C   A "C3'"  1 
ATOM   359 O  "O3'"  . C   A 1 11 ? 12.07041  10.46490  -4.98870  1.000 12.24038 ? 1011 C   A "O3'"  1 
ATOM   360 C  "C2'"  . C   A 1 11 ? 10.78568  8.51109   -4.30253  1.000 11.46685 ? 1011 C   A "C2'"  1 
ATOM   361 O  "O2'"  . C   A 1 11 ? 11.53200  8.52680   -3.09655  1.000 12.31426 ? 1011 C   A "O2'"  1 
ATOM   362 C  "C1'"  . C   A 1 11 ? 9.30976   8.38534   -3.95749  1.000 10.99588 ? 1011 C   A "C1'"  1 
ATOM   363 N  N1     . C   A 1 11 ? 8.54152   7.71440   -5.02989  1.000 10.22137 ? 1011 C   A N1     1 
ATOM   364 C  C2     . C   A 1 11 ? 8.59790   6.32120   -5.06102  1.000 9.94710  ? 1011 C   A C2     1 
ATOM   365 O  O2     . C   A 1 11 ? 9.28334   5.74403   -4.20904  1.000 10.39122 ? 1011 C   A O2     1 
ATOM   366 N  N3     . C   A 1 11 ? 7.89849   5.65548   -6.00713  1.000 9.65929  ? 1011 C   A N3     1 
ATOM   367 C  C4     . C   A 1 11 ? 7.18813   6.32833   -6.91739  1.000 9.87158  ? 1011 C   A C4     1 
ATOM   368 N  N4     . C   A 1 11 ? 6.51878   5.62142   -7.82814  1.000 10.17046 ? 1011 C   A N4     1 
ATOM   369 C  C5     . C   A 1 11 ? 7.12398   7.75226   -6.92255  1.000 10.05706 ? 1011 C   A C5     1 
ATOM   370 C  C6     . C   A 1 11 ? 7.82168   8.39623   -5.97319  1.000 10.15596 ? 1011 C   A C6     1 
ATOM   371 H  "H5'"  . C   A 1 11 ? 8.66130   12.30839  -4.01371  1.000 14.91906 ? 1011 C   A "H5'"  1 
ATOM   372 H  "H5''" . C   A 1 11 ? 9.97371   12.52140  -4.86616  1.000 14.91906 ? 1011 C   A "H5''" 1 
ATOM   373 H  "H4'"  . C   A 1 11 ? 10.29493  10.89258  -3.23842  1.000 14.28900 ? 1011 C   A "H4'"  1 
ATOM   374 H  "H3'"  . C   A 1 11 ? 10.44257  9.81219   -5.84919  1.000 14.01071 ? 1011 C   A "H3'"  1 
ATOM   375 H  "H2'"  . C   A 1 11 ? 11.08517  7.80963   -4.90183  1.000 13.74902 ? 1011 C   A "H2'"  1 
ATOM   376 H  "HO2'" . C   A 1 11 ? 12.25522  8.11691   -3.21714  1.000 14.76591 ? 1011 C   A "HO2'" 1 
ATOM   377 H  "H1'"  . C   A 1 11 ? 9.20596   7.88418   -3.13350  1.000 13.18385 ? 1011 C   A "H1'"  1 
ATOM   378 H  H41    . C   A 1 11 ? 6.05218   6.02461   -8.42757  1.000 12.19334 ? 1011 C   A H41    1 
ATOM   379 H  H42    . C   A 1 11 ? 6.55358   4.76221   -7.81622  1.000 12.19334 ? 1011 C   A H42    1 
ATOM   380 H  H5     . C   A 1 11 ? 6.62184   8.21412   -7.55457  1.000 12.05726 ? 1011 C   A H5     1 
ATOM   381 H  H6     . C   A 1 11 ? 7.81565   9.32606   -5.95628  1.000 12.17594 ? 1011 C   A H6     1 
ATOM   382 P  P      . G   A 1 12 ? 12.93748  10.37939  -6.31981  1.000 12.76088 ? 1012 G   A P      1 
ATOM   383 O  OP1    . G   A 1 12 ? 14.15000  11.17382  -6.03336  1.000 13.92323 ? 1012 G   A OP1    1 
ATOM   384 O  OP2    . G   A 1 12 ? 12.09425  10.75218  -7.47588  1.000 14.16692 ? 1012 G   A OP2    1 
ATOM   385 O  "O5'"  . G   A 1 12 ? 13.30829  8.84134   -6.44717  1.000 11.53045 ? 1012 G   A "O5'"  1 
ATOM   386 C  "C5'"  . G   A 1 12 ? 14.17735  8.25146   -5.49275  1.000 11.28543 ? 1012 G   A "C5'"  1 
ATOM   387 C  "C4'"  . G   A 1 12 ? 14.27115  6.76258   -5.67952  1.000 10.32086 ? 1012 G   A "C4'"  1 
ATOM   388 O  "O4'"  . G   A 1 12 ? 12.96105  6.16770   -5.53874  1.000 10.05238 ? 1012 G   A "O4'"  1 
ATOM   389 C  "C3'"  . G   A 1 12 ? 14.73864  6.26628   -7.03369  1.000 9.93070  ? 1012 G   A "C3'"  1 
ATOM   390 O  "O3'"  . G   A 1 12 ? 16.13638  6.36024   -7.20444  1.000 11.03174 ? 1012 G   A "O3'"  1 
ATOM   391 C  "C2'"  . G   A 1 12 ? 14.22990  4.83685   -7.03557  1.000 9.86813  ? 1012 G   A "C2'"  1 
ATOM   392 O  "O2'"  . G   A 1 12 ? 15.04447  4.00410   -6.22526  1.000 10.57922 ? 1012 G   A "O2'"  1 
ATOM   393 C  "C1'"  . G   A 1 12 ? 12.88696  5.00492   -6.33578  1.000 9.23170  ? 1012 G   A "C1'"  1 
ATOM   394 N  N9     . G   A 1 12 ? 11.76422  5.14608   -7.27795  1.000 8.91297  ? 1012 G   A N9     1 
ATOM   395 C  C8     . G   A 1 12 ? 11.09205  6.27975   -7.66925  1.000 8.86899  ? 1012 G   A C8     1 
ATOM   396 N  N7     . G   A 1 12 ? 10.12937  6.03057   -8.52632  1.000 8.75112  ? 1012 G   A N7     1 
ATOM   397 C  C5     . G   A 1 12 ? 10.15846  4.64943   -8.69570  1.000 8.51512  ? 1012 G   A C5     1 
ATOM   398 C  C6     . G   A 1 12 ? 9.36337   3.77660   -9.48301  1.000 8.29148  ? 1012 G   A C6     1 
ATOM   399 O  O6     . G   A 1 12 ? 8.40956   4.03767   -10.22879 1.000 8.58016  ? 1012 G   A O6     1 
ATOM   400 N  N1     . G   A 1 12 ? 9.79697   2.46009   -9.36335  1.000 8.50101  ? 1012 G   A N1     1 
ATOM   401 C  C2     . G   A 1 12 ? 10.83634  2.01430   -8.58765  1.000 8.31997  ? 1012 G   A C2     1 
ATOM   402 N  N2     . G   A 1 12 ? 11.09502  0.69156   -8.62122  1.000 9.06651  ? 1012 G   A N2     1 
ATOM   403 N  N3     . G   A 1 12 ? 11.56999  2.81906   -7.83552  1.000 8.65887  ? 1012 G   A N3     1 
ATOM   404 C  C4     . G   A 1 12 ? 11.17303  4.10213   -7.94566  1.000 8.64730  ? 1012 G   A C4     1 
ATOM   405 H  "H5'"  . G   A 1 12 ? 13.84352  8.43880   -4.60148  1.000 13.53131 ? 1012 G   A "H5'"  1 
ATOM   406 H  "H5''" . G   A 1 12 ? 15.06153  8.63914   -5.58676  1.000 13.53131 ? 1012 G   A "H5''" 1 
ATOM   407 H  "H4'"  . G   A 1 12 ? 14.86563  6.41062   -4.99864  1.000 12.37382 ? 1012 G   A "H4'"  1 
ATOM   408 H  "H3'"  . G   A 1 12 ? 14.29831  6.77476   -7.73259  1.000 11.90563 ? 1012 G   A "H3'"  1 
ATOM   409 H  "HO3'" . G   A 1 12 ? 16.45664  6.91250   -7.75037  1.000 13.22689 ? 1012 G   A "HO3'" 1 
ATOM   410 H  "H2'"  . G   A 1 12 ? 14.13916  4.48854   -7.93631  1.000 11.83055 ? 1012 G   A "H2'"  1 
ATOM   411 H  "HO2'" . G   A 1 12 ? 14.76574  4.03586   -5.43349  1.000 12.68386 ? 1012 G   A "HO2'" 1 
ATOM   412 H  "H1'"  . G   A 1 12 ? 12.72616  4.23304   -5.77077  1.000 11.06683 ? 1012 G   A "H1'"  1 
ATOM   413 H  H8     . G   A 1 12 ? 11.29746  7.13234   -7.35975  1.000 10.63158 ? 1012 G   A H8     1 
ATOM   414 H  H1     . G   A 1 12 ? 9.37189   1.86832   -9.82021  1.000 10.19001 ? 1012 G   A H1     1 
ATOM   415 H  H21    . G   A 1 12 ? 10.61591  0.17203   -9.11127  1.000 10.86861 ? 1012 G   A H21    1 
ATOM   416 H  H22    . G   A 1 12 ? 11.73911  0.36734   -8.15259  1.000 10.86861 ? 1012 G   A H22    1 
HETATM 417 NA NA     . NA  B 2 .  ? -0.34637  0.97918   -3.45609  0.717 10.64242 ? 1101 NA  A NA     1 
HETATM 418 NA NA     . NA  C 2 .  ? -2.77174  -2.80059  6.04489   1.000 29.00443 ? 1102 NA  A NA     1 
HETATM 419 MG MG     . MG  D 3 .  ? 4.64684   15.36356  -1.38920  0.411 22.76921 ? 1103 MG  A MG     1 
HETATM 420 MG MG     . MG  E 3 .  ? 0.45555   -4.26128  1.69667   0.595 33.46521 ? 1104 MG  A MG     1 
HETATM 421 O  O      . HOH F 4 .  ? -1.68637  -3.09943  2.73022   1.000 35.78456 ? 1201 HOH A O      1 
HETATM 422 O  O      . HOH F 4 .  ? 5.77242   -9.14030  2.57783   1.000 32.93752 ? 1202 HOH A O      1 
HETATM 423 O  O      . HOH F 4 .  ? -5.52634  10.35906  -10.99735 0.754 28.48451 ? 1203 HOH A O      1 
HETATM 424 O  O      . HOH F 4 .  ? -1.37623  -5.70726  -9.91895  0.940 33.25463 ? 1204 HOH A O      1 
HETATM 425 O  O      . HOH F 4 .  ? -7.65323  -4.03290  9.22705   1.000 30.58770 ? 1205 HOH A O      1 
HETATM 426 O  O      . HOH F 4 .  ? -4.46562  -0.38207  -12.65829 1.000 35.32914 ? 1206 HOH A O      1 
HETATM 427 O  O      . HOH F 4 .  ? -9.01267  4.77394   -5.22644  1.000 25.04792 ? 1207 HOH A O      1 
HETATM 428 O  O      . HOH F 4 .  ? 11.87213  6.00346   -2.40397  1.000 31.79913 ? 1208 HOH A O      1 
HETATM 429 O  O      . HOH F 4 .  ? 7.23667   10.16660  -9.48621  1.000 28.10310 ? 1209 HOH A O      1 
HETATM 430 O  O      . HOH F 4 .  ? 1.34055   12.23872  -2.31790  1.000 25.80586 ? 1210 HOH A O      1 
HETATM 431 O  O      . HOH F 4 .  ? -3.71724  -12.32991 -1.51565  0.969 28.81107 ? 1211 HOH A O      1 
HETATM 432 O  O      . HOH F 4 .  ? 7.05539   6.05746   -11.34136 1.000 23.99475 ? 1212 HOH A O      1 
HETATM 433 O  O      . HOH F 4 .  ? 14.42017  13.80359  -5.59986  0.888 39.31890 ? 1213 HOH A O      1 
HETATM 434 O  O      . HOH F 4 .  ? -2.84906  1.71812   -11.79056 0.957 39.29518 ? 1214 HOH A O      1 
HETATM 435 O  O      . HOH F 4 .  ? 11.60356  13.19834  -8.46669  0.922 34.62362 ? 1215 HOH A O      1 
HETATM 436 O  O      . HOH F 4 .  ? -4.94712  10.53396  -3.80265  1.000 24.20085 ? 1216 HOH A O      1 
HETATM 437 O  O      . HOH F 4 .  ? -2.42594  -7.27222  16.22490  0.932 12.91831 ? 1217 HOH A O      1 
HETATM 438 O  O      . HOH F 4 .  ? 14.01652  1.52875   -5.93455  1.000 37.30027 ? 1218 HOH A O      1 
HETATM 439 O  O      . HOH F 4 .  ? 16.64651  10.81448  -6.98835  1.000 12.46206 ? 1219 HOH A O      1 
HETATM 440 O  O      . HOH F 4 .  ? 4.19121   -6.60520  6.36436   1.000 30.55540 ? 1220 HOH A O      1 
HETATM 441 O  O      . HOH F 4 .  ? 16.55052  8.60604   -8.67479  1.000 17.01534 ? 1221 HOH A O      1 
HETATM 442 O  O      . HOH F 4 .  ? 17.48713  3.31310   -7.20401  0.972 13.04015 ? 1222 HOH A O      1 
HETATM 443 O  O      . HOH F 4 .  ? 2.48604   6.07659   -8.07641  1.000 28.47388 ? 1223 HOH A O      1 
HETATM 444 O  O      . HOH F 4 .  ? 0.03805   -5.76386  0.73152   0.718 14.56755 ? 1224 HOH A O      1 
HETATM 445 O  O      . HOH F 4 .  ? 0.96431   -3.92777  16.64240  1.000 23.43798 ? 1225 HOH A O      1 
HETATM 446 O  O      . HOH F 4 .  ? -7.50712  -6.90935  -3.02493  1.000 13.64274 ? 1226 HOH A O      1 
HETATM 447 O  O      . HOH F 4 .  ? 6.41367   9.67854   -0.94279  1.000 25.77094 ? 1227 HOH A O      1 
HETATM 448 O  O      . HOH F 4 .  ? -5.14374  -10.00453 -6.30573  0.834 22.51101 ? 1228 HOH A O      1 
HETATM 449 O  O      . HOH F 4 .  ? -1.40104  -13.85052 7.12953   1.000 16.61919 ? 1229 HOH A O      1 
HETATM 450 O  O      . HOH F 4 .  ? -1.17783  -3.94574  9.09859   1.000 16.94411 ? 1230 HOH A O      1 
HETATM 451 O  O      . HOH F 4 .  ? 4.44599   9.38864   -9.95696  0.895 29.42290 ? 1231 HOH A O      1 
HETATM 452 O  O      . HOH F 4 .  ? -3.20118  -12.25363 3.94438   0.930 18.10386 ? 1232 HOH A O      1 
HETATM 453 O  O      . HOH F 4 .  ? -1.36618  -3.30424  -2.17732  1.000 21.67146 ? 1233 HOH A O      1 
HETATM 454 O  O      . HOH F 4 .  ? 0.74629   -5.33538  5.72286   1.000 26.65469 ? 1234 HOH A O      1 
HETATM 455 O  O      . HOH F 4 .  ? 9.11470   8.20097   -9.98142  1.000 18.10563 ? 1235 HOH A O      1 
HETATM 456 O  O      . HOH F 4 .  ? -1.64892  4.65721   -9.06509  1.000 19.86473 ? 1236 HOH A O      1 
HETATM 457 O  O      . HOH F 4 .  ? -7.98515  5.18370   -11.65474 1.000 33.21234 ? 1237 HOH A O      1 
HETATM 458 O  O      . HOH F 4 .  ? 3.76453   -6.68960  -0.77957  1.000 55.62784 ? 1238 HOH A O      1 
HETATM 459 O  O      . HOH F 4 .  ? 6.12233   14.42447  -2.58761  1.000 19.09890 ? 1239 HOH A O      1 
HETATM 460 O  O      . HOH F 4 .  ? 1.69155   -5.54449  2.73866   1.000 32.06424 ? 1240 HOH A O      1 
HETATM 461 O  O      . HOH F 4 .  ? 10.73592  15.01542  -6.21278  0.882 30.34182 ? 1241 HOH A O      1 
HETATM 462 O  O      . HOH F 4 .  ? 0.22069   4.27930   -7.15492  1.000 23.43613 ? 1242 HOH A O      1 
HETATM 463 O  O      . HOH F 4 .  ? 4.91195   -9.12216  9.27374   0.920 33.41066 ? 1243 HOH A O      1 
HETATM 464 O  O      . HOH F 4 .  ? 4.58079   -7.53170  11.29126  0.616 31.83372 ? 1244 HOH A O      1 
HETATM 465 O  O      . HOH F 4 .  ? 1.66112   13.75127  -11.50984 0.755 20.23821 ? 1245 HOH A O      1 
HETATM 466 O  O      . HOH F 4 .  ? 1.35097   0.18097   13.43587  0.865 28.98882 ? 1246 HOH A O      1 
HETATM 467 O  O      . HOH F 4 .  ? -6.10157  11.07067  -8.05139  1.000 32.16412 ? 1247 HOH A O      1 
HETATM 468 O  O      . HOH F 4 .  ? 0.40770   -12.87053 -2.22831  1.000 28.03877 ? 1248 HOH A O      1 
HETATM 469 O  O      . HOH F 4 .  ? -5.27052  -3.10781  10.20863  1.000 22.02220 ? 1249 HOH A O      1 
HETATM 470 O  O      . HOH F 4 .  ? -9.31911  -1.41962  -5.24506  0.857 14.34188 ? 1250 HOH A O      1 
HETATM 471 O  O      . HOH F 4 .  ? -2.06887  -11.25197 10.89048  0.949 23.49068 ? 1251 HOH A O      1 
HETATM 472 O  O      . HOH F 4 .  ? -1.02900  -2.92812  -9.88762  1.000 29.37167 ? 1252 HOH A O      1 
HETATM 473 O  O      . HOH F 4 .  ? -1.80477  -2.70408  -6.14628  1.000 14.31923 ? 1253 HOH A O      1 
HETATM 474 O  O      . HOH F 4 .  ? 5.28092   13.50876  -9.45203  1.000 33.17529 ? 1254 HOH A O      1 
HETATM 475 O  O      . HOH F 4 .  ? 0.05500   -5.22648  -3.04823  1.000 20.30002 ? 1255 HOH A O      1 
HETATM 476 O  O      . HOH F 4 .  ? 4.92749   6.80858   -9.89506  1.000 25.89153 ? 1256 HOH A O      1 
HETATM 477 O  O      . HOH F 4 .  ? 4.71225   -10.50521 6.59336   1.000 22.23214 ? 1257 HOH A O      1 
HETATM 478 O  O      . HOH F 4 .  ? 0.72594   7.89916   -9.43937  1.000 37.74930 ? 1258 HOH A O      1 
HETATM 479 O  O      . HOH F 4 .  ? 11.54417  9.57743   -10.05745 0.853 30.06170 ? 1259 HOH A O      1 
HETATM 480 O  O      . HOH F 4 .  ? -1.73556  -4.85314  4.76134   1.000 19.15166 ? 1260 HOH A O      1 
HETATM 481 O  O      . HOH F 4 .  ? 0.63625   -8.23249  -7.75966  1.000 40.91634 ? 1261 HOH A O      1 
HETATM 482 O  O      . HOH F 4 .  ? -2.43271  0.87181   -8.06252  0.840 13.88638 ? 1262 HOH A O      1 
HETATM 483 O  O      . HOH F 4 .  ? 2.84643   -9.46210  12.08351  0.703 20.91181 ? 1263 HOH A O      1 
HETATM 484 O  O      . HOH F 4 .  ? -6.32193  -11.39703 -1.26591  1.000 19.13385 ? 1264 HOH A O      1 
HETATM 485 O  O      . HOH F 4 .  ? 10.32243  9.80475   -0.76546  0.681 23.46321 ? 1265 HOH A O      1 
HETATM 486 O  O      . HOH F 4 .  ? 8.35985   11.72003  -1.00360  0.806 34.74018 ? 1266 HOH A O      1 
HETATM 487 O  O      . HOH F 4 .  ? 13.72673  -0.15110  -7.64638  1.000 27.51347 ? 1267 HOH A O      1 
HETATM 488 O  O      . HOH F 4 .  ? -3.87075  -3.40775  7.98104   1.000 24.47575 ? 1268 HOH A O      1 
HETATM 489 O  O      . HOH F 4 .  ? 6.84243   15.93900  -4.63553  0.930 31.23029 ? 1269 HOH A O      1 
HETATM 490 O  O      . HOH F 4 .  ? 8.30829   7.89427   -0.29186  0.958 21.87344 ? 1270 HOH A O      1 
HETATM 491 O  O      . HOH F 4 .  ? -9.32589  -2.61209  11.02200  1.000 38.39648 ? 1271 HOH A O      1 
HETATM 492 O  O      . HOH F 4 .  ? -4.47087  -4.89404  -11.46719 1.000 41.38569 ? 1272 HOH A O      1 
HETATM 493 O  O      . HOH F 4 .  ? -0.71317  10.27242  -0.84101  0.806 17.39749 ? 1273 HOH A O      1 
HETATM 494 O  O      . HOH F 4 .  ? -2.91628  -12.79375 9.09057   1.000 21.83153 ? 1274 HOH A O      1 
HETATM 495 O  O      . HOH F 4 .  ? 13.38082  10.82609  -2.26987  1.000 40.02507 ? 1275 HOH A O      1 
HETATM 496 O  O      . HOH F 4 .  ? 9.38407   10.48066  -8.84492  0.524 22.66628 ? 1276 HOH A O      1 
HETATM 497 O  O      . HOH F 4 .  ? -1.44257  -2.44454  0.25968   1.000 29.97292 ? 1277 HOH A O      1 
HETATM 498 O  O      . HOH F 4 .  ? 0.04461   -1.25122  -3.30292  1.000 26.86405 ? 1278 HOH A O      1 
HETATM 499 O  O      . HOH F 4 .  ? -0.53148  1.13708   -5.83857  1.000 19.91779 ? 1279 HOH A O      1 
HETATM 500 O  O      . HOH F 4 .  ? -2.17486  8.05322   -0.21244  1.000 27.14110 ? 1280 HOH A O      1 
HETATM 501 O  O      . HOH F 4 .  ? 7.66451   6.17429   1.49528   0.678 17.39072 ? 1281 HOH A O      1 
HETATM 502 O  O      . HOH F 4 .  ? 1.93580   1.21651   -3.92112  1.000 13.72495 ? 1282 HOH A O      1 
HETATM 503 O  O      . HOH F 4 .  ? -0.98363  -9.44375  15.51316  0.848 31.48973 ? 1283 HOH A O      1 
HETATM 504 O  O      . HOH F 4 .  ? -10.05268 -9.91544  -0.25532  1.000 21.04069 ? 1284 HOH A O      1 
HETATM 505 O  O      . HOH F 4 .  ? 4.59819   13.60309  -0.34600  0.680 37.82513 ? 1285 HOH A O      1 
HETATM 506 O  O      . HOH F 4 .  ? -7.78116  -3.65848  6.64902   1.000 30.45384 ? 1286 HOH A O      1 
HETATM 507 O  O      . HOH F 4 .  ? -8.50093  -9.39114  -2.44147  1.000 25.43359 ? 1287 HOH A O      1 
HETATM 508 O  O      . HOH F 4 .  ? -10.16815 1.17770   -4.65921  0.926 22.03213 ? 1288 HOH A O      1 
HETATM 509 O  O      . HOH F 4 .  ? -9.73975  1.99655   -2.28997  1.000 28.45408 ? 1289 HOH A O      1 
HETATM 510 O  O      . HOH F 4 .  ? -11.75529 -2.86389  -5.99097  1.000 30.05201 ? 1290 HOH A O      1 
HETATM 511 O  O      . HOH F 4 .  ? -8.16961  9.66581   -9.42075  0.912 39.54933 ? 1291 HOH A O      1 
HETATM 512 O  O      . HOH F 4 .  ? 2.34714   -6.55714  15.59874  0.686 29.55697 ? 1292 HOH A O      1 
HETATM 513 O  O      . HOH F 4 .  ? 18.62765  7.71642   -10.33340 1.000 36.63799 ? 1293 HOH A O      1 
HETATM 514 O  O      . HOH F 4 .  ? 4.15242   -5.74854  13.48583  0.933 40.67503 ? 1294 HOH A O      1 
HETATM 515 O  O      . HOH F 4 .  ? 1.84190   -1.05195  8.56943   1.000 49.29379 ? 1295 HOH A O      1 
HETATM 516 O  O      . HOH F 4 .  ? -3.15734  -12.59742 -4.48036  1.000 43.42278 ? 1296 HOH A O      1 
HETATM 517 O  O      . HOH F 4 .  ? -0.63905  1.90722   12.91834  1.000 42.96697 ? 1297 HOH A O      1 
HETATM 518 O  O      . HOH F 4 .  ? -0.77067  -1.89911  6.76229   1.000 36.68341 ? 1298 HOH A O      1 
HETATM 519 O  O      . HOH F 4 .  ? 17.66944  0.61106   -7.63550  1.000 41.68152 ? 1299 HOH A O      1 
HETATM 520 O  O      . HOH F 4 .  ? 1.20125   -2.56232  -8.27650  1.000 43.60300 ? 1300 HOH A O      1 
HETATM 521 O  O      . HOH F 4 .  ? 0.50603   -15.05612 -2.99590  1.000 42.66806 ? 1301 HOH A O      1 
HETATM 522 O  O      . HOH F 4 .  ? 16.54072  -0.07691  -4.23954  1.000 36.00477 ? 1302 HOH A O      1 
HETATM 523 O  O      . HOH F 4 .  ? 6.40825   15.54355  -0.00083  0.548 33.37886 ? 1303 HOH A O      1 
HETATM 524 O  O      . HOH F 4 .  ? 0.92227   -2.62753  3.28644   1.000 33.16683 ? 1304 HOH A O      1 
HETATM 525 O  O      . HOH F 4 .  ? -4.01260  -0.29250  6.66066   1.000 34.24557 ? 1305 HOH A O      1 
HETATM 526 O  O      . HOH F 4 .  ? 2.75457   2.37737   9.77830   0.810 34.30895 ? 1306 HOH A O      1 
HETATM 527 O  O      . HOH F 4 .  ? 0.41143   4.43041   12.73478  0.724 36.99610 ? 1307 HOH A O      1 
HETATM 528 O  O      . HOH F 4 .  ? -14.37331 3.86327   -1.20434  1.000 37.58264 ? 1308 HOH A O      1 
# 
loop_
_atom_site_anisotrop.id 
_atom_site_anisotrop.type_symbol 
_atom_site_anisotrop.pdbx_label_atom_id 
_atom_site_anisotrop.pdbx_label_alt_id 
_atom_site_anisotrop.pdbx_label_comp_id 
_atom_site_anisotrop.pdbx_label_asym_id 
_atom_site_anisotrop.pdbx_label_seq_id 
_atom_site_anisotrop.pdbx_PDB_ins_code 
_atom_site_anisotrop.U[1][1] 
_atom_site_anisotrop.U[2][2] 
_atom_site_anisotrop.U[3][3] 
_atom_site_anisotrop.U[1][2] 
_atom_site_anisotrop.U[1][3] 
_atom_site_anisotrop.U[2][3] 
_atom_site_anisotrop.pdbx_auth_seq_id 
_atom_site_anisotrop.pdbx_auth_comp_id 
_atom_site_anisotrop.pdbx_auth_asym_id 
_atom_site_anisotrop.pdbx_auth_atom_id 
1   O  "O5'" A C   A 1  ? 0.15579 0.17685 0.12484 0.00376  0.00480  -0.02241 1001 C   A "O5'" 
2   O  "O5'" B C   A 1  ? 0.16949 0.15672 0.17454 0.01208  -0.01525 0.00465  1001 C   A "O5'" 
3   C  "C5'" A C   A 1  ? 0.15329 0.17605 0.11658 0.00497  0.00928  -0.01941 1001 C   A "C5'" 
4   C  "C5'" B C   A 1  ? 0.15753 0.15905 0.15367 0.01228  -0.00873 0.00529  1001 C   A "C5'" 
5   C  "C4'" A C   A 1  ? 0.14562 0.17439 0.10725 0.00512  0.01122  -0.02232 1001 C   A "C4'" 
6   C  "C4'" B C   A 1  ? 0.14441 0.16215 0.12819 0.00887  -0.00719 0.00235  1001 C   A "C4'" 
7   O  "O4'" A C   A 1  ? 0.13909 0.16584 0.09964 0.00941  0.01683  -0.02767 1001 C   A "O4'" 
8   O  "O4'" B C   A 1  ? 0.13499 0.15471 0.11152 0.01132  -0.00212 0.00056  1001 C   A "O4'" 
9   C  "C3'" A C   A 1  ? 0.13945 0.18605 0.10339 0.00167  0.01436  -0.01706 1001 C   A "C3'" 
10  C  "C3'" B C   A 1  ? 0.13680 0.17963 0.11220 0.00239  -0.00269 0.00523  1001 C   A "C3'" 
11  O  "O3'" A C   A 1  ? 0.14205 0.20809 0.10995 -0.00625 0.01154  -0.00783 1001 C   A "O3'" 
12  O  "O3'" B C   A 1  ? 0.14078 0.20535 0.11321 -0.00728 0.00169  0.00368  1001 C   A "O3'" 
13  C  "C2'" A C   A 1  ? 0.13148 0.17435 0.10249 0.00831  0.01567  -0.02387 1001 C   A "C2'" 
14  C  "C2'" B C   A 1  ? 0.12696 0.16823 0.11001 0.00863  -0.00995 0.00393  1001 C   A "C2'" 
15  O  "O2'" A C   A 1  ? 0.12636 0.17526 0.11327 0.01095  0.01371  -0.03071 1001 C   A "O2'" 
16  O  "O2'" B C   A 1  ? 0.12354 0.17465 0.12077 0.00924  -0.02270 -0.00231 1001 C   A "O2'" 
17  C  "C1'" A C   A 1  ? 0.13230 0.16225 0.10174 0.01241  0.01747  -0.02526 1001 C   A "C1'" 
18  C  "C1'" B C   A 1  ? 0.12485 0.15025 0.10802 0.01529  -0.00128 0.00462  1001 C   A "C1'" 
19  N  N1    A C   A 1  ? 0.12960 0.15362 0.09911 0.01483  0.01406  -0.02242 1001 C   A N1    
20  N  N1    B C   A 1  ? 0.11157 0.13954 0.09650 0.01989  0.00491  0.00716  1001 C   A N1    
21  C  C2    A C   A 1  ? 0.13514 0.14806 0.10126 0.01464  0.00620  -0.02054 1001 C   A C2    
22  C  C2    B C   A 1  ? 0.11048 0.13302 0.08335 0.02164  0.00693  0.01032  1001 C   A C2    
23  O  O2    A C   A 1  ? 0.13840 0.14585 0.10436 0.01300  -0.00179 -0.02329 1001 C   A O2    
24  O  O2    B C   A 1  ? 0.11341 0.13184 0.08142 0.01903  -0.00187 0.00495  1001 C   A O2    
25  N  N3    A C   A 1  ? 0.13900 0.14441 0.10490 0.01506  0.00274  -0.01567 1001 C   A N3    
26  N  N3    B C   A 1  ? 0.11125 0.12459 0.08035 0.02466  0.01095  0.01849  1001 C   A N3    
27  C  C4    A C   A 1  ? 0.13701 0.14459 0.11138 0.01585  0.00313  -0.01679 1001 C   A C4    
28  C  C4    B C   A 1  ? 0.10626 0.12484 0.08914 0.02622  0.01326  0.01668  1001 C   A C4    
29  N  N4    A C   A 1  ? 0.14086 0.14372 0.12007 0.01498  -0.00566 -0.01588 1001 C   A N4    
30  N  N4    B C   A 1  ? 0.10834 0.12023 0.10205 0.02815  0.00342  0.01665  1001 C   A N4    
31  C  C5    A C   A 1  ? 0.13692 0.14493 0.10745 0.01680  0.00764  -0.01888 1001 C   A C5    
32  C  C5    B C   A 1  ? 0.12045 0.12463 0.10755 0.02343  -0.00041 0.00930  1001 C   A C5    
33  C  C6    A C   A 1  ? 0.13303 0.14858 0.09794 0.01689  0.01452  -0.02169 1001 C   A C6    
34  C  C6    B C   A 1  ? 0.11827 0.13166 0.10513 0.02191  0.00336  0.00674  1001 C   A C6    
59  P  P     . G   A 2  ? 0.14340 0.22900 0.12156 -0.00793 0.01466  0.00035  1002 G   A P     
60  O  OP1   . G   A 2  ? 0.15701 0.23881 0.14935 -0.01524 0.02257  0.00209  1002 G   A OP1   
61  O  OP2   . G   A 2  ? 0.16847 0.23439 0.13023 -0.01130 0.00595  0.01002  1002 G   A OP2   
62  O  "O5'" . G   A 2  ? 0.13285 0.22894 0.12739 0.00629  0.01078  -0.01615 1002 G   A "O5'" 
63  C  "C5'" . G   A 2  ? 0.13133 0.22940 0.12778 0.01189  0.00362  -0.02209 1002 G   A "C5'" 
64  C  "C4'" . G   A 2  ? 0.12552 0.22996 0.12714 0.01628  -0.00129 -0.02382 1002 G   A "C4'" 
65  O  "O4'" . G   A 2  ? 0.13122 0.22764 0.11887 0.01615  -0.00765 -0.01927 1002 G   A "O4'" 
66  C  "C3'" . G   A 2  ? 0.11638 0.23107 0.12535 0.02041  -0.00190 -0.03461 1002 G   A "C3'" 
67  O  "O3'" . G   A 2  ? 0.11029 0.23968 0.13289 0.01467  -0.00565 -0.04894 1002 G   A "O3'" 
68  C  "C2'" . G   A 2  ? 0.12873 0.22275 0.12084 0.02807  -0.00980 -0.02349 1002 G   A "C2'" 
69  O  "O2'" . G   A 2  ? 0.14058 0.22462 0.13783 0.03574  -0.01521 -0.01996 1002 G   A "O2'" 
70  C  "C1'" . G   A 2  ? 0.13212 0.21781 0.10713 0.02110  -0.00877 -0.01763 1002 G   A "C1'" 
71  N  N9    . G   A 2  ? 0.12708 0.20237 0.09187 0.02148  -0.00027 -0.00443 1002 G   A N9    
72  C  C8    . G   A 2  ? 0.13620 0.19258 0.10284 0.01893  0.00654  -0.00610 1002 G   A C8    
73  N  N7    . G   A 2  ? 0.12883 0.18778 0.10662 0.02033  0.01390  -0.00655 1002 G   A N7    
74  C  C5    . G   A 2  ? 0.11947 0.18234 0.09256 0.02201  0.01011  0.00157  1002 G   A C5    
75  C  C6    . G   A 2  ? 0.11571 0.16954 0.08962 0.02270  0.00649  0.00121  1002 G   A C6    
76  O  O6    . G   A 2  ? 0.11781 0.15967 0.09924 0.02254  0.00535  0.00239  1002 G   A O6    
77  N  N1    . G   A 2  ? 0.11314 0.16906 0.09116 0.02601  0.00328  0.00548  1002 G   A N1    
78  C  C2    . G   A 2  ? 0.12262 0.17118 0.08516 0.02711  -0.00032 0.00904  1002 G   A C2    
79  N  N2    . G   A 2  ? 0.12161 0.16778 0.10968 0.02786  -0.00576 0.00875  1002 G   A N2    
80  N  N3    . G   A 2  ? 0.11522 0.17813 0.09299 0.02979  0.01207  0.00486  1002 G   A N3    
81  C  C4    . G   A 2  ? 0.11756 0.18645 0.08098 0.02493  0.01237  -0.00287 1002 G   A C4    
93  P  P     . C   A 3  ? 0.11723 0.24229 0.13162 0.00706  -0.00011 -0.05307 1003 C   A P     
94  O  OP1   . C   A 3  ? 0.11800 0.25428 0.15046 0.00018  -0.00099 -0.05520 1003 C   A OP1   
95  O  OP2   . C   A 3  ? 0.13965 0.23714 0.14379 0.00325  0.00118  -0.05167 1003 C   A OP2   
96  O  "O5'" . C   A 3  ? 0.10816 0.21959 0.12772 0.02249  -0.01315 -0.03924 1003 C   A "O5'" 
97  C  "C5'" . C   A 3  ? 0.10465 0.19922 0.13248 0.02906  -0.01634 -0.02314 1003 C   A "C5'" 
98  C  "C4'" . C   A 3  ? 0.09645 0.17788 0.11025 0.03381  -0.00968 -0.00704 1003 C   A "C4'" 
99  O  "O4'" . C   A 3  ? 0.09407 0.16740 0.10152 0.04076  -0.01307 0.00557  1003 C   A "O4'" 
100 C  "C3'" . C   A 3  ? 0.09065 0.15339 0.09968 0.03560  -0.00065 -0.00748 1003 C   A "C3'" 
101 O  "O3'" . C   A 3  ? 0.09571 0.14551 0.12623 0.03195  0.00005  -0.01492 1003 C   A "O3'" 
102 C  "C2'" . C   A 3  ? 0.08840 0.14083 0.10525 0.04223  -0.00796 0.00517  1003 C   A "C2'" 
103 O  "O2'" . C   A 3  ? 0.09615 0.13311 0.12793 0.04559  -0.00309 0.01022  1003 C   A "O2'" 
104 C  "C1'" . C   A 3  ? 0.09139 0.14956 0.09779 0.03983  -0.01808 0.01441  1003 C   A "C1'" 
105 N  N1    . C   A 3  ? 0.08673 0.14310 0.10066 0.03674  -0.00967 0.00375  1003 C   A N1    
106 C  C2    . C   A 3  ? 0.08656 0.13580 0.09298 0.03534  -0.00329 0.01462  1003 C   A C2    
107 O  O2    . C   A 3  ? 0.09528 0.13014 0.09937 0.03363  -0.01116 0.01355  1003 C   A O2    
108 N  N3    . C   A 3  ? 0.08192 0.13860 0.09481 0.03321  0.00555  0.01653  1003 C   A N3    
109 C  C4    . C   A 3  ? 0.09392 0.14149 0.08633 0.03206  0.00236  0.01382  1003 C   A C4    
110 N  N4    . C   A 3  ? 0.10139 0.13559 0.09332 0.03124  -0.00375 0.01213  1003 C   A N4    
111 C  C5    . C   A 3  ? 0.09925 0.14440 0.10074 0.03246  -0.00447 0.00048  1003 C   A C5    
112 C  C6    . C   A 3  ? 0.09487 0.14579 0.10654 0.03520  -0.00424 -0.00041 1003 C   A C6    
124 P  P     . G   A 4  ? 0.09353 0.15363 0.15340 0.02215  0.00731  -0.01303 1004 G   A P     
125 O  OP1   . G   A 4  ? 0.10940 0.17320 0.19387 0.01437  -0.01596 -0.01464 1004 G   A OP1   
126 O  OP2   . G   A 4  ? 0.13486 0.15391 0.16698 0.01780  0.00329  -0.00980 1004 G   A OP2   
127 O  "O5'" . G   A 4  ? 0.11758 0.13618 0.15112 0.03785  -0.00845 0.00111  1004 G   A "O5'" 
128 C  "C5'" . G   A 4  ? 0.11907 0.13607 0.13921 0.04601  -0.00319 -0.00030 1004 G   A "C5'" 
129 C  "C4'" . G   A 4  ? 0.11965 0.13237 0.11506 0.05130  0.00229  0.01229  1004 G   A "C4'" 
130 O  "O4'" . G   A 4  ? 0.12037 0.12909 0.10998 0.05435  -0.00240 0.02605  1004 G   A "O4'" 
131 C  "C3'" . G   A 4  ? 0.12194 0.12560 0.10504 0.05266  0.00945  0.02032  1004 G   A "C3'" 
132 O  "O3'" . G   A 4  ? 0.13274 0.12809 0.10312 0.05887  0.01821  0.02396  1004 G   A "O3'" 
133 C  "C2'" . G   A 4  ? 0.12454 0.11122 0.11726 0.05348  0.00403  0.00955  1004 G   A "C2'" 
134 O  "O2'" . G   A 4  ? 0.14215 0.11727 0.14434 0.04829  0.00088  -0.00285 1004 G   A "O2'" 
135 C  "C1'" . G   A 4  ? 0.11310 0.11674 0.10993 0.05364  -0.00017 0.01751  1004 G   A "C1'" 
136 N  N9    . G   A 4  ? 0.09878 0.11277 0.10222 0.04791  -0.00769 0.01993  1004 G   A N9    
137 C  C8    . G   A 4  ? 0.09761 0.11669 0.11044 0.04076  -0.00723 0.01914  1004 G   A C8    
138 N  N7    . G   A 4  ? 0.08895 0.11635 0.10637 0.03655  -0.00738 0.01713  1004 G   A N7    
139 C  C5    . G   A 4  ? 0.09201 0.11652 0.09396 0.03538  -0.00113 0.01726  1004 G   A C5    
140 C  C6    . G   A 4  ? 0.09217 0.11490 0.08220 0.03278  -0.00596 0.01432  1004 G   A C6    
141 O  O6    . G   A 4  ? 0.08838 0.11214 0.09934 0.03463  -0.01174 0.00760  1004 G   A O6    
142 N  N1    . G   A 4  ? 0.09316 0.11908 0.09480 0.03309  -0.00870 0.01247  1004 G   A N1    
143 C  C2    . G   A 4  ? 0.10531 0.11969 0.10769 0.03209  -0.01924 0.00963  1004 G   A C2    
144 N  N2    . G   A 4  ? 0.11260 0.12579 0.13546 0.03105  -0.03331 -0.01030 1004 G   A N2    
145 N  N3    . G   A 4  ? 0.10399 0.11515 0.10614 0.03428  -0.00869 0.01303  1004 G   A N3    
146 C  C4    . G   A 4  ? 0.09378 0.11558 0.09131 0.04028  -0.00465 0.01874  1004 G   A C4    
158 P  P     . XMP A 5  ? 0.13745 0.15573 0.12379 0.05516  0.02134  0.02094  1005 XMP A P     
159 O  O1P   . XMP A 5  ? 0.14851 0.18196 0.14215 0.05074  0.02753  0.00598  1005 XMP A O1P   
160 O  "O5'" . XMP A 5  ? 0.15121 0.14516 0.10334 0.06118  0.00017  0.01854  1005 XMP A "O5'" 
161 O  O3P   . XMP A 5  ? 0.15043 0.16820 0.15362 0.03882  0.02298  0.02298  1005 XMP A O3P   
162 C  "C5'" . XMP A 5  ? 0.15945 0.14064 0.10578 0.06239  -0.01027 0.01047  1005 XMP A "C5'" 
163 C  "C4'" . XMP A 5  ? 0.15873 0.13340 0.09970 0.06434  -0.01011 0.00246  1005 XMP A "C4'" 
164 O  "O4'" . XMP A 5  ? 0.15821 0.12747 0.10977 0.06259  -0.01834 0.00189  1005 XMP A "O4'" 
165 C  "C1'" . XMP A 5  ? 0.14354 0.12529 0.10135 0.05724  -0.01249 0.00647  1005 XMP A "C1'" 
166 N  N9    . XMP A 5  ? 0.13263 0.11561 0.09384 0.05040  -0.00339 0.01381  1005 XMP A N9    
167 C  C4    . XMP A 5  ? 0.12702 0.12310 0.09548 0.03110  -0.00368 0.02214  1005 XMP A C4    
168 N  N3    . XMP A 5  ? 0.11830 0.12504 0.09365 0.01986  -0.00238 0.01375  1005 XMP A N3    
169 N  N1    . XMP A 5  ? 0.11354 0.12182 0.08876 0.02507  0.00754  0.02498  1005 XMP A N1    
170 C  C2    . XMP A 5  ? 0.11638 0.12188 0.09660 0.02111  0.00094  0.01616  1005 XMP A C2    
171 O  O2    . XMP A 5  ? 0.10734 0.12342 0.11604 0.02213  -0.00951 0.01150  1005 XMP A O2    
172 C  C6    . XMP A 5  ? 0.12057 0.12779 0.09874 0.02765  0.01201  0.02674  1005 XMP A C6    
173 O  O6    . XMP A 5  ? 0.12727 0.12795 0.09456 0.02671  -0.00200 0.01097  1005 XMP A O6    
174 C  C5    . XMP A 5  ? 0.12372 0.13261 0.09908 0.03095  0.00379  0.02750  1005 XMP A C5    
175 N  N7    . XMP A 5  ? 0.12149 0.14165 0.10725 0.03734  0.00133  0.03180  1005 XMP A N7    
176 C  C8    . XMP A 5  ? 0.12969 0.13123 0.10769 0.04541  -0.00436 0.01643  1005 XMP A C8    
177 C  "C2'" . XMP A 5  ? 0.15146 0.13865 0.10612 0.05364  -0.01156 0.00392  1005 XMP A "C2'" 
178 O  "O2'" . XMP A 5  ? 0.16815 0.14531 0.11765 0.04232  -0.02047 0.00218  1005 XMP A "O2'" 
179 C  "C3'" . XMP A 5  ? 0.15345 0.13615 0.09803 0.06448  -0.00433 0.00152  1005 XMP A "C3'" 
180 O  "O3'" . XMP A 5  ? 0.16118 0.14221 0.09032 0.06540  0.00188  -0.00412 1005 XMP A "O3'" 
191 P  P     . A   A 6  ? 0.16433 0.15591 0.08716 0.06561  0.00692  -0.00087 1006 A   A P     
192 O  OP1   . A   A 6  ? 0.18622 0.16183 0.10727 0.06575  0.01507  -0.00274 1006 A   A OP1   
193 O  OP2   . A   A 6  ? 0.15947 0.17525 0.10826 0.05422  -0.00315 0.00118  1006 A   A OP2   
194 O  "O5'" . A   A 6  ? 0.16454 0.13604 0.09027 0.05662  -0.01424 -0.00135 1006 A   A "O5'" 
195 C  "C5'" . A   A 6  ? 0.16205 0.13220 0.09740 0.04689  -0.02494 -0.00853 1006 A   A "C5'" 
196 C  "C4'" . A   A 6  ? 0.14930 0.13311 0.09661 0.03761  -0.02839 -0.00485 1006 A   A "C4'" 
197 O  "O4'" . A   A 6  ? 0.14668 0.13138 0.10367 0.03092  -0.02124 -0.00354 1006 A   A "O4'" 
198 C  "C3'" . A   A 6  ? 0.13536 0.13826 0.08604 0.04109  -0.02680 -0.00163 1006 A   A "C3'" 
199 O  "O3'" . A   A 6  ? 0.13409 0.14374 0.08876 0.04238  -0.02218 -0.00524 1006 A   A "O3'" 
200 C  "C2'" . A   A 6  ? 0.12583 0.14608 0.10094 0.03960  -0.02354 -0.00336 1006 A   A "C2'" 
201 O  "O2'" . A   A 6  ? 0.12432 0.16661 0.11446 0.03916  -0.03128 -0.00601 1006 A   A "O2'" 
202 C  "C1'" . A   A 6  ? 0.12930 0.13117 0.09315 0.03457  -0.01662 -0.00265 1006 A   A "C1'" 
203 N  N9    . A   A 6  ? 0.12243 0.12227 0.08545 0.02969  -0.00957 0.00241  1006 A   A N9    
204 C  C8    . A   A 6  ? 0.12434 0.11705 0.08802 0.02772  -0.00785 0.00105  1006 A   A C8    
205 N  N7    . A   A 6  ? 0.11655 0.11562 0.08536 0.02778  -0.00364 0.00248  1006 A   A N7    
206 C  C5    . A   A 6  ? 0.11201 0.12036 0.07124 0.03068  0.00205  0.00320  1006 A   A C5    
207 C  C6    . A   A 6  ? 0.11538 0.11876 0.07232 0.03283  0.00661  0.00474  1006 A   A C6    
208 N  N6    . A   A 6  ? 0.12142 0.11405 0.08720 0.02944  0.00938  -0.00215 1006 A   A N6    
209 N  N1    . A   A 6  ? 0.12824 0.11983 0.07964 0.03563  -0.00037 -0.00007 1006 A   A N1    
210 C  C2    . A   A 6  ? 0.13021 0.12627 0.08415 0.03579  -0.00309 0.00257  1006 A   A C2    
211 N  N3    . A   A 6  ? 0.11874 0.13076 0.08512 0.03375  -0.00732 0.00393  1006 A   A N3    
212 C  C4    . A   A 6  ? 0.11750 0.12241 0.07267 0.03091  -0.00594 0.00498  1006 A   A C4    
224 P  P     . U   A 7  ? 0.13823 0.14891 0.08937 0.04189  -0.00950 -0.00366 1007 U   A P     
225 O  OP1   . U   A 7  ? 0.15750 0.15592 0.09777 0.03555  -0.00532 -0.01579 1007 U   A OP1   
226 O  OP2   . U   A 7  ? 0.13006 0.15893 0.12036 0.04121  -0.01607 -0.00174 1007 U   A OP2   
227 O  "O5'" . U   A 7  ? 0.13424 0.13628 0.09702 0.04057  -0.02811 -0.00006 1007 U   A "O5'" 
228 C  "C5'" . U   A 7  ? 0.13801 0.13179 0.10073 0.03774  -0.03918 -0.00211 1007 U   A "C5'" 
229 C  "C4'" . U   A 7  ? 0.13313 0.13383 0.10659 0.03743  -0.03290 -0.00298 1007 U   A "C4'" 
230 O  "O4'" . U   A 7  ? 0.12872 0.14011 0.10164 0.03587  -0.01872 -0.00093 1007 U   A "O4'" 
231 C  "C3'" . U   A 7  ? 0.13812 0.13739 0.10827 0.03630  -0.03326 0.00231  1007 U   A "C3'" 
232 O  "O3'" . U   A 7  ? 0.14713 0.14657 0.10147 0.02819  -0.02876 0.01353  1007 U   A "O3'" 
233 C  "C2'" . U   A 7  ? 0.13483 0.13132 0.11311 0.04491  -0.03514 -0.00490 1007 U   A "C2'" 
234 O  "O2'" . U   A 7  ? 0.14334 0.13560 0.12709 0.05184  -0.03140 -0.01373 1007 U   A "O2'" 
235 C  "C1'" . U   A 7  ? 0.12720 0.13382 0.10108 0.04094  -0.02686 -0.00450 1007 U   A "C1'" 
236 N  N1    . U   A 7  ? 0.13007 0.12643 0.09471 0.03790  -0.02426 -0.00153 1007 U   A N1    
237 C  C2    . U   A 7  ? 0.13085 0.13688 0.08941 0.04151  -0.01640 -0.00712 1007 U   A C2    
238 O  O2    . U   A 7  ? 0.14683 0.14458 0.11008 0.05249  -0.02812 -0.02728 1007 U   A O2    
239 N  N3    . U   A 7  ? 0.11504 0.14028 0.07896 0.03294  -0.00762 0.00327  1007 U   A N3    
240 C  C4    . U   A 7  ? 0.11115 0.13658 0.07549 0.02766  0.00182  0.01025  1007 U   A C4    
241 O  O4    . U   A 7  ? 0.10711 0.13375 0.07883 0.02482  0.00053  0.00613  1007 U   A O4    
242 C  C5    . U   A 7  ? 0.12111 0.12645 0.08899 0.02882  -0.00487 0.00222  1007 U   A C5    
243 C  C6    . U   A 7  ? 0.13236 0.12204 0.08556 0.03012  -0.01967 0.00310  1007 U   A C6    
254 P  P     . U   A 8  ? 0.15999 0.17044 0.12231 0.01921  -0.01843 0.02067  1008 U   A P     
255 O  OP1   . U   A 8  ? 0.18636 0.19057 0.13456 0.00901  -0.01826 0.02526  1008 U   A OP1   
256 O  OP2   . U   A 8  ? 0.16333 0.17701 0.15220 0.02334  -0.00801 0.00104  1008 U   A OP2   
257 O  "O5'" . U   A 8  ? 0.14431 0.15491 0.15481 0.02236  -0.03433 0.02388  1008 U   A "O5'" 
258 C  "C5'" . U   A 8  ? 0.13996 0.15015 0.16479 0.02303  -0.04328 0.03014  1008 U   A "C5'" 
259 C  "C4'" . U   A 8  ? 0.13578 0.15234 0.16988 0.02059  -0.04322 0.03492  1008 U   A "C4'" 
260 O  "O4'" . U   A 8  ? 0.12418 0.15272 0.18085 0.02020  -0.04146 0.02556  1008 U   A "O4'" 
261 C  "C3'" . U   A 8  ? 0.14979 0.15300 0.16379 0.01685  -0.04711 0.04904  1008 U   A "C3'" 
262 O  "O3'" . U   A 8  ? 0.16118 0.17540 0.16564 0.00175  -0.05304 0.05015  1008 U   A "O3'" 
263 C  "C2'" . U   A 8  ? 0.14246 0.14003 0.18295 0.02633  -0.04482 0.03550  1008 U   A "C2'" 
264 O  "O2'" . U   A 8  ? 0.16072 0.13217 0.21018 0.03214  -0.05850 0.02839  1008 U   A "O2'" 
265 C  "C1'" . U   A 8  ? 0.12748 0.14324 0.16819 0.02256  -0.03602 0.02835  1008 U   A "C1'" 
266 N  N1    . U   A 8  ? 0.12355 0.13758 0.13915 0.01806  -0.02589 0.02302  1008 U   A N1    
267 C  C2    . U   A 8  ? 0.12876 0.13736 0.12532 0.01739  -0.01993 0.01497  1008 U   A C2    
268 O  O2    . U   A 8  ? 0.15197 0.12927 0.14787 0.02503  -0.02818 0.00063  1008 U   A O2    
269 N  N3    . U   A 8  ? 0.10709 0.14264 0.10434 0.00967  -0.01299 0.01878  1008 U   A N3    
270 C  C4    . U   A 8  ? 0.10298 0.14111 0.10073 0.00913  -0.01587 0.01959  1008 U   A C4    
271 O  O4    . U   A 8  ? 0.10559 0.13216 0.11350 0.01027  -0.02853 0.00970  1008 U   A O4    
272 C  C5    . U   A 8  ? 0.11697 0.13564 0.12317 0.00783  -0.02733 0.01770  1008 U   A C5    
273 C  C6    . U   A 8  ? 0.11992 0.13757 0.13096 0.01308  -0.02613 0.02241  1008 U   A C6    
284 P  P     . A   A 9  ? 0.18725 0.19976 0.16015 -0.01139 -0.05474 0.05308  1009 A   A P     
285 O  OP1   . A   A 9  ? 0.21752 0.21137 0.16480 -0.01589 -0.06739 0.05524  1009 A   A OP1   
286 O  OP2   . A   A 9  ? 0.20148 0.20125 0.17817 -0.01076 -0.04440 0.02998  1009 A   A OP2   
287 O  "O5'" . A   A 9  ? 0.16183 0.16750 0.17021 0.00791  -0.05034 0.06473  1009 A   A "O5'" 
288 C  "C5'" . A   A 9  ? 0.13850 0.15039 0.18924 0.02191  -0.04403 0.06384  1009 A   A "C5'" 
289 C  "C4'" . A   A 9  ? 0.12124 0.13223 0.19489 0.03938  -0.03235 0.04771  1009 A   A "C4'" 
290 O  "O4'" . A   A 9  ? 0.10735 0.12825 0.19248 0.04532  -0.02470 0.04335  1009 A   A "O4'" 
291 C  "C3'" . A   A 9  ? 0.10978 0.12850 0.17102 0.04878  -0.01586 0.03861  1009 A   A "C3'" 
292 O  "O3'" . A   A 9  ? 0.11477 0.12832 0.15972 0.05504  -0.01407 0.03343  1009 A   A "O3'" 
293 C  "C2'" . A   A 9  ? 0.10540 0.12261 0.17122 0.04983  -0.01139 0.02836  1009 A   A "C2'" 
294 O  "O2'" . A   A 9  ? 0.10191 0.12868 0.17844 0.04419  -0.00107 0.01751  1009 A   A "O2'" 
295 C  "C1'" . A   A 9  ? 0.10255 0.12280 0.16846 0.05123  -0.01469 0.03306  1009 A   A "C1'" 
296 N  N9    . A   A 9  ? 0.10781 0.12257 0.14707 0.04717  -0.01772 0.02800  1009 A   A N9    
297 C  C8    . A   A 9  ? 0.10328 0.13231 0.13337 0.04301  -0.02415 0.02904  1009 A   A C8    
298 N  N7    . A   A 9  ? 0.10119 0.13120 0.12495 0.04194  -0.01891 0.03240  1009 A   A N7    
299 C  C5    . A   A 9  ? 0.09393 0.12725 0.11169 0.04256  -0.00251 0.02857  1009 A   A C5    
300 C  C6    . A   A 9  ? 0.09177 0.12434 0.09961 0.04183  0.00026  0.02198  1009 A   A C6    
301 N  N6    . A   A 9  ? 0.09196 0.12035 0.10903 0.04068  -0.00920 0.02296  1009 A   A N6    
302 N  N1    . A   A 9  ? 0.10176 0.11970 0.10878 0.04198  -0.00175 0.01324  1009 A   A N1    
303 C  C2    . A   A 9  ? 0.10890 0.11933 0.13008 0.04250  -0.01255 0.00621  1009 A   A C2    
304 N  N3    . A   A 9  ? 0.10895 0.11733 0.13827 0.04515  -0.01190 0.00861  1009 A   A N3    
305 C  C4    . A   A 9  ? 0.10237 0.11950 0.13188 0.04629  -0.00704 0.02011  1009 A   A C4    
317 P  P     . G   A 10 ? 0.13189 0.14477 0.15217 0.05562  0.00011  0.02440  1010 G   A P     
318 O  OP1   . G   A 10 ? 0.14533 0.16618 0.15522 0.03940  0.01159  0.03104  1010 G   A OP1   
319 O  OP2   . G   A 10 ? 0.16631 0.15236 0.17386 0.05044  -0.01099 0.00128  1010 G   A OP2   
320 O  "O5'" . G   A 10 ? 0.10986 0.13323 0.16291 0.05876  0.00294  0.02317  1010 G   A "O5'" 
321 C  "C5'" . G   A 10 ? 0.09758 0.13780 0.17826 0.04991  0.00057  0.02252  1010 G   A "C5'" 
322 C  "C4'" . G   A 10 ? 0.09390 0.13558 0.17807 0.04575  -0.00296 0.01725  1010 G   A "C4'" 
323 O  "O4'" . G   A 10 ? 0.09145 0.13777 0.16344 0.04647  -0.00235 0.01077  1010 G   A "O4'" 
324 C  "C3'" . G   A 10 ? 0.09495 0.13379 0.18165 0.04527  -0.00158 0.02092  1010 G   A "C3'" 
325 O  "O3'" . G   A 10 ? 0.10211 0.14163 0.20501 0.03961  0.00191  0.02885  1010 G   A "O3'" 
326 C  "C2'" . G   A 10 ? 0.10051 0.13728 0.17407 0.04179  -0.01024 0.01038  1010 G   A "C2'" 
327 O  "O2'" . G   A 10 ? 0.11663 0.13857 0.18295 0.04184  -0.01581 0.00265  1010 G   A "O2'" 
328 C  "C1'" . G   A 10 ? 0.08836 0.13468 0.15318 0.04581  -0.00066 0.01124  1010 G   A "C1'" 
329 N  N9    . G   A 10 ? 0.07830 0.13353 0.13369 0.04420  0.00079  0.00835  1010 G   A N9    
330 C  C8    . G   A 10 ? 0.08946 0.14029 0.13175 0.03955  -0.00552 0.01122  1010 G   A C8    
331 N  N7    . G   A 10 ? 0.08494 0.14077 0.12379 0.04043  0.00125  0.01130  1010 G   A N7    
332 C  C5    . G   A 10 ? 0.08289 0.13208 0.11277 0.04243  0.00174  0.01632  1010 G   A C5    
333 C  C6    . G   A 10 ? 0.08248 0.13617 0.10366 0.03903  0.01076  0.02047  1010 G   A C6    
334 O  O6    . G   A 10 ? 0.09337 0.13839 0.11052 0.03895  0.00335  0.00866  1010 G   A O6    
335 N  N1    . G   A 10 ? 0.08085 0.12801 0.10357 0.03723  0.00550  0.02301  1010 G   A N1    
336 C  C2    . G   A 10 ? 0.07394 0.12489 0.11235 0.03818  -0.00301 0.01481  1010 G   A C2    
337 N  N2    . G   A 10 ? 0.08378 0.11742 0.12470 0.03305  -0.01096 0.01368  1010 G   A N2    
338 N  N3    . G   A 10 ? 0.07929 0.13147 0.11765 0.03889  0.00121  0.01712  1010 G   A N3    
339 C  C4    . G   A 10 ? 0.07155 0.13212 0.11679 0.04379  0.00841  0.01722  1010 G   A C4    
351 P  P     . C   A 11 ? 0.10423 0.16656 0.21284 0.02801  0.00923  0.03883  1011 C   A P     
352 O  OP1   . C   A 11 ? 0.11285 0.18638 0.24177 0.00892  0.01233  0.04866  1011 C   A OP1   
353 O  OP2   . C   A 11 ? 0.12354 0.17279 0.19057 0.03041  0.01154  0.04319  1011 C   A OP2   
354 O  "O5'" . C   A 11 ? 0.09357 0.15797 0.22399 0.04023  -0.00165 0.00368  1011 C   A "O5'" 
355 C  "C5'" . C   A 11 ? 0.09867 0.15588 0.21818 0.03980  -0.01304 -0.01137 1011 C   A "C5'" 
356 C  "C4'" . C   A 11 ? 0.10655 0.15399 0.19224 0.03879  -0.01523 -0.02074 1011 C   A "C4'" 
357 O  "O4'" . C   A 11 ? 0.10062 0.15868 0.17456 0.04413  -0.00266 -0.02968 1011 C   A "O4'" 
358 C  "C3'" . C   A 11 ? 0.10083 0.15562 0.18752 0.03403  -0.01267 -0.01554 1011 C   A "C3'" 
359 O  "O3'" . C   A 11 ? 0.09279 0.16703 0.20527 0.02406  -0.01283 -0.00561 1011 C   A "O3'" 
360 C  "C2'" . C   A 11 ? 0.10461 0.15870 0.17237 0.03817  -0.01857 -0.02348 1011 C   A "C2'" 
361 O  "O2'" . C   A 11 ? 0.11703 0.16839 0.18246 0.04042  -0.03900 -0.03012 1011 C   A "O2'" 
362 C  "C1'" . C   A 11 ? 0.10314 0.15935 0.15530 0.03977  -0.00445 -0.02264 1011 C   A "C1'" 
363 N  N1    . C   A 11 ? 0.09901 0.15544 0.13392 0.04093  0.00389  -0.00924 1011 C   A N1    
364 C  C2    . C   A 11 ? 0.10234 0.15894 0.11667 0.03946  0.01201  0.00093  1011 C   A C2    
365 O  O2    . C   A 11 ? 0.12145 0.15436 0.11901 0.03611  -0.00651 -0.00088 1011 C   A O2    
366 N  N3    . C   A 11 ? 0.09925 0.15651 0.11125 0.03811  0.01883  0.00503  1011 C   A N3    
367 C  C4    . C   A 11 ? 0.10646 0.15236 0.11626 0.03926  0.01058  0.00674  1011 C   A C4    
368 N  N4    . C   A 11 ? 0.10915 0.15755 0.11973 0.03471  0.00820  0.00716  1011 C   A N4    
369 C  C5    . C   A 11 ? 0.10522 0.15280 0.12411 0.03793  0.00580  0.00792  1011 C   A C5    
370 C  C6    . C   A 11 ? 0.10160 0.15011 0.13417 0.04010  -0.00025 0.00051  1011 C   A C6    
382 P  P     . G   A 12 ? 0.10140 0.16933 0.21414 0.02099  -0.00827 0.00479  1012 G   A P     
383 O  OP1   . G   A 12 ? 0.10942 0.17110 0.24850 0.01929  0.00108  -0.00697 1012 G   A OP1   
384 O  OP2   . G   A 12 ? 0.13411 0.18428 0.21989 0.01155  -0.01666 0.01667  1012 G   A OP2   
385 O  "O5'" . G   A 12 ? 0.09462 0.16329 0.18020 0.02515  -0.01087 -0.01154 1012 G   A "O5'" 
386 C  "C5'" . G   A 12 ? 0.09932 0.15803 0.17145 0.02772  -0.01704 -0.02649 1012 G   A "C5'" 
387 C  "C4'" . G   A 12 ? 0.10261 0.15368 0.13586 0.02946  -0.00959 -0.03520 1012 G   A "C4'" 
388 O  "O4'" . G   A 12 ? 0.11420 0.15438 0.11336 0.02445  -0.00266 -0.02244 1012 G   A "O4'" 
389 C  "C3'" . G   A 12 ? 0.09454 0.16150 0.12128 0.02611  -0.00606 -0.03111 1012 G   A "C3'" 
390 O  "O3'" . G   A 12 ? 0.09715 0.16556 0.15644 0.02222  -0.00403 -0.04058 1012 G   A "O3'" 
391 C  "C2'" . G   A 12 ? 0.10891 0.15865 0.10739 0.02524  -0.01439 -0.02148 1012 G   A "C2'" 
392 O  "O2'" . G   A 12 ? 0.12386 0.15659 0.12151 0.02934  -0.01820 -0.02765 1012 G   A "O2'" 
393 C  "C1'" . G   A 12 ? 0.10449 0.15429 0.09198 0.02271  -0.00373 -0.01684 1012 G   A "C1'" 
394 N  N9    . G   A 12 ? 0.10206 0.14274 0.09385 0.02044  0.00383  -0.00963 1012 G   A N9    
395 C  C8    . G   A 12 ? 0.11196 0.13087 0.09415 0.02243  -0.00006 -0.00550 1012 G   A C8    
396 N  N7    . G   A 12 ? 0.10790 0.12733 0.09727 0.02578  -0.00084 0.00096  1012 G   A N7    
397 C  C5    . G   A 12 ? 0.10120 0.13042 0.09193 0.02669  0.00831  -0.00314 1012 G   A C5    
398 C  C6    . G   A 12 ? 0.09824 0.13156 0.08524 0.02743  0.00919  -0.00190 1012 G   A C6    
399 O  O6    . G   A 12 ? 0.10113 0.13047 0.09440 0.02942  -0.00165 0.00111  1012 G   A O6    
400 N  N1    . G   A 12 ? 0.09707 0.13680 0.08912 0.02335  0.00646  -0.00138 1012 G   A N1    
401 C  C2    . G   A 12 ? 0.09816 0.13523 0.08273 0.02155  0.00666  0.00007  1012 G   A C2    
402 N  N2    . G   A 12 ? 0.11426 0.12857 0.10166 0.02132  -0.00530 0.00070  1012 G   A N2    
403 N  N3    . G   A 12 ? 0.10325 0.13655 0.08920 0.02026  0.00968  0.00090  1012 G   A N3    
404 C  C4    . G   A 12 ? 0.10478 0.13466 0.08912 0.02234  0.00724  -0.00642 1012 G   A C4    
417 NA NA    . NA  B .  ? 0.11298 0.16049 0.13088 0.01730  0.00317  -0.02135 1101 NA  A NA    
418 NA NA    . NA  C .  ? 0.38005 0.35153 0.37045 -0.01963 0.00809  -0.03824 1102 NA  A NA    
419 MG MG    . MG  D .  ? 0.16451 0.19834 0.50228 0.02557  0.01737  -0.10519 1103 MG  A MG    
420 MG MG    . MG  E .  ? 0.48797 0.40652 0.37703 0.05282  -0.17266 0.04882  1104 MG  A MG    
421 O  O     . HOH F .  ? 0.28930 0.63427 0.43607 -0.05332 -0.17265 0.07642  1201 HOH A O     
422 O  O     . HOH F .  ? 0.27192 0.23725 0.74231 0.04106  0.18060  0.12187  1202 HOH A O     
423 O  O     . HOH F .  ? 0.28256 0.33284 0.46688 0.06739  -0.03285 0.19358  1203 HOH A O     
424 O  O     . HOH F .  ? 0.56801 0.45966 0.23586 0.11034  0.15444  0.05428  1204 HOH A O     
425 O  O     . HOH F .  ? 0.64403 0.20954 0.30864 0.05718  0.02844  0.06151  1205 HOH A O     
426 O  O     . HOH F .  ? 0.56634 0.45933 0.31668 -0.05872 -0.04514 0.10731  1206 HOH A O     
427 O  O     . HOH F .  ? 0.32562 0.41969 0.20640 0.20642  -0.08847 -0.10852 1207 HOH A O     
428 O  O     . HOH F .  ? 0.69894 0.28245 0.22685 0.18914  -0.11208 -0.03940 1208 HOH A O     
429 O  O     . HOH F .  ? 0.41626 0.32303 0.32850 0.06475  -0.14551 0.10143  1209 HOH A O     
430 O  O     . HOH F .  ? 0.31707 0.47258 0.19085 0.21785  0.00178  -0.02032 1210 HOH A O     
431 O  O     . HOH F .  ? 0.21335 0.28178 0.59955 -0.00451 -0.09814 -0.10367 1211 HOH A O     
432 O  O     . HOH F .  ? 0.34572 0.35759 0.20837 0.20173  0.03115  0.06040  1212 HOH A O     
433 O  O     . HOH F .  ? 0.52673 0.41782 0.54939 -0.06160 0.07839  -0.20197 1213 HOH A O     
434 O  O     . HOH F .  ? 0.43617 0.47840 0.57847 0.08385  0.22152  -0.01751 1214 HOH A O     
435 O  O     . HOH F .  ? 0.48322 0.37818 0.45415 0.09053  -0.08810 0.17586  1215 HOH A O     
436 O  O     . HOH F .  ? 0.26465 0.39365 0.26122 -0.02956 -0.01951 -0.01250 1216 HOH A O     
437 O  O     . HOH F .  ? 0.13543 0.20584 0.14957 0.03022  -0.01773 0.00806  1217 HOH A O     
438 O  O     . HOH F .  ? 0.67810 0.30554 0.43360 0.03600  0.06814  -0.06907 1218 HOH A O     
439 O  O     . HOH F .  ? 0.10147 0.20751 0.16451 0.00479  -0.03213 0.03484  1219 HOH A O     
440 O  O     . HOH F .  ? 0.39153 0.43635 0.33309 -0.18191 0.13086  -0.18843 1220 HOH A O     
441 O  O     . HOH F .  ? 0.17417 0.29551 0.17682 -0.05837 -0.01444 -0.01243 1221 HOH A O     
442 O  O     . HOH F .  ? 0.15217 0.18906 0.15423 0.04278  -0.02444 -0.04486 1222 HOH A O     
443 O  O     . HOH F .  ? 0.29328 0.59047 0.19813 -0.11982 -0.01296 -0.09096 1223 HOH A O     
444 O  O     . HOH F .  ? 0.13634 0.18406 0.23309 0.02184  -0.02191 -0.04469 1224 HOH A O     
445 O  O     . HOH F .  ? 0.19901 0.51767 0.17385 -0.05446 -0.04903 0.00349  1225 HOH A O     
446 O  O     . HOH F .  ? 0.14233 0.20926 0.16677 0.02586  -0.02172 -0.03650 1226 HOH A O     
447 O  O     . HOH F .  ? 0.39228 0.31586 0.27103 0.00765  -0.13231 0.04652  1227 HOH A O     
448 O  O     . HOH F .  ? 0.26014 0.26833 0.32684 0.05136  -0.06864 -0.10910 1228 HOH A O     
449 O  O     . HOH F .  ? 0.20402 0.22299 0.20445 0.06513  0.05607  0.04569  1229 HOH A O     
450 O  O     . HOH F .  ? 0.21249 0.28241 0.14890 0.01577  -0.02313 -0.02065 1230 HOH A O     
451 O  O     . HOH F .  ? 0.33756 0.35889 0.42149 0.19604  0.03684  -0.05247 1231 HOH A O     
452 O  O     . HOH F .  ? 0.23388 0.22653 0.22746 0.00499  -0.01180 -0.01978 1232 HOH A O     
453 O  O     . HOH F .  ? 0.16571 0.20088 0.45682 0.01035  -0.06053 0.11064  1233 HOH A O     
454 O  O     . HOH F .  ? 0.24915 0.45892 0.30468 0.05277  -0.05233 -0.20968 1234 HOH A O     
455 O  O     . HOH F .  ? 0.22415 0.26386 0.19992 0.09808  -0.01538 0.06428  1235 HOH A O     
456 O  O     . HOH F .  ? 0.21856 0.24183 0.29438 -0.00784 -0.04487 0.06620  1236 HOH A O     
457 O  O     . HOH F .  ? 0.36842 0.59497 0.29853 -0.15961 -0.10736 0.19361  1237 HOH A O     
458 O  O     . HOH F .  ? 0.59465 0.95090 0.56806 -0.34071 -0.13824 -0.08919 1238 HOH A O     
459 O  O     . HOH F .  ? 0.18282 0.26836 0.27449 0.04025  -0.04598 -0.03848 1239 HOH A O     
460 O  O     . HOH F .  ? 0.46800 0.20820 0.54208 0.00238  -0.23446 0.05476  1240 HOH A O     
461 O  O     . HOH F .  ? 0.28352 0.22674 0.64260 -0.06195 0.11219  0.02909  1241 HOH A O     
462 O  O     . HOH F .  ? 0.16833 0.33170 0.39045 0.05692  -0.04334 -0.19634 1242 HOH A O     
463 O  O     . HOH F .  ? 0.19925 0.52550 0.54470 0.04581  -0.12055 -0.06146 1243 HOH A O     
464 O  O     . HOH F .  ? 0.25401 0.51929 0.43623 0.04177  -0.01449 -0.03105 1244 HOH A O     
465 O  O     . HOH F .  ? 0.27636 0.27160 0.22099 0.09637  0.01280  0.04195  1245 HOH A O     
466 O  O     . HOH F .  ? 0.42614 0.42894 0.24636 -0.10139 0.01244  0.07497  1246 HOH A O     
467 O  O     . HOH F .  ? 0.28831 0.33705 0.59673 0.09385  0.06369  0.10272  1247 HOH A O     
468 O  O     . HOH F .  ? 0.48653 0.32290 0.25591 0.19016  0.02034  -0.06535 1248 HOH A O     
469 O  O     . HOH F .  ? 0.35395 0.25899 0.22380 0.05314  0.06462  0.02768  1249 HOH A O     
470 O  O     . HOH F .  ? 0.14781 0.22850 0.16862 0.04254  -0.01229 0.00742  1250 HOH A O     
471 O  O     . HOH F .  ? 0.32649 0.29272 0.27333 -0.04084 0.03966  0.07280  1251 HOH A O     
472 O  O     . HOH F .  ? 0.35662 0.44134 0.31803 0.15483  0.10518  0.04022  1252 HOH A O     
473 O  O     . HOH F .  ? 0.15564 0.22257 0.16584 0.03265  -0.00494 -0.04849 1253 HOH A O     
474 O  O     . HOH F .  ? 0.38380 0.39953 0.47718 -0.03834 -0.15118 0.19467  1254 HOH A O     
475 O  O     . HOH F .  ? 0.23850 0.19493 0.33788 0.07214  0.03045  0.09904  1255 HOH A O     
476 O  O     . HOH F .  ? 0.30539 0.46673 0.21163 0.19097  -0.06075 -0.02235 1256 HOH A O     
477 O  O     . HOH F .  ? 0.24545 0.29360 0.30566 0.13973  -0.07990 -0.10797 1257 HOH A O     
478 O  O     . HOH F .  ? 0.42315 0.30807 0.70308 -0.05254 -0.03276 0.05214  1258 HOH A O     
479 O  O     . HOH F .  ? 0.35228 0.30584 0.48409 0.18607  0.01159  -0.00478 1259 HOH A O     
480 O  O     . HOH F .  ? 0.22868 0.19742 0.30156 0.01079  -0.08662 -0.02772 1260 HOH A O     
481 O  O     . HOH F .  ? 0.77278 0.49900 0.28285 0.15720  0.00576  -0.08466 1261 HOH A O     
482 O  O     . HOH F .  ? 0.16304 0.20563 0.15894 0.00391  -0.01191 0.01883  1262 HOH A O     
483 O  O     . HOH F .  ? 0.21930 0.26986 0.30540 0.10678  -0.10855 -0.03590 1263 HOH A O     
484 O  O     . HOH F .  ? 0.26502 0.23243 0.22955 0.04349  -0.03494 -0.06102 1264 HOH A O     
485 O  O     . HOH F .  ? 0.29767 0.31232 0.28150 0.06495  -0.09938 -0.05605 1265 HOH A O     
486 O  O     . HOH F .  ? 0.41617 0.67716 0.22664 0.27185  -0.03029 -0.01212 1266 HOH A O     
487 O  O     . HOH F .  ? 0.24286 0.44074 0.36178 0.12409  -0.05876 0.10902  1267 HOH A O     
488 O  O     . HOH F .  ? 0.57997 0.17130 0.17869 -0.05871 0.07409  -0.01950 1268 HOH A O     
489 O  O     . HOH F .  ? 0.24937 0.20053 0.73670 -0.01567 0.08648  -0.06795 1269 HOH A O     
490 O  O     . HOH F .  ? 0.30245 0.27165 0.25698 -0.07183 -0.02758 -0.05555 1270 HOH A O     
491 O  O     . HOH F .  ? 0.58374 0.33766 0.53749 0.15131  -0.25089 -0.00068 1271 HOH A O     
492 O  O     . HOH F .  ? 0.62030 0.62501 0.32716 0.12500  0.00006  -0.21810 1272 HOH A O     
493 O  O     . HOH F .  ? 0.29711 0.21072 0.15318 0.05591  -0.04085 0.02143  1273 HOH A O     
494 O  O     . HOH F .  ? 0.28561 0.29325 0.25064 0.14430  0.08104  0.12324  1274 HOH A O     
495 O  O     . HOH F .  ? 0.66195 0.44043 0.41840 0.00843  -0.25372 -0.12712 1275 HOH A O     
496 O  O     . HOH F .  ? 0.44144 0.17416 0.24562 0.01637  0.03266  0.02394  1276 HOH A O     
497 O  O     . HOH F .  ? 0.30848 0.27973 0.55063 0.06977  -0.15314 0.02857  1277 HOH A O     
498 O  O     . HOH F .  ? 0.28264 0.19237 0.54569 0.02988  0.18299  -0.00547 1278 HOH A O     
499 O  O     . HOH F .  ? 0.22967 0.24039 0.28672 -0.00315 0.05397  -0.05329 1279 HOH A O     
500 O  O     . HOH F .  ? 0.26884 0.18838 0.57401 0.03429  0.10840  -0.05367 1280 HOH A O     
501 O  O     . HOH F .  ? 0.15084 0.21583 0.29411 0.02466  -0.04945 -0.04970 1281 HOH A O     
502 O  O     . HOH F .  ? 0.12220 0.18119 0.21810 0.01285  0.02217  -0.04324 1282 HOH A O     
503 O  O     . HOH F .  ? 0.41657 0.49705 0.28284 0.26419  0.06953  0.05801  1283 HOH A O     
504 O  O     . HOH F .  ? 0.39224 0.21570 0.19152 0.03735  0.02631  0.00084  1284 HOH A O     
505 O  O     . HOH F .  ? 0.54117 0.39696 0.49905 0.03807  0.13375  0.09120  1285 HOH A O     
506 O  O     . HOH F .  ? 0.57760 0.35118 0.22833 0.24581  -0.11403 -0.07270 1286 HOH A O     
507 O  O     . HOH F .  ? 0.38540 0.26506 0.31590 -0.10296 -0.03569 0.04244  1287 HOH A O     
508 O  O     . HOH F .  ? 0.22054 0.34502 0.27155 0.00893  -0.05574 0.11458  1288 HOH A O     
509 O  O     . HOH F .  ? 0.25607 0.46405 0.36099 0.14188  -0.12075 -0.19656 1289 HOH A O     
510 O  O     . HOH F .  ? 0.55584 0.36742 0.21858 -0.18120 -0.11025 0.08295  1290 HOH A O     
511 O  O     . HOH F .  ? 0.33408 0.33000 0.83861 0.06296  -0.10062 0.00727  1291 HOH A O     
512 O  O     . HOH F .  ? 0.37681 0.42627 0.31994 0.22067  -0.06268 -0.01833 1292 HOH A O     
513 O  O     . HOH F .  ? 0.35843 0.70695 0.32670 0.04204  -0.10664 0.15576  1293 HOH A O     
514 O  O     . HOH F .  ? 0.23726 0.83219 0.47600 0.00902  -0.04986 -0.09374 1294 HOH A O     
515 O  O     . HOH F .  ? 0.40431 0.89178 0.57685 -0.08221 0.05465  0.08268  1295 HOH A O     
516 O  O     . HOH F .  ? 1.00479 0.27280 0.37227 -0.02113 -0.09394 -0.03469 1296 HOH A O     
517 O  O     . HOH F .  ? 0.72833 0.37030 0.53391 -0.08580 -0.12019 -0.07267 1297 HOH A O     
518 O  O     . HOH F .  ? 0.45849 0.40799 0.52733 0.04286  -0.14001 -0.00717 1298 HOH A O     
519 O  O     . HOH F .  ? 0.67996 0.38883 0.51491 0.15448  -0.26729 -0.16885 1299 HOH A O     
520 O  O     . HOH F .  ? 0.29481 0.72602 0.63587 -0.01320 0.17230  -0.13180 1300 HOH A O     
521 O  O     . HOH F .  ? 0.65400 0.67032 0.29685 -0.06949 0.15367  0.04785  1301 HOH A O     
522 O  O     . HOH F .  ? 0.32828 0.76956 0.27017 -0.03003 -0.07982 0.11938  1302 HOH A O     
523 O  O     . HOH F .  ? 0.50886 0.42261 0.33678 -0.00443 -0.02318 0.12452  1303 HOH A O     
524 O  O     . HOH F .  ? 0.33432 0.40199 0.52388 -0.09541 0.09425  -0.16008 1304 HOH A O     
525 O  O     . HOH F .  ? 0.33078 0.30625 0.66414 0.04659  -0.02945 0.08642  1305 HOH A O     
526 O  O     . HOH F .  ? 0.50435 0.58394 0.21531 0.20594  -0.03270 0.05363  1306 HOH A O     
527 O  O     . HOH F .  ? 0.56115 0.32707 0.51746 -0.00176 -0.08579 -0.09005 1307 HOH A O     
528 O  O     . HOH F .  ? 0.39159 0.54670 0.48969 0.14640  -0.17972 0.11928  1308 HOH A O     
# 
